data_8KET
#
_entry.id   8KET
#
_cell.length_a   1.00
_cell.length_b   1.00
_cell.length_c   1.00
_cell.angle_alpha   90.00
_cell.angle_beta   90.00
_cell.angle_gamma   90.00
#
_symmetry.space_group_name_H-M   'P 1'
#
loop_
_entity.id
_entity.type
_entity.pdbx_description
1 polymer 'E3 ubiquitin-protein ligase synoviolin'
2 polymer 'Endoplasmic reticulum lectin 1'
3 polymer ANA
4 polymer 'Protein sel-1 homolog 1'
5 branched beta-D-mannopyranose-(1-3)-[alpha-D-mannopyranose-(1-6)]alpha-D-mannopyranose-(1-6)-[beta-D-mannopyranose-(1-4)]alpha-D-mannopyranose-(1-4)-2-acetamido-2-deoxy-beta-D-glucopyranose-(1-3)-2-acetamido-2-deoxy-beta-D-glucopyranose
6 non-polymer 2-acetamido-2-deoxy-beta-D-glucopyranose
#
loop_
_entity_poly.entity_id
_entity_poly.type
_entity_poly.pdbx_seq_one_letter_code
_entity_poly.pdbx_strand_id
1 'polypeptide(L)'
;MFRTAVMMAASLALTGAVVAHAYYLKHQFYPTVVYLTKSSPSMAVLYIQAFVLVFLLGKVMGKVFFGQLRAAEMEHLLER
SWYAVTETCLAFTVFRDDFSPRFVALFTLLLFLKCFHWLAEDRVDFMERSPNISWLFHCRIVSLMFLLGILDFLFVSHAY
HSILTRGASVQLVFGFEYAILMTMVLTIFIKYVLHSVDLQSENPWDNKAVYMLYTELFTGFIKVLLYMAFMTIMIKVHTF
PLFAIRPMYLAMRQFKKAVTDAIMSRRAIRNMNTLYPDATPEELQAMDNVCIICREEMVTGAKRLPCNHIFHTSCLRSWF
QRQQTCPTCRMDVLRASLPAQSPPPPEPADQGPPPAPHPPPLLPQPPNFPQGLLPPFPPGMFPLWPPMGPFPPVPPPPSS
GEAVAPPSTSAAALSRPSGAATTTAAGTSATAASATASGPGSGSAPEAGPAPGFPFPPPWMGMPLPPPFAFPPMPVPPAG
FAGLTPEELRALEGHERQHLEARLQSLRNIHTLLDAAMLQINQYLTVLASLGPPRPATSVNSTEETATTVVAAASSTSIP
SSEATTPTPGASPPAPEMERPPAPESVGTEEMPEDGEPDAAELRRRRLQKLESPVAH
;
A,B
2 'polypeptide(L)'
;MEEGGGGVRSLVPGGPVLLVLCGLLEASGGGRALPQLSDDIPFRVNWPGTEFSLPTTGVLYKEDNYVIMTTAHKEKYKCI
LPLVTSGDEEEEKDYKGPNPRELLEPLFKQSSCSYRIESYWTYEVCHGKHIRQYHEEKETGQKINIHEYYLGNMLAKNLL
FEKEREAEEKEKSNEIPTKNIEGQMTPYYPVGMGNGTPCSLKQNRPRSSTVMYICHPESKHEILSVAEVTTCEYEVVILT
PLLCSHPKYRFRASPVNDIFCQSLPGSPFKPLTLRQLEQQEEILRVPFRRNKEEDLQSTKEERFPAIHKSIAIGSQPVLT
VGTTHISKLTDDQLIKEFLSGSYCFRGGVGWWKYEFCYGKHVHQYHEDKDSGKTSVVVGTWNQEEHIEWAKKNTARAYHL
QDDGTQTVRMVSHFYGNGDICDITDKPRQVTVKLKCKESDSPHAVTVYMLEPHSCQYILGVESPVICKILDTADENGLLS
LPN
;
F
3 'polypeptide(L)' ANA H
4 'polypeptide(L)'
;RRQMQEAEMMYQTGMKILNGSNKKSQKREAYRYLQKAASMNHTKALERVSYALLFGDYLPQNIQAAREMFEKLTEEGSPK
GQTALGFLYASGLGVNSSQAKALVYYTFGALGGNLIAHMVLGYRYWAGIGVLQSCESALTHYRLVANHVASDISLTGGSV
VQRIRLPDEVENPGMNSGMLEEDLIQYYQFLAEKGDVQAQVGLGQLHLHGGRGVEQNHQRAFDYFNLAANAGNSHAMAFL
GKMYSEGSDIVPQSNETALHYFKKAADMGNPVGQSGLGMAYLYGRGVQVNYDLALKYFQKAAEQGWVDGQLQLGSMYYNG
IGVKRDYKQALKYFNLASQGGHILAFYNLAQMHASGTGVMRSCHTAVELFKNVCERGRWSERLMTAYNSYKDGDYNAAVI
QYLLLAEQGYEVAQSNAAFILDQREASIVGENETYPRALLHWNRAASQGYTVARIKLGDYHFYGFGTDVDYETAFIHYRL
ASEQQHSAQAMFNLGYMHEKGLGIKQDIHLAKRFYDMAAEASPDAQVPVFLALCKLGVVYFLQYIRE
;
C
#
loop_
_chem_comp.id
_chem_comp.type
_chem_comp.name
_chem_comp.formula
BMA D-saccharide, beta linking beta-D-mannopyranose 'C6 H12 O6'
MAN D-saccharide, alpha linking alpha-D-mannopyranose 'C6 H12 O6'
NAG D-saccharide, beta linking 2-acetamido-2-deoxy-beta-D-glucopyranose 'C8 H15 N O6'
#
# COMPACT_ATOMS: atom_id res chain seq x y z
N MET A 1 13.83 -59.32 1.10
CA MET A 1 12.55 -59.49 1.77
C MET A 1 12.72 -59.45 3.29
N PHE A 2 13.88 -59.92 3.76
CA PHE A 2 14.16 -59.90 5.19
C PHE A 2 14.32 -58.47 5.71
N ARG A 3 14.95 -57.60 4.92
CA ARG A 3 15.11 -56.20 5.33
C ARG A 3 13.76 -55.50 5.40
N THR A 4 12.87 -55.76 4.44
CA THR A 4 11.54 -55.16 4.47
C THR A 4 10.74 -55.65 5.66
N ALA A 5 10.84 -56.94 5.98
CA ALA A 5 10.14 -57.48 7.15
C ALA A 5 10.69 -56.89 8.44
N VAL A 6 12.01 -56.72 8.53
CA VAL A 6 12.61 -56.12 9.72
C VAL A 6 12.18 -54.67 9.87
N MET A 7 12.14 -53.92 8.76
CA MET A 7 11.69 -52.54 8.81
C MET A 7 10.22 -52.43 9.21
N MET A 8 9.39 -53.35 8.69
CA MET A 8 7.97 -53.35 9.07
C MET A 8 7.79 -53.69 10.53
N ALA A 9 8.59 -54.64 11.05
CA ALA A 9 8.53 -54.98 12.47
C ALA A 9 8.97 -53.81 13.34
N ALA A 10 10.03 -53.09 12.93
CA ALA A 10 10.47 -51.93 13.67
C ALA A 10 9.43 -50.82 13.66
N SER A 11 8.78 -50.60 12.51
CA SER A 11 7.72 -49.61 12.43
C SER A 11 6.53 -49.98 13.30
N LEU A 12 6.17 -51.27 13.32
CA LEU A 12 5.08 -51.74 14.17
C LEU A 12 5.42 -51.59 15.64
N ALA A 13 6.67 -51.87 16.02
CA ALA A 13 7.10 -51.69 17.41
C ALA A 13 7.07 -50.21 17.81
N LEU A 14 7.51 -49.32 16.91
CA LEU A 14 7.46 -47.89 17.20
C LEU A 14 6.03 -47.40 17.32
N THR A 15 5.13 -47.88 16.45
CA THR A 15 3.73 -47.51 16.54
C THR A 15 3.08 -48.02 17.82
N GLY A 16 3.45 -49.23 18.24
CA GLY A 16 2.94 -49.76 19.50
C GLY A 16 3.45 -48.99 20.69
N ALA A 17 4.71 -48.58 20.67
CA ALA A 17 5.25 -47.74 21.74
C ALA A 17 4.55 -46.39 21.79
N VAL A 18 4.27 -45.81 20.62
CA VAL A 18 3.56 -44.53 20.57
C VAL A 18 2.13 -44.69 21.09
N VAL A 19 1.49 -45.81 20.76
CA VAL A 19 0.13 -46.06 21.23
C VAL A 19 0.11 -46.26 22.73
N ALA A 20 1.12 -46.95 23.28
CA ALA A 20 1.21 -47.12 24.72
C ALA A 20 1.47 -45.79 25.42
N HIS A 21 2.31 -44.94 24.83
CA HIS A 21 2.55 -43.62 25.41
C HIS A 21 1.30 -42.76 25.36
N ALA A 22 0.50 -42.90 24.30
CA ALA A 22 -0.77 -42.18 24.24
C ALA A 22 -1.74 -42.70 25.29
N TYR A 23 -1.94 -44.01 25.35
CA TYR A 23 -2.81 -44.61 26.37
C TYR A 23 -2.01 -45.05 27.60
N TYR A 24 -1.15 -44.16 28.09
CA TYR A 24 -0.53 -44.30 29.39
C TYR A 24 -0.86 -43.16 30.34
N LEU A 25 -1.19 -41.97 29.83
CA LEU A 25 -1.67 -40.86 30.64
C LEU A 25 -3.11 -40.47 30.35
N LYS A 26 -3.66 -40.89 29.21
CA LYS A 26 -5.06 -40.65 28.87
C LYS A 26 -5.76 -42.01 28.85
N HIS A 27 -6.52 -42.30 29.91
CA HIS A 27 -7.16 -43.60 30.03
C HIS A 27 -8.31 -43.76 29.04
N GLN A 28 -9.09 -42.71 28.82
CA GLN A 28 -10.22 -42.79 27.92
C GLN A 28 -9.76 -42.90 26.47
N PHE A 29 -10.54 -43.65 25.67
CA PHE A 29 -10.21 -43.82 24.25
C PHE A 29 -10.31 -42.49 23.50
N TYR A 30 -11.35 -41.70 23.79
CA TYR A 30 -11.46 -40.37 23.20
C TYR A 30 -10.32 -39.45 23.62
N PRO A 31 -9.96 -39.37 24.90
CA PRO A 31 -8.78 -38.56 25.27
C PRO A 31 -7.48 -39.06 24.67
N THR A 32 -7.33 -40.38 24.53
CA THR A 32 -6.12 -40.92 23.90
C THR A 32 -6.07 -40.56 22.42
N VAL A 33 -7.21 -40.62 21.73
CA VAL A 33 -7.27 -40.25 20.32
C VAL A 33 -7.00 -38.76 20.14
N VAL A 34 -7.53 -37.94 21.06
CA VAL A 34 -7.29 -36.50 21.00
C VAL A 34 -5.82 -36.18 21.24
N TYR A 35 -5.20 -36.87 22.20
CA TYR A 35 -3.78 -36.68 22.46
C TYR A 35 -2.92 -37.13 21.28
N LEU A 36 -3.30 -38.24 20.64
CA LEU A 36 -2.57 -38.71 19.46
C LEU A 36 -2.71 -37.73 18.30
N THR A 37 -3.90 -37.14 18.12
CA THR A 37 -4.09 -36.15 17.07
C THR A 37 -3.37 -34.84 17.38
N LYS A 38 -3.21 -34.52 18.66
CA LYS A 38 -2.58 -33.27 19.06
C LYS A 38 -1.07 -33.38 19.30
N SER A 39 -0.48 -34.55 19.10
CA SER A 39 0.94 -34.76 19.32
C SER A 39 1.65 -34.85 17.97
N SER A 40 2.67 -34.01 17.78
CA SER A 40 3.47 -34.06 16.55
C SER A 40 4.24 -35.37 16.42
N PRO A 41 4.90 -35.88 17.46
CA PRO A 41 5.66 -37.13 17.31
C PRO A 41 4.79 -38.34 17.06
N SER A 42 3.63 -38.42 17.74
CA SER A 42 2.70 -39.52 17.49
C SER A 42 2.14 -39.46 16.07
N MET A 43 1.83 -38.25 15.58
CA MET A 43 1.36 -38.10 14.21
C MET A 43 2.44 -38.48 13.20
N ALA A 44 3.70 -38.12 13.47
CA ALA A 44 4.80 -38.50 12.59
C ALA A 44 5.00 -40.01 12.57
N VAL A 45 4.90 -40.66 13.75
CA VAL A 45 5.04 -42.11 13.82
C VAL A 45 3.89 -42.79 13.07
N LEU A 46 2.67 -42.27 13.22
CA LEU A 46 1.53 -42.83 12.49
C LEU A 46 1.69 -42.66 10.99
N TYR A 47 2.19 -41.50 10.55
CA TYR A 47 2.44 -41.27 9.13
C TYR A 47 3.51 -42.22 8.59
N ILE A 48 4.57 -42.46 9.37
CA ILE A 48 5.62 -43.38 8.96
C ILE A 48 5.08 -44.80 8.85
N GLN A 49 4.25 -45.22 9.82
CA GLN A 49 3.66 -46.55 9.77
C GLN A 49 2.72 -46.69 8.59
N ALA A 50 1.93 -45.64 8.30
CA ALA A 50 1.05 -45.67 7.15
C ALA A 50 1.83 -45.73 5.85
N PHE A 51 2.95 -45.02 5.77
CA PHE A 51 3.80 -45.07 4.57
C PHE A 51 4.41 -46.45 4.39
N VAL A 52 4.84 -47.09 5.48
CA VAL A 52 5.40 -48.43 5.39
C VAL A 52 4.33 -49.43 4.95
N LEU A 53 3.12 -49.32 5.51
CA LEU A 53 2.03 -50.20 5.11
C LEU A 53 1.63 -49.97 3.65
N VAL A 54 1.66 -48.71 3.20
CA VAL A 54 1.32 -48.41 1.82
C VAL A 54 2.39 -48.97 0.88
N PHE A 55 3.66 -48.90 1.27
CA PHE A 55 4.72 -49.49 0.46
C PHE A 55 4.58 -51.00 0.37
N LEU A 56 4.25 -51.64 1.49
CA LEU A 56 4.02 -53.09 1.48
C LEU A 56 2.83 -53.46 0.60
N LEU A 57 1.75 -52.69 0.68
CA LEU A 57 0.56 -52.95 -0.14
C LEU A 57 0.87 -52.73 -1.62
N GLY A 58 1.66 -51.71 -1.94
CA GLY A 58 2.04 -51.48 -3.32
C GLY A 58 2.93 -52.58 -3.87
N LYS A 59 3.85 -53.08 -3.04
CA LYS A 59 4.68 -54.22 -3.45
C LYS A 59 3.83 -55.46 -3.68
N VAL A 60 2.84 -55.70 -2.80
CA VAL A 60 1.96 -56.85 -2.97
C VAL A 60 1.12 -56.72 -4.23
N MET A 61 0.61 -55.51 -4.51
CA MET A 61 -0.18 -55.29 -5.71
C MET A 61 0.67 -55.45 -6.97
N GLY A 62 1.92 -54.98 -6.93
CA GLY A 62 2.81 -55.17 -8.07
C GLY A 62 3.16 -56.62 -8.30
N LYS A 63 3.33 -57.39 -7.22
CA LYS A 63 3.59 -58.81 -7.37
C LYS A 63 2.36 -59.55 -7.88
N VAL A 64 1.17 -59.09 -7.50
CA VAL A 64 -0.06 -59.71 -7.99
C VAL A 64 -0.27 -59.42 -9.47
N PHE A 65 -0.02 -58.17 -9.89
CA PHE A 65 -0.26 -57.80 -11.28
C PHE A 65 0.87 -58.25 -12.19
N PHE A 66 2.10 -57.86 -11.89
CA PHE A 66 3.27 -58.23 -12.68
C PHE A 66 3.96 -59.43 -12.03
N GLY A 67 4.47 -60.33 -12.87
CA GLY A 67 5.12 -61.53 -12.36
C GLY A 67 6.39 -61.22 -11.59
N GLN A 68 7.24 -60.36 -12.14
CA GLN A 68 8.49 -60.01 -11.50
C GLN A 68 8.99 -58.69 -12.06
N LEU A 69 9.94 -58.10 -11.36
CA LEU A 69 10.56 -56.85 -11.81
C LEU A 69 11.45 -57.13 -13.02
N ARG A 70 11.48 -56.17 -13.94
CA ARG A 70 12.25 -56.28 -15.17
C ARG A 70 13.65 -55.67 -15.06
N ALA A 71 14.05 -55.26 -13.86
CA ALA A 71 15.36 -54.68 -13.51
C ALA A 71 15.60 -53.31 -14.14
N ALA A 72 14.68 -52.79 -14.94
CA ALA A 72 14.71 -51.44 -15.47
C ALA A 72 13.43 -50.68 -15.19
N GLU A 73 12.29 -51.36 -15.24
CA GLU A 73 11.03 -50.74 -14.84
C GLU A 73 11.04 -50.37 -13.36
N MET A 74 11.74 -51.16 -12.53
CA MET A 74 11.88 -50.81 -11.12
C MET A 74 12.67 -49.52 -10.94
N GLU A 75 13.76 -49.35 -11.69
CA GLU A 75 14.53 -48.12 -11.60
C GLU A 75 13.75 -46.94 -12.14
N HIS A 76 12.99 -47.14 -13.23
CA HIS A 76 12.15 -46.08 -13.76
C HIS A 76 11.07 -45.67 -12.76
N LEU A 77 10.46 -46.65 -12.09
CA LEU A 77 9.46 -46.35 -11.06
C LEU A 77 10.08 -45.66 -9.86
N LEU A 78 11.32 -46.03 -9.50
CA LEU A 78 12.01 -45.35 -8.41
C LEU A 78 12.28 -43.89 -8.74
N GLU A 79 12.73 -43.62 -9.98
CA GLU A 79 12.95 -42.24 -10.40
C GLU A 79 11.63 -41.46 -10.45
N ARG A 80 10.57 -42.11 -10.93
CA ARG A 80 9.25 -41.47 -10.98
C ARG A 80 8.75 -41.14 -9.59
N SER A 81 8.94 -42.05 -8.64
CA SER A 81 8.51 -41.80 -7.26
C SER A 81 9.35 -40.71 -6.61
N TRP A 82 10.66 -40.67 -6.90
CA TRP A 82 11.52 -39.62 -6.37
C TRP A 82 11.11 -38.25 -6.89
N TYR A 83 10.73 -38.16 -8.17
CA TYR A 83 10.21 -36.91 -8.70
C TYR A 83 8.84 -36.59 -8.12
N ALA A 84 7.97 -37.60 -7.98
CA ALA A 84 6.59 -37.36 -7.60
C ALA A 84 6.46 -36.95 -6.15
N VAL A 85 7.31 -37.48 -5.27
CA VAL A 85 7.26 -37.09 -3.85
C VAL A 85 7.61 -35.62 -3.69
N THR A 86 8.66 -35.17 -4.39
CA THR A 86 9.05 -33.77 -4.36
C THR A 86 7.97 -32.88 -4.98
N GLU A 87 7.37 -33.35 -6.09
CA GLU A 87 6.31 -32.58 -6.72
C GLU A 87 5.09 -32.45 -5.82
N THR A 88 4.73 -33.53 -5.12
CA THR A 88 3.59 -33.48 -4.18
C THR A 88 3.89 -32.58 -3.00
N CYS A 89 5.12 -32.62 -2.48
CA CYS A 89 5.49 -31.72 -1.39
C CYS A 89 5.44 -30.26 -1.83
N LEU A 90 5.94 -29.97 -3.04
CA LEU A 90 5.90 -28.61 -3.56
C LEU A 90 4.47 -28.14 -3.79
N ALA A 91 3.60 -29.03 -4.29
CA ALA A 91 2.20 -28.67 -4.50
C ALA A 91 1.47 -28.45 -3.18
N PHE A 92 1.80 -29.25 -2.15
CA PHE A 92 1.16 -29.08 -0.85
C PHE A 92 1.62 -27.79 -0.17
N THR A 93 2.90 -27.44 -0.31
CA THR A 93 3.40 -26.22 0.32
C THR A 93 2.95 -24.97 -0.44
N VAL A 94 2.91 -25.04 -1.77
CA VAL A 94 2.61 -23.86 -2.57
C VAL A 94 1.14 -23.48 -2.47
N PHE A 95 0.25 -24.47 -2.44
CA PHE A 95 -1.19 -24.20 -2.50
C PHE A 95 -1.72 -23.56 -1.23
N ARG A 96 -1.00 -23.69 -0.11
CA ARG A 96 -1.39 -23.14 1.20
C ARG A 96 -2.79 -23.60 1.61
N ASP A 97 -3.05 -24.89 1.42
CA ASP A 97 -4.34 -25.49 1.78
C ASP A 97 -4.31 -26.14 3.15
N ASP A 98 -3.30 -25.81 3.98
CA ASP A 98 -3.11 -26.25 5.36
C ASP A 98 -2.76 -27.73 5.45
N PHE A 99 -1.89 -28.08 6.42
CA PHE A 99 -1.44 -29.46 6.59
C PHE A 99 -2.49 -30.23 7.39
N SER A 100 -3.15 -31.17 6.73
CA SER A 100 -4.15 -32.00 7.36
C SER A 100 -3.97 -33.45 6.88
N PRO A 101 -4.42 -34.42 7.67
CA PRO A 101 -4.30 -35.83 7.25
C PRO A 101 -5.33 -36.24 6.20
N ARG A 102 -6.30 -35.40 5.89
CA ARG A 102 -7.33 -35.75 4.91
C ARG A 102 -6.83 -35.71 3.48
N PHE A 103 -5.71 -35.03 3.22
CA PHE A 103 -5.17 -34.92 1.86
C PHE A 103 -3.93 -35.78 1.63
N VAL A 104 -3.25 -36.21 2.69
CA VAL A 104 -2.05 -37.03 2.53
C VAL A 104 -2.41 -38.38 1.94
N ALA A 105 -3.53 -38.97 2.39
CA ALA A 105 -3.97 -40.25 1.83
C ALA A 105 -4.34 -40.12 0.35
N LEU A 106 -5.01 -39.01 -0.01
CA LEU A 106 -5.35 -38.78 -1.41
C LEU A 106 -4.10 -38.58 -2.26
N PHE A 107 -3.11 -37.86 -1.74
CA PHE A 107 -1.86 -37.67 -2.47
C PHE A 107 -1.12 -39.00 -2.64
N THR A 108 -1.11 -39.83 -1.60
CA THR A 108 -0.47 -41.15 -1.71
C THR A 108 -1.20 -42.03 -2.71
N LEU A 109 -2.54 -41.96 -2.74
CA LEU A 109 -3.31 -42.73 -3.72
C LEU A 109 -3.02 -42.24 -5.13
N LEU A 110 -2.90 -40.93 -5.33
CA LEU A 110 -2.57 -40.40 -6.64
C LEU A 110 -1.17 -40.82 -7.08
N LEU A 111 -0.21 -40.81 -6.15
CA LEU A 111 1.14 -41.26 -6.46
C LEU A 111 1.16 -42.74 -6.82
N PHE A 112 0.41 -43.56 -6.08
CA PHE A 112 0.32 -44.98 -6.39
C PHE A 112 -0.34 -45.21 -7.75
N LEU A 113 -1.36 -44.43 -8.09
CA LEU A 113 -2.00 -44.54 -9.39
C LEU A 113 -1.05 -44.15 -10.52
N LYS A 114 -0.26 -43.09 -10.31
CA LYS A 114 0.71 -42.68 -11.32
C LYS A 114 1.79 -43.75 -11.50
N CYS A 115 2.26 -44.34 -10.40
CA CYS A 115 3.24 -45.41 -10.48
C CYS A 115 2.66 -46.63 -11.19
N PHE A 116 1.40 -46.95 -10.92
CA PHE A 116 0.74 -48.07 -11.60
C PHE A 116 0.59 -47.80 -13.09
N HIS A 117 0.26 -46.57 -13.46
CA HIS A 117 0.15 -46.21 -14.88
C HIS A 117 1.51 -46.32 -15.57
N TRP A 118 2.57 -45.85 -14.92
CA TRP A 118 3.91 -45.97 -15.50
C TRP A 118 4.33 -47.44 -15.63
N LEU A 119 4.00 -48.25 -14.62
CA LEU A 119 4.32 -49.68 -14.68
C LEU A 119 3.53 -50.38 -15.78
N ALA A 120 2.26 -49.97 -15.98
CA ALA A 120 1.46 -50.56 -17.04
C ALA A 120 2.00 -50.18 -18.41
N GLU A 121 2.44 -48.93 -18.59
CA GLU A 121 3.06 -48.51 -19.84
C GLU A 121 4.35 -49.28 -20.10
N ASP A 122 5.16 -49.46 -19.05
CA ASP A 122 6.40 -50.23 -19.19
C ASP A 122 6.11 -51.69 -19.52
N ARG A 123 5.08 -52.26 -18.92
CA ARG A 123 4.70 -53.64 -19.22
C ARG A 123 4.20 -53.79 -20.65
N VAL A 124 3.44 -52.81 -21.14
CA VAL A 124 2.98 -52.83 -22.52
C VAL A 124 4.16 -52.73 -23.49
N ASP A 125 5.12 -51.85 -23.18
CA ASP A 125 6.31 -51.74 -24.01
C ASP A 125 7.13 -53.02 -24.01
N PHE A 126 7.26 -53.66 -22.83
CA PHE A 126 8.01 -54.91 -22.73
C PHE A 126 7.31 -56.04 -23.49
N MET A 127 5.98 -56.08 -23.42
CA MET A 127 5.22 -57.08 -24.17
C MET A 127 5.34 -56.86 -25.66
N GLU A 128 5.38 -55.60 -26.09
CA GLU A 128 5.62 -55.30 -27.51
C GLU A 128 7.05 -55.65 -27.90
N ARG A 129 7.99 -55.62 -26.96
CA ARG A 129 9.39 -55.93 -27.22
C ARG A 129 9.73 -57.41 -26.98
N SER A 130 8.79 -58.21 -26.53
CA SER A 130 9.06 -59.62 -26.25
C SER A 130 8.25 -60.52 -27.17
N PRO A 131 8.84 -61.61 -27.67
CA PRO A 131 8.06 -62.51 -28.54
C PRO A 131 7.27 -63.57 -27.79
N ASN A 132 7.62 -63.87 -26.55
CA ASN A 132 6.91 -64.87 -25.75
C ASN A 132 5.95 -64.16 -24.81
N ILE A 133 4.67 -64.52 -24.91
CA ILE A 133 3.62 -63.90 -24.11
C ILE A 133 2.68 -64.99 -23.61
N SER A 134 2.26 -64.88 -22.37
CA SER A 134 1.32 -65.81 -21.76
C SER A 134 -0.05 -65.16 -21.61
N TRP A 135 -1.10 -65.98 -21.66
CA TRP A 135 -2.45 -65.47 -21.54
C TRP A 135 -2.75 -64.95 -20.14
N LEU A 136 -2.07 -65.50 -19.13
CA LEU A 136 -2.27 -65.03 -17.75
C LEU A 136 -1.80 -63.59 -17.60
N PHE A 137 -0.64 -63.26 -18.19
CA PHE A 137 -0.14 -61.89 -18.14
C PHE A 137 -1.07 -60.92 -18.86
N HIS A 138 -1.60 -61.34 -20.01
CA HIS A 138 -2.54 -60.48 -20.75
C HIS A 138 -3.82 -60.26 -19.97
N CYS A 139 -4.35 -61.32 -19.34
CA CYS A 139 -5.57 -61.18 -18.54
C CYS A 139 -5.33 -60.30 -17.32
N ARG A 140 -4.18 -60.45 -16.66
CA ARG A 140 -3.86 -59.61 -15.51
C ARG A 140 -3.69 -58.16 -15.93
N ILE A 141 -3.06 -57.92 -17.10
CA ILE A 141 -2.90 -56.56 -17.59
C ILE A 141 -4.24 -55.94 -17.93
N VAL A 142 -5.14 -56.72 -18.53
CA VAL A 142 -6.48 -56.22 -18.86
C VAL A 142 -7.25 -55.88 -17.59
N SER A 143 -7.19 -56.75 -16.58
CA SER A 143 -7.87 -56.49 -15.31
C SER A 143 -7.31 -55.27 -14.61
N LEU A 144 -5.99 -55.13 -14.59
CA LEU A 144 -5.36 -53.97 -13.97
C LEU A 144 -5.71 -52.68 -14.70
N MET A 145 -5.73 -52.72 -16.03
CA MET A 145 -6.11 -51.54 -16.81
C MET A 145 -7.56 -51.16 -16.58
N PHE A 146 -8.45 -52.16 -16.50
CA PHE A 146 -9.86 -51.87 -16.23
C PHE A 146 -10.05 -51.29 -14.84
N LEU A 147 -9.36 -51.84 -13.84
CA LEU A 147 -9.46 -51.31 -12.49
C LEU A 147 -8.91 -49.89 -12.39
N LEU A 148 -7.77 -49.64 -13.05
CA LEU A 148 -7.18 -48.30 -13.04
C LEU A 148 -8.08 -47.30 -13.76
N GLY A 149 -8.70 -47.71 -14.87
CA GLY A 149 -9.62 -46.82 -15.56
C GLY A 149 -10.86 -46.52 -14.75
N ILE A 150 -11.41 -47.53 -14.07
CA ILE A 150 -12.58 -47.31 -13.22
C ILE A 150 -12.24 -46.39 -12.06
N LEU A 151 -11.08 -46.60 -11.43
CA LEU A 151 -10.66 -45.73 -10.33
C LEU A 151 -10.42 -44.31 -10.81
N ASP A 152 -9.81 -44.15 -11.98
CA ASP A 152 -9.57 -42.82 -12.54
C ASP A 152 -10.88 -42.12 -12.87
N PHE A 153 -11.85 -42.85 -13.44
CA PHE A 153 -13.15 -42.26 -13.75
C PHE A 153 -13.89 -41.84 -12.48
N LEU A 154 -13.85 -42.68 -11.44
CA LEU A 154 -14.50 -42.34 -10.18
C LEU A 154 -13.84 -41.13 -9.53
N PHE A 155 -12.50 -41.09 -9.53
CA PHE A 155 -11.80 -39.95 -8.94
C PHE A 155 -12.05 -38.67 -9.73
N VAL A 156 -12.10 -38.77 -11.06
CA VAL A 156 -12.36 -37.60 -11.89
C VAL A 156 -13.77 -37.07 -11.66
N SER A 157 -14.75 -37.98 -11.57
CA SER A 157 -16.13 -37.56 -11.31
C SER A 157 -16.25 -36.92 -9.92
N HIS A 158 -15.59 -37.50 -8.91
CA HIS A 158 -15.64 -36.93 -7.57
C HIS A 158 -14.97 -35.56 -7.53
N ALA A 159 -13.83 -35.41 -8.22
CA ALA A 159 -13.14 -34.12 -8.26
C ALA A 159 -13.95 -33.08 -9.02
N TYR A 160 -14.62 -33.48 -10.10
CA TYR A 160 -15.48 -32.54 -10.84
C TYR A 160 -16.66 -32.10 -10.00
N HIS A 161 -17.27 -33.03 -9.26
CA HIS A 161 -18.37 -32.68 -8.36
C HIS A 161 -17.90 -31.75 -7.26
N SER A 162 -16.72 -32.02 -6.69
CA SER A 162 -16.18 -31.17 -5.63
C SER A 162 -15.85 -29.77 -6.15
N ILE A 163 -15.33 -29.68 -7.38
CA ILE A 163 -15.01 -28.39 -7.97
C ILE A 163 -16.28 -27.61 -8.29
N LEU A 164 -17.33 -28.30 -8.75
CA LEU A 164 -18.57 -27.62 -9.09
C LEU A 164 -19.35 -27.22 -7.85
N THR A 165 -19.17 -27.93 -6.73
CA THR A 165 -19.94 -27.64 -5.52
C THR A 165 -19.23 -26.68 -4.57
N ARG A 166 -17.91 -26.79 -4.44
CA ARG A 166 -17.16 -26.02 -3.46
C ARG A 166 -16.53 -24.77 -4.07
N GLY A 167 -15.71 -24.93 -5.08
CA GLY A 167 -15.04 -23.80 -5.71
C GLY A 167 -13.64 -24.20 -6.15
N ALA A 168 -12.71 -23.26 -5.98
CA ALA A 168 -11.34 -23.44 -6.43
C ALA A 168 -10.45 -23.86 -5.26
N SER A 169 -9.77 -24.99 -5.41
CA SER A 169 -8.88 -25.53 -4.40
C SER A 169 -7.89 -26.47 -5.08
N VAL A 170 -7.20 -27.28 -4.28
CA VAL A 170 -6.32 -28.32 -4.84
C VAL A 170 -7.08 -29.44 -5.52
N GLN A 171 -8.41 -29.50 -5.32
CA GLN A 171 -9.22 -30.49 -6.02
C GLN A 171 -9.23 -30.27 -7.52
N LEU A 172 -9.07 -29.02 -7.97
CA LEU A 172 -8.94 -28.76 -9.40
C LEU A 172 -7.67 -29.38 -9.97
N VAL A 173 -6.55 -29.25 -9.24
CA VAL A 173 -5.30 -29.87 -9.69
C VAL A 173 -5.41 -31.39 -9.63
N PHE A 174 -6.09 -31.92 -8.61
CA PHE A 174 -6.30 -33.36 -8.53
C PHE A 174 -7.15 -33.86 -9.69
N GLY A 175 -8.19 -33.10 -10.07
CA GLY A 175 -9.00 -33.47 -11.21
C GLY A 175 -8.25 -33.40 -12.53
N PHE A 176 -7.37 -32.39 -12.66
CA PHE A 176 -6.54 -32.30 -13.85
C PHE A 176 -5.59 -33.48 -13.96
N GLU A 177 -4.99 -33.88 -12.82
CA GLU A 177 -4.12 -35.05 -12.81
C GLU A 177 -4.90 -36.33 -13.13
N TYR A 178 -6.12 -36.43 -12.61
CA TYR A 178 -6.97 -37.59 -12.91
C TYR A 178 -7.34 -37.63 -14.38
N ALA A 179 -7.61 -36.47 -14.98
CA ALA A 179 -7.92 -36.42 -16.41
C ALA A 179 -6.70 -36.80 -17.24
N ILE A 180 -5.51 -36.36 -16.83
CA ILE A 180 -4.27 -36.76 -17.51
C ILE A 180 -4.07 -38.27 -17.41
N LEU A 181 -4.33 -38.83 -16.22
CA LEU A 181 -4.22 -40.28 -16.04
C LEU A 181 -5.24 -41.02 -16.89
N MET A 182 -6.45 -40.49 -17.01
CA MET A 182 -7.47 -41.11 -17.85
C MET A 182 -7.09 -41.07 -19.33
N THR A 183 -6.51 -39.95 -19.78
CA THR A 183 -6.03 -39.85 -21.15
C THR A 183 -4.89 -40.84 -21.40
N MET A 184 -3.98 -40.97 -20.43
CA MET A 184 -2.89 -41.95 -20.56
C MET A 184 -3.44 -43.37 -20.58
N VAL A 185 -4.48 -43.65 -19.79
CA VAL A 185 -5.08 -44.98 -19.77
C VAL A 185 -5.78 -45.28 -21.09
N LEU A 186 -6.45 -44.28 -21.67
CA LEU A 186 -7.09 -44.48 -22.97
C LEU A 186 -6.05 -44.72 -24.06
N THR A 187 -4.95 -43.96 -24.03
CA THR A 187 -3.86 -44.18 -24.99
C THR A 187 -3.25 -45.57 -24.81
N ILE A 188 -3.07 -46.01 -23.57
CA ILE A 188 -2.52 -47.33 -23.31
C ILE A 188 -3.47 -48.42 -23.76
N PHE A 189 -4.79 -48.19 -23.61
CA PHE A 189 -5.77 -49.15 -24.10
C PHE A 189 -5.75 -49.26 -25.61
N ILE A 190 -5.63 -48.12 -26.30
CA ILE A 190 -5.52 -48.13 -27.76
C ILE A 190 -4.25 -48.84 -28.20
N LYS A 191 -3.13 -48.58 -27.51
CA LYS A 191 -1.87 -49.23 -27.83
C LYS A 191 -1.94 -50.74 -27.58
N TYR A 192 -2.60 -51.15 -26.51
CA TYR A 192 -2.75 -52.57 -26.20
C TYR A 192 -3.64 -53.27 -27.23
N VAL A 193 -4.70 -52.58 -27.68
CA VAL A 193 -5.56 -53.13 -28.73
C VAL A 193 -4.77 -53.30 -30.02
N LEU A 194 -3.95 -52.30 -30.37
CA LEU A 194 -3.12 -52.39 -31.56
C LEU A 194 -2.08 -53.51 -31.44
N HIS A 195 -1.50 -53.68 -30.25
CA HIS A 195 -0.53 -54.75 -30.04
C HIS A 195 -1.18 -56.12 -30.12
N SER A 196 -2.39 -56.26 -29.58
CA SER A 196 -3.11 -57.53 -29.67
C SER A 196 -3.50 -57.83 -31.10
N VAL A 197 -3.85 -56.80 -31.88
CA VAL A 197 -4.16 -57.00 -33.29
C VAL A 197 -2.92 -57.39 -34.07
N ASP A 198 -1.76 -56.81 -33.71
CA ASP A 198 -0.53 -57.10 -34.43
C ASP A 198 0.04 -58.46 -34.04
N LEU A 199 -0.08 -58.83 -32.77
CA LEU A 199 0.46 -60.10 -32.31
C LEU A 199 -0.38 -61.29 -32.75
N GLN A 200 -1.63 -61.06 -33.17
CA GLN A 200 -2.47 -62.15 -33.65
C GLN A 200 -2.01 -62.70 -35.00
N SER A 201 -1.32 -61.89 -35.80
CA SER A 201 -0.83 -62.30 -37.10
C SER A 201 0.67 -62.57 -37.04
N GLU A 202 1.09 -63.67 -37.68
CA GLU A 202 2.50 -64.06 -37.69
C GLU A 202 3.26 -63.40 -38.84
N ASN A 203 3.16 -62.08 -38.92
CA ASN A 203 3.84 -61.29 -39.94
C ASN A 203 3.94 -59.86 -39.46
N PRO A 204 4.86 -59.07 -40.02
CA PRO A 204 4.96 -57.67 -39.61
C PRO A 204 3.81 -56.84 -40.18
N TRP A 205 3.19 -56.03 -39.33
CA TRP A 205 2.09 -55.17 -39.73
C TRP A 205 2.64 -53.83 -40.19
N ASP A 206 2.49 -53.53 -41.49
CA ASP A 206 3.01 -52.28 -42.03
C ASP A 206 2.21 -51.08 -41.52
N ASN A 207 0.91 -51.26 -41.30
CA ASN A 207 0.05 -50.19 -40.82
C ASN A 207 0.10 -50.01 -39.31
N LYS A 208 0.85 -50.87 -38.60
CA LYS A 208 0.98 -50.71 -37.15
C LYS A 208 1.73 -49.43 -36.81
N ALA A 209 2.76 -49.09 -37.59
CA ALA A 209 3.50 -47.87 -37.35
C ALA A 209 2.64 -46.63 -37.59
N VAL A 210 1.82 -46.65 -38.64
CA VAL A 210 0.95 -45.52 -38.95
C VAL A 210 -0.13 -45.35 -37.87
N TYR A 211 -0.71 -46.47 -37.43
CA TYR A 211 -1.71 -46.41 -36.37
C TYR A 211 -1.10 -45.93 -35.06
N MET A 212 0.11 -46.39 -34.74
CA MET A 212 0.79 -45.94 -33.54
C MET A 212 1.13 -44.45 -33.62
N LEU A 213 1.53 -43.97 -34.80
CA LEU A 213 1.81 -42.55 -34.98
C LEU A 213 0.54 -41.71 -34.83
N TYR A 214 -0.58 -42.19 -35.37
CA TYR A 214 -1.85 -41.47 -35.22
C TYR A 214 -2.29 -41.44 -33.76
N THR A 215 -2.15 -42.56 -33.05
CA THR A 215 -2.51 -42.59 -31.63
C THR A 215 -1.61 -41.67 -30.81
N GLU A 216 -0.30 -41.65 -31.13
CA GLU A 216 0.61 -40.77 -30.42
C GLU A 216 0.30 -39.30 -30.71
N LEU A 217 -0.08 -38.98 -31.95
CA LEU A 217 -0.45 -37.61 -32.28
C LEU A 217 -1.73 -37.19 -31.54
N PHE A 218 -2.72 -38.08 -31.47
CA PHE A 218 -3.94 -37.77 -30.74
C PHE A 218 -3.67 -37.59 -29.25
N THR A 219 -2.83 -38.47 -28.68
CA THR A 219 -2.48 -38.35 -27.27
C THR A 219 -1.70 -37.07 -26.99
N GLY A 220 -0.80 -36.68 -27.89
CA GLY A 220 -0.07 -35.44 -27.73
C GLY A 220 -0.96 -34.22 -27.83
N PHE A 221 -1.93 -34.25 -28.75
CA PHE A 221 -2.88 -33.15 -28.86
C PHE A 221 -3.74 -33.03 -27.60
N ILE A 222 -4.19 -34.17 -27.08
CA ILE A 222 -5.00 -34.16 -25.85
C ILE A 222 -4.17 -33.66 -24.67
N LYS A 223 -2.92 -34.10 -24.58
CA LYS A 223 -2.04 -33.66 -23.50
C LYS A 223 -1.73 -32.17 -23.61
N VAL A 224 -1.53 -31.67 -24.83
CA VAL A 224 -1.27 -30.25 -25.02
C VAL A 224 -2.50 -29.42 -24.63
N LEU A 225 -3.69 -29.89 -25.01
CA LEU A 225 -4.92 -29.20 -24.62
C LEU A 225 -5.09 -29.18 -23.10
N LEU A 226 -4.84 -30.33 -22.45
CA LEU A 226 -4.96 -30.40 -21.00
C LEU A 226 -3.94 -29.50 -20.31
N TYR A 227 -2.70 -29.48 -20.81
CA TYR A 227 -1.67 -28.62 -20.23
C TYR A 227 -2.01 -27.14 -20.41
N MET A 228 -2.53 -26.77 -21.59
CA MET A 228 -2.93 -25.39 -21.80
C MET A 228 -4.08 -25.00 -20.89
N ALA A 229 -5.06 -25.89 -20.71
CA ALA A 229 -6.17 -25.61 -19.80
C ALA A 229 -5.69 -25.47 -18.37
N PHE A 230 -4.77 -26.34 -17.94
CA PHE A 230 -4.24 -26.26 -16.58
C PHE A 230 -3.43 -24.98 -16.37
N MET A 231 -2.64 -24.59 -17.38
CA MET A 231 -1.88 -23.35 -17.28
C MET A 231 -2.80 -22.14 -17.23
N THR A 232 -3.88 -22.15 -18.03
CA THR A 232 -4.85 -21.05 -17.99
C THR A 232 -5.55 -21.00 -16.64
N ILE A 233 -5.88 -22.15 -16.06
CA ILE A 233 -6.52 -22.19 -14.75
C ILE A 233 -5.56 -21.67 -13.68
N MET A 234 -4.28 -22.00 -13.79
CA MET A 234 -3.30 -21.50 -12.83
C MET A 234 -3.09 -20.00 -12.99
N ILE A 235 -3.13 -19.50 -14.23
CA ILE A 235 -2.97 -18.06 -14.46
C ILE A 235 -4.17 -17.30 -13.92
N LYS A 236 -5.37 -17.85 -14.11
CA LYS A 236 -6.58 -17.25 -13.54
C LYS A 236 -6.71 -17.47 -12.04
N VAL A 237 -5.91 -18.37 -11.47
CA VAL A 237 -5.92 -18.64 -10.05
C VAL A 237 -5.06 -17.61 -9.33
N HIS A 238 -5.30 -17.42 -8.03
CA HIS A 238 -4.57 -16.41 -7.28
C HIS A 238 -3.14 -16.85 -6.98
N THR A 239 -2.93 -18.14 -6.80
CA THR A 239 -1.63 -18.66 -6.39
C THR A 239 -0.75 -18.96 -7.59
N PHE A 240 0.56 -19.03 -7.34
CA PHE A 240 1.51 -19.35 -8.39
C PHE A 240 1.40 -20.83 -8.77
N PRO A 241 1.62 -21.17 -10.05
CA PRO A 241 1.45 -22.56 -10.48
C PRO A 241 2.45 -23.53 -9.86
N LEU A 242 3.75 -23.27 -10.09
CA LEU A 242 4.84 -24.16 -9.69
C LEU A 242 4.57 -25.61 -10.09
N PHE A 243 4.45 -26.49 -9.09
CA PHE A 243 3.91 -27.84 -9.22
C PHE A 243 4.79 -28.68 -10.14
N ALA A 244 4.28 -29.20 -11.26
CA ALA A 244 5.02 -30.20 -12.03
C ALA A 244 6.05 -29.57 -12.95
N ILE A 245 5.60 -28.68 -13.85
CA ILE A 245 6.43 -27.96 -14.82
C ILE A 245 7.14 -28.89 -15.79
N ARG A 246 7.96 -29.81 -15.27
CA ARG A 246 8.70 -30.74 -16.12
C ARG A 246 7.81 -31.63 -16.97
N PRO A 247 6.69 -32.17 -16.45
CA PRO A 247 5.83 -33.02 -17.30
C PRO A 247 5.22 -32.30 -18.48
N MET A 248 5.02 -30.98 -18.39
CA MET A 248 4.50 -30.23 -19.53
C MET A 248 5.51 -30.19 -20.67
N TYR A 249 6.79 -30.02 -20.35
CA TYR A 249 7.83 -29.98 -21.38
C TYR A 249 8.01 -31.34 -22.03
N LEU A 250 7.89 -32.42 -21.26
CA LEU A 250 8.03 -33.76 -21.82
C LEU A 250 6.89 -34.08 -22.78
N ALA A 251 5.67 -33.65 -22.46
CA ALA A 251 4.55 -33.83 -23.38
C ALA A 251 4.72 -32.98 -24.63
N MET A 252 5.23 -31.76 -24.47
CA MET A 252 5.44 -30.88 -25.62
C MET A 252 6.56 -31.38 -26.51
N ARG A 253 7.63 -31.91 -25.91
CA ARG A 253 8.75 -32.43 -26.70
C ARG A 253 8.34 -33.68 -27.47
N GLN A 254 7.54 -34.55 -26.86
CA GLN A 254 7.07 -35.74 -27.54
C GLN A 254 6.09 -35.40 -28.65
N PHE A 255 5.21 -34.43 -28.42
CA PHE A 255 4.22 -34.05 -29.43
C PHE A 255 4.88 -33.36 -30.61
N LYS A 256 5.89 -32.52 -30.35
CA LYS A 256 6.58 -31.83 -31.43
C LYS A 256 7.41 -32.82 -32.26
N LYS A 257 8.05 -33.79 -31.62
CA LYS A 257 8.83 -34.77 -32.35
C LYS A 257 7.94 -35.72 -33.15
N ALA A 258 6.79 -36.10 -32.58
CA ALA A 258 5.87 -37.00 -33.29
C ALA A 258 5.25 -36.31 -34.50
N VAL A 259 4.92 -35.02 -34.37
CA VAL A 259 4.36 -34.27 -35.49
C VAL A 259 5.41 -34.10 -36.59
N THR A 260 6.67 -33.88 -36.19
CA THR A 260 7.75 -33.81 -37.16
C THR A 260 8.01 -35.18 -37.79
N ASP A 261 7.90 -36.24 -37.00
CA ASP A 261 8.07 -37.59 -37.54
C ASP A 261 6.92 -37.95 -38.47
N ALA A 262 5.69 -37.56 -38.13
CA ALA A 262 4.55 -37.83 -38.98
C ALA A 262 4.62 -37.05 -40.29
N ILE A 263 5.11 -35.80 -40.22
CA ILE A 263 5.29 -35.01 -41.43
C ILE A 263 6.41 -35.58 -42.28
N MET A 264 7.46 -36.09 -41.63
CA MET A 264 8.54 -36.75 -42.38
C MET A 264 8.08 -38.07 -42.97
N SER A 265 7.23 -38.80 -42.25
CA SER A 265 6.69 -40.06 -42.77
C SER A 265 5.75 -39.80 -43.94
N ARG A 266 4.92 -38.78 -43.84
CA ARG A 266 3.97 -38.46 -44.90
C ARG A 266 4.65 -37.69 -46.03
N MET B 1 23.23 -21.07 -30.48
CA MET B 1 23.48 -19.71 -30.04
C MET B 1 22.44 -18.74 -30.61
N PHE B 2 22.06 -18.98 -31.87
CA PHE B 2 21.03 -18.14 -32.50
C PHE B 2 19.67 -18.37 -31.84
N ARG B 3 19.41 -19.59 -31.38
CA ARG B 3 18.16 -19.85 -30.66
C ARG B 3 18.14 -19.17 -29.31
N THR B 4 19.32 -18.93 -28.72
CA THR B 4 19.39 -18.13 -27.49
C THR B 4 19.29 -16.65 -27.80
N ALA B 5 19.72 -16.23 -29.00
CA ALA B 5 19.62 -14.83 -29.39
C ALA B 5 18.17 -14.39 -29.53
N VAL B 6 17.32 -15.26 -30.09
CA VAL B 6 15.90 -14.95 -30.20
C VAL B 6 15.23 -14.99 -28.84
N MET B 7 15.82 -15.69 -27.87
CA MET B 7 15.31 -15.65 -26.51
C MET B 7 15.71 -14.36 -25.80
N MET B 8 16.90 -13.83 -26.11
CA MET B 8 17.37 -12.63 -25.43
C MET B 8 16.68 -11.38 -25.95
N ALA B 9 16.54 -11.26 -27.28
CA ALA B 9 15.96 -10.04 -27.86
C ALA B 9 14.47 -9.96 -27.59
N ALA B 10 13.77 -11.11 -27.60
CA ALA B 10 12.35 -11.10 -27.28
C ALA B 10 12.11 -10.90 -25.79
N SER B 11 13.13 -11.12 -24.96
CA SER B 11 13.00 -10.82 -23.54
C SER B 11 13.25 -9.34 -23.27
N LEU B 12 14.28 -8.78 -23.90
CA LEU B 12 14.61 -7.36 -23.69
C LEU B 12 13.55 -6.44 -24.28
N ALA B 13 12.69 -6.93 -25.16
CA ALA B 13 11.53 -6.20 -25.62
C ALA B 13 10.31 -6.44 -24.74
N LEU B 14 10.43 -7.30 -23.74
CA LEU B 14 9.40 -7.47 -22.72
C LEU B 14 9.72 -6.74 -21.43
N THR B 15 11.01 -6.65 -21.07
CA THR B 15 11.42 -5.80 -19.96
C THR B 15 11.23 -4.33 -20.29
N GLY B 16 11.59 -3.92 -21.51
CA GLY B 16 11.37 -2.55 -21.95
C GLY B 16 9.94 -2.23 -22.29
N ALA B 17 9.05 -3.23 -22.30
CA ALA B 17 7.63 -2.99 -22.48
C ALA B 17 6.88 -2.88 -21.17
N VAL B 18 7.54 -3.18 -20.05
CA VAL B 18 6.93 -3.02 -18.73
C VAL B 18 7.55 -1.86 -17.97
N VAL B 19 8.81 -1.51 -18.27
CA VAL B 19 9.37 -0.26 -17.75
C VAL B 19 8.71 0.93 -18.42
N ALA B 20 8.60 0.90 -19.75
CA ALA B 20 7.98 2.00 -20.49
C ALA B 20 6.47 2.07 -20.28
N HIS B 21 5.86 0.99 -19.78
CA HIS B 21 4.48 1.10 -19.34
C HIS B 21 4.39 1.88 -18.03
N ALA B 22 5.35 1.69 -17.14
CA ALA B 22 5.32 2.38 -15.86
C ALA B 22 5.73 3.83 -15.98
N TYR B 23 6.56 4.19 -16.97
CA TYR B 23 6.82 5.60 -17.23
C TYR B 23 5.76 6.17 -18.21
N TYR B 24 4.51 5.78 -17.97
CA TYR B 24 3.33 6.38 -18.59
C TYR B 24 2.27 6.72 -17.55
N LEU B 25 2.23 5.99 -16.43
CA LEU B 25 1.35 6.27 -15.32
C LEU B 25 2.00 7.17 -14.27
N LYS B 26 3.30 6.96 -14.01
CA LYS B 26 4.06 7.74 -13.04
C LYS B 26 5.32 8.22 -13.76
N HIS B 27 5.36 9.50 -14.11
CA HIS B 27 6.28 10.01 -15.12
C HIS B 27 7.67 10.36 -14.58
N GLN B 28 8.01 9.97 -13.36
CA GLN B 28 9.29 10.34 -12.76
C GLN B 28 10.09 9.09 -12.42
N PHE B 29 11.21 9.29 -11.73
CA PHE B 29 12.04 8.17 -11.30
C PHE B 29 11.40 7.44 -10.12
N TYR B 30 11.20 8.15 -9.01
CA TYR B 30 10.73 7.51 -7.79
C TYR B 30 9.35 6.86 -7.91
N PRO B 31 8.30 7.52 -8.43
CA PRO B 31 7.00 6.82 -8.49
C PRO B 31 6.93 5.73 -9.53
N THR B 32 7.92 5.64 -10.43
CA THR B 32 7.98 4.53 -11.39
C THR B 32 8.58 3.29 -10.75
N VAL B 33 9.76 3.42 -10.17
CA VAL B 33 10.47 2.28 -9.60
C VAL B 33 9.70 1.71 -8.42
N VAL B 34 9.04 2.57 -7.64
CA VAL B 34 8.18 2.11 -6.57
C VAL B 34 7.00 1.32 -7.14
N TYR B 35 6.45 1.79 -8.27
CA TYR B 35 5.35 1.07 -8.91
C TYR B 35 5.81 -0.27 -9.48
N LEU B 36 7.01 -0.31 -10.06
CA LEU B 36 7.50 -1.55 -10.67
C LEU B 36 7.71 -2.65 -9.64
N THR B 37 8.21 -2.29 -8.45
CA THR B 37 8.50 -3.28 -7.43
C THR B 37 7.30 -3.63 -6.56
N LYS B 38 6.12 -3.06 -6.83
CA LYS B 38 4.91 -3.41 -6.10
C LYS B 38 3.93 -4.24 -6.90
N SER B 39 3.69 -3.89 -8.16
CA SER B 39 2.76 -4.65 -8.98
C SER B 39 3.43 -5.93 -9.48
N SER B 40 2.75 -7.05 -9.27
CA SER B 40 3.39 -8.35 -9.50
C SER B 40 3.52 -8.75 -10.96
N PRO B 41 2.58 -8.43 -11.87
CA PRO B 41 2.88 -8.62 -13.30
C PRO B 41 4.10 -7.85 -13.79
N SER B 42 4.36 -6.66 -13.23
CA SER B 42 5.57 -5.93 -13.61
C SER B 42 6.80 -6.52 -12.94
N MET B 43 6.66 -7.06 -11.73
CA MET B 43 7.80 -7.65 -11.05
C MET B 43 8.13 -9.04 -11.59
N ALA B 44 7.17 -9.67 -12.28
CA ALA B 44 7.42 -10.99 -12.86
C ALA B 44 8.38 -10.90 -14.04
N VAL B 45 8.17 -9.90 -14.91
CA VAL B 45 9.00 -9.77 -16.11
C VAL B 45 10.44 -9.42 -15.73
N LEU B 46 10.62 -8.58 -14.70
CA LEU B 46 11.96 -8.23 -14.26
C LEU B 46 12.68 -9.44 -13.67
N TYR B 47 11.92 -10.37 -13.07
CA TYR B 47 12.52 -11.63 -12.64
C TYR B 47 12.85 -12.52 -13.83
N ILE B 48 12.02 -12.48 -14.87
CA ILE B 48 12.31 -13.22 -16.10
C ILE B 48 13.58 -12.67 -16.75
N GLN B 49 13.71 -11.35 -16.79
CA GLN B 49 14.91 -10.74 -17.38
C GLN B 49 16.15 -10.98 -16.54
N ALA B 50 15.97 -11.25 -15.24
CA ALA B 50 17.12 -11.58 -14.39
C ALA B 50 17.68 -12.95 -14.75
N PHE B 51 16.80 -13.93 -14.94
CA PHE B 51 17.24 -15.29 -15.25
C PHE B 51 17.71 -15.41 -16.70
N VAL B 52 17.07 -14.66 -17.61
CA VAL B 52 17.51 -14.64 -19.01
C VAL B 52 18.85 -13.95 -19.14
N LEU B 53 19.19 -13.08 -18.19
CA LEU B 53 20.52 -12.50 -18.11
C LEU B 53 21.43 -13.27 -17.15
N VAL B 54 20.95 -14.39 -16.60
CA VAL B 54 21.79 -15.26 -15.80
C VAL B 54 22.23 -16.49 -16.58
N PHE B 55 21.30 -17.12 -17.30
CA PHE B 55 21.65 -18.23 -18.19
C PHE B 55 22.57 -17.77 -19.31
N LEU B 56 22.30 -16.58 -19.87
CA LEU B 56 23.21 -16.00 -20.84
C LEU B 56 24.56 -15.65 -20.20
N LEU B 57 24.52 -15.17 -18.95
CA LEU B 57 25.76 -14.99 -18.20
C LEU B 57 26.41 -16.34 -17.88
N GLY B 58 25.58 -17.33 -17.56
CA GLY B 58 26.12 -18.67 -17.31
C GLY B 58 26.70 -19.30 -18.56
N LYS B 59 26.10 -19.02 -19.72
CA LYS B 59 26.65 -19.51 -20.97
C LYS B 59 27.97 -18.83 -21.32
N VAL B 60 28.21 -17.63 -20.77
CA VAL B 60 29.47 -16.96 -20.99
C VAL B 60 30.52 -17.44 -19.99
N MET B 61 30.14 -17.54 -18.71
CA MET B 61 31.08 -18.01 -17.69
C MET B 61 31.40 -19.50 -17.83
N GLY B 62 30.55 -20.26 -18.54
CA GLY B 62 30.87 -21.64 -18.84
C GLY B 62 31.80 -21.82 -20.01
N LYS B 63 32.16 -20.73 -20.69
CA LYS B 63 33.09 -20.80 -21.81
C LYS B 63 34.52 -20.55 -21.37
N VAL B 64 34.71 -19.72 -20.34
CA VAL B 64 36.05 -19.45 -19.85
C VAL B 64 36.61 -20.66 -19.12
N PHE B 65 35.79 -21.30 -18.28
CA PHE B 65 36.28 -22.44 -17.51
C PHE B 65 36.46 -23.67 -18.38
N PHE B 66 35.49 -23.97 -19.24
CA PHE B 66 35.52 -25.14 -20.10
C PHE B 66 35.28 -24.73 -21.54
N GLY B 67 35.96 -25.40 -22.47
CA GLY B 67 35.78 -25.08 -23.88
C GLY B 67 34.40 -25.41 -24.40
N GLN B 68 33.89 -26.59 -24.04
CA GLN B 68 32.56 -27.04 -24.46
C GLN B 68 32.16 -28.22 -23.59
N LEU B 69 30.87 -28.52 -23.61
CA LEU B 69 30.37 -29.70 -22.93
C LEU B 69 30.78 -30.96 -23.70
N ARG B 70 30.93 -32.07 -22.96
CA ARG B 70 31.38 -33.33 -23.54
C ARG B 70 30.24 -34.31 -23.78
N ALA B 71 29.05 -33.79 -24.11
CA ALA B 71 27.85 -34.54 -24.47
C ALA B 71 27.35 -35.45 -23.36
N ALA B 72 27.92 -35.34 -22.16
CA ALA B 72 27.45 -36.06 -20.98
C ALA B 72 27.32 -35.18 -19.75
N GLU B 73 28.05 -34.07 -19.67
CA GLU B 73 27.85 -33.14 -18.57
C GLU B 73 26.49 -32.45 -18.67
N MET B 74 26.06 -32.16 -19.90
CA MET B 74 24.75 -31.54 -20.09
C MET B 74 23.62 -32.47 -19.68
N GLU B 75 23.76 -33.76 -19.96
CA GLU B 75 22.79 -34.74 -19.48
C GLU B 75 22.87 -34.90 -17.98
N HIS B 76 24.08 -34.84 -17.42
CA HIS B 76 24.24 -35.00 -15.97
C HIS B 76 23.77 -33.76 -15.22
N LEU B 77 24.06 -32.58 -15.75
CA LEU B 77 23.65 -31.35 -15.08
C LEU B 77 22.13 -31.17 -15.10
N LEU B 78 21.49 -31.49 -16.22
CA LEU B 78 20.05 -31.31 -16.36
C LEU B 78 19.29 -32.24 -15.42
N GLU B 79 19.80 -33.47 -15.22
CA GLU B 79 19.20 -34.36 -14.25
C GLU B 79 19.34 -33.81 -12.83
N ARG B 80 20.50 -33.25 -12.50
CA ARG B 80 20.69 -32.66 -11.19
C ARG B 80 19.99 -31.31 -11.08
N SER B 81 19.79 -30.61 -12.19
CA SER B 81 19.12 -29.32 -12.16
C SER B 81 17.65 -29.48 -11.77
N TRP B 82 17.01 -30.56 -12.22
CA TRP B 82 15.61 -30.81 -11.87
C TRP B 82 15.47 -31.05 -10.37
N TYR B 83 16.41 -31.80 -9.78
CA TYR B 83 16.38 -32.00 -8.33
C TYR B 83 16.73 -30.72 -7.58
N ALA B 84 17.67 -29.94 -8.10
CA ALA B 84 18.10 -28.73 -7.40
C ALA B 84 17.03 -27.65 -7.47
N VAL B 85 16.34 -27.53 -8.61
CA VAL B 85 15.28 -26.53 -8.73
C VAL B 85 14.09 -26.89 -7.86
N THR B 86 13.78 -28.19 -7.76
CA THR B 86 12.70 -28.63 -6.87
C THR B 86 13.06 -28.42 -5.41
N GLU B 87 14.33 -28.67 -5.05
CA GLU B 87 14.75 -28.51 -3.67
C GLU B 87 14.82 -27.05 -3.25
N THR B 88 15.28 -26.18 -4.16
CA THR B 88 15.40 -24.76 -3.84
C THR B 88 14.04 -24.12 -3.63
N CYS B 89 13.05 -24.50 -4.42
CA CYS B 89 11.70 -23.98 -4.21
C CYS B 89 11.04 -24.61 -3.00
N LEU B 90 11.49 -25.80 -2.59
CA LEU B 90 10.91 -26.47 -1.43
C LEU B 90 11.33 -25.77 -0.14
N ALA B 91 12.60 -25.40 -0.02
CA ALA B 91 13.10 -24.79 1.21
C ALA B 91 12.71 -23.32 1.34
N PHE B 92 12.36 -22.66 0.25
CA PHE B 92 12.04 -21.23 0.31
C PHE B 92 10.67 -20.99 0.92
N THR B 93 9.64 -21.68 0.42
CA THR B 93 8.29 -21.48 0.92
C THR B 93 8.09 -22.12 2.28
N VAL B 94 8.79 -23.22 2.56
CA VAL B 94 8.65 -23.89 3.86
C VAL B 94 9.21 -23.03 4.98
N PHE B 95 10.32 -22.34 4.71
CA PHE B 95 10.95 -21.49 5.73
C PHE B 95 10.16 -20.22 6.01
N ARG B 96 9.14 -19.91 5.20
CA ARG B 96 8.26 -18.75 5.38
C ARG B 96 9.03 -17.43 5.36
N ASP B 97 10.10 -17.36 4.58
CA ASP B 97 10.88 -16.15 4.42
C ASP B 97 10.32 -15.22 3.35
N ASP B 98 9.25 -15.64 2.67
CA ASP B 98 8.52 -14.90 1.63
C ASP B 98 9.34 -14.70 0.36
N PHE B 99 8.67 -14.59 -0.78
CA PHE B 99 9.32 -14.37 -2.06
C PHE B 99 9.82 -12.93 -2.10
N SER B 100 11.08 -12.73 -1.75
CA SER B 100 11.69 -11.42 -1.64
C SER B 100 12.90 -11.31 -2.56
N PRO B 101 13.28 -10.08 -2.93
CA PRO B 101 14.50 -9.92 -3.76
C PRO B 101 15.77 -10.40 -3.06
N ARG B 102 15.82 -10.32 -1.73
CA ARG B 102 17.00 -10.78 -1.01
C ARG B 102 17.07 -12.31 -0.93
N PHE B 103 15.91 -12.97 -0.90
CA PHE B 103 15.88 -14.42 -0.75
C PHE B 103 16.01 -15.16 -2.07
N VAL B 104 15.38 -14.65 -3.13
CA VAL B 104 15.42 -15.33 -4.43
C VAL B 104 16.81 -15.24 -5.04
N ALA B 105 17.45 -14.08 -4.93
CA ALA B 105 18.78 -13.90 -5.53
C ALA B 105 19.83 -14.73 -4.80
N LEU B 106 19.73 -14.82 -3.47
CA LEU B 106 20.68 -15.62 -2.71
C LEU B 106 20.52 -17.11 -3.01
N PHE B 107 19.28 -17.58 -3.15
CA PHE B 107 19.05 -19.00 -3.43
C PHE B 107 19.49 -19.38 -4.84
N THR B 108 19.21 -18.51 -5.82
CA THR B 108 19.61 -18.81 -7.19
C THR B 108 21.12 -18.69 -7.38
N LEU B 109 21.78 -17.88 -6.56
CA LEU B 109 23.24 -17.79 -6.62
C LEU B 109 23.91 -19.08 -6.16
N LEU B 110 23.25 -19.81 -5.26
CA LEU B 110 23.77 -21.12 -4.86
C LEU B 110 23.73 -22.12 -6.01
N LEU B 111 22.63 -22.12 -6.78
CA LEU B 111 22.52 -23.04 -7.91
C LEU B 111 23.46 -22.64 -9.04
N PHE B 112 23.81 -21.36 -9.14
CA PHE B 112 24.79 -20.94 -10.14
C PHE B 112 26.17 -21.54 -9.84
N LEU B 113 26.56 -21.55 -8.57
CA LEU B 113 27.81 -22.19 -8.18
C LEU B 113 27.70 -23.70 -8.13
N LYS B 114 26.52 -24.24 -7.78
CA LYS B 114 26.36 -25.69 -7.69
C LYS B 114 26.46 -26.35 -9.06
N CYS B 115 25.89 -25.71 -10.09
CA CYS B 115 25.98 -26.27 -11.44
C CYS B 115 27.39 -26.13 -11.99
N PHE B 116 28.07 -25.03 -11.64
CA PHE B 116 29.46 -24.86 -12.07
C PHE B 116 30.38 -25.82 -11.33
N HIS B 117 30.09 -26.12 -10.07
CA HIS B 117 30.89 -27.09 -9.33
C HIS B 117 30.58 -28.52 -9.80
N TRP B 118 29.36 -28.77 -10.25
CA TRP B 118 29.01 -30.11 -10.73
C TRP B 118 29.62 -30.37 -12.11
N LEU B 119 29.73 -29.32 -12.94
CA LEU B 119 30.30 -29.49 -14.27
C LEU B 119 31.80 -29.78 -14.20
N ALA B 120 32.49 -29.20 -13.22
CA ALA B 120 33.92 -29.46 -13.07
C ALA B 120 34.18 -30.87 -12.55
N GLU B 121 33.27 -31.40 -11.74
CA GLU B 121 33.43 -32.75 -11.21
C GLU B 121 33.36 -33.79 -12.33
N ASP B 122 32.46 -33.60 -13.29
CA ASP B 122 32.42 -34.47 -14.45
C ASP B 122 33.67 -34.28 -15.31
N ARG B 123 34.20 -33.06 -15.36
CA ARG B 123 35.47 -32.82 -16.03
C ARG B 123 36.63 -33.44 -15.24
N VAL B 124 36.52 -33.45 -13.90
CA VAL B 124 37.54 -34.08 -13.07
C VAL B 124 37.55 -35.59 -13.29
N ASP B 125 36.37 -36.20 -13.39
CA ASP B 125 36.29 -37.63 -13.69
C ASP B 125 36.76 -37.91 -15.12
N PHE B 126 36.50 -36.98 -16.04
CA PHE B 126 36.97 -37.14 -17.40
C PHE B 126 38.45 -36.80 -17.53
N MET B 127 39.01 -36.09 -16.53
CA MET B 127 40.44 -35.77 -16.56
C MET B 127 41.28 -37.03 -16.43
N GLU B 128 40.85 -37.98 -15.59
CA GLU B 128 41.59 -39.23 -15.46
C GLU B 128 41.42 -40.11 -16.68
N ARG B 129 40.29 -40.00 -17.37
CA ARG B 129 40.04 -40.81 -18.56
C ARG B 129 40.55 -40.17 -19.85
N SER B 130 41.02 -38.92 -19.80
CA SER B 130 41.57 -38.27 -20.97
C SER B 130 43.08 -38.27 -20.87
N PRO B 131 43.80 -38.96 -21.75
CA PRO B 131 45.26 -38.97 -21.67
C PRO B 131 45.87 -37.68 -22.19
N ASN B 132 45.15 -37.00 -23.08
CA ASN B 132 45.64 -35.74 -23.67
C ASN B 132 45.14 -34.58 -22.82
N ILE B 133 46.05 -33.96 -22.07
CA ILE B 133 45.74 -32.81 -21.24
C ILE B 133 46.72 -31.70 -21.60
N SER B 134 46.19 -30.54 -21.99
CA SER B 134 47.02 -29.41 -22.36
C SER B 134 47.31 -28.54 -21.14
N TRP B 135 48.20 -27.56 -21.35
CA TRP B 135 48.55 -26.64 -20.26
C TRP B 135 47.41 -25.68 -19.96
N LEU B 136 46.66 -25.27 -21.00
CA LEU B 136 45.57 -24.32 -20.80
C LEU B 136 44.41 -24.96 -20.05
N PHE B 137 44.14 -26.24 -20.30
CA PHE B 137 43.05 -26.93 -19.61
C PHE B 137 43.35 -27.12 -18.13
N HIS B 138 44.63 -27.33 -17.80
CA HIS B 138 45.02 -27.46 -16.40
C HIS B 138 44.88 -26.14 -15.66
N CYS B 139 45.21 -25.03 -16.32
CA CYS B 139 45.11 -23.73 -15.68
C CYS B 139 43.66 -23.34 -15.43
N ARG B 140 42.77 -23.63 -16.38
CA ARG B 140 41.36 -23.29 -16.22
C ARG B 140 40.72 -24.13 -15.11
N ILE B 141 41.10 -25.41 -15.01
CA ILE B 141 40.58 -26.25 -13.94
C ILE B 141 41.09 -25.76 -12.58
N VAL B 142 42.33 -25.27 -12.54
CA VAL B 142 42.86 -24.67 -11.32
C VAL B 142 42.15 -23.37 -11.00
N SER B 143 41.79 -22.60 -12.03
CA SER B 143 41.16 -21.31 -11.82
C SER B 143 39.75 -21.46 -11.25
N LEU B 144 39.01 -22.46 -11.71
CA LEU B 144 37.64 -22.65 -11.25
C LEU B 144 37.59 -23.09 -9.79
N MET B 145 38.56 -23.92 -9.37
CA MET B 145 38.57 -24.40 -7.99
C MET B 145 38.92 -23.28 -7.02
N PHE B 146 39.79 -22.36 -7.43
CA PHE B 146 40.18 -21.26 -6.55
C PHE B 146 39.03 -20.31 -6.29
N LEU B 147 38.26 -19.98 -7.34
CA LEU B 147 37.10 -19.11 -7.16
C LEU B 147 36.00 -19.83 -6.38
N LEU B 148 35.86 -21.13 -6.58
CA LEU B 148 34.87 -21.90 -5.82
C LEU B 148 35.26 -22.01 -4.35
N GLY B 149 36.55 -22.17 -4.08
CA GLY B 149 37.00 -22.30 -2.70
C GLY B 149 36.85 -21.00 -1.91
N ILE B 150 37.15 -19.86 -2.54
CA ILE B 150 37.05 -18.58 -1.84
C ILE B 150 35.59 -18.22 -1.59
N LEU B 151 34.73 -18.42 -2.58
CA LEU B 151 33.33 -18.04 -2.44
C LEU B 151 32.60 -18.96 -1.46
N ASP B 152 33.05 -20.21 -1.35
CA ASP B 152 32.42 -21.13 -0.40
C ASP B 152 32.72 -20.74 1.03
N PHE B 153 33.97 -20.38 1.31
CA PHE B 153 34.34 -19.96 2.67
C PHE B 153 33.75 -18.60 3.00
N LEU B 154 33.67 -17.70 2.02
CA LEU B 154 33.09 -16.38 2.25
C LEU B 154 31.60 -16.48 2.57
N PHE B 155 30.89 -17.35 1.85
CA PHE B 155 29.46 -17.54 2.14
C PHE B 155 29.24 -18.32 3.43
N VAL B 156 30.20 -19.16 3.82
CA VAL B 156 30.08 -19.92 5.06
C VAL B 156 30.24 -18.99 6.26
N SER B 157 31.23 -18.11 6.23
CA SER B 157 31.53 -17.27 7.38
C SER B 157 30.50 -16.15 7.53
N HIS B 158 30.04 -15.58 6.41
CA HIS B 158 29.04 -14.52 6.48
C HIS B 158 27.71 -15.02 7.02
N ALA B 159 27.30 -16.23 6.61
CA ALA B 159 26.09 -16.82 7.14
C ALA B 159 26.26 -17.23 8.60
N TYR B 160 27.45 -17.73 8.95
CA TYR B 160 27.71 -18.08 10.35
C TYR B 160 27.75 -16.84 11.23
N HIS B 161 28.26 -15.72 10.70
CA HIS B 161 28.20 -14.46 11.42
C HIS B 161 26.77 -13.96 11.52
N SER B 162 25.94 -14.26 10.51
CA SER B 162 24.54 -13.89 10.57
C SER B 162 23.76 -14.72 11.59
N ILE B 163 24.25 -15.92 11.89
CA ILE B 163 23.63 -16.74 12.92
C ILE B 163 23.80 -16.10 14.30
N LEU B 164 25.00 -15.58 14.57
CA LEU B 164 25.23 -14.88 15.83
C LEU B 164 24.57 -13.50 15.84
N THR B 165 24.39 -12.90 14.66
CA THR B 165 23.81 -11.56 14.60
C THR B 165 22.31 -11.59 14.87
N ARG B 166 21.60 -12.55 14.27
CA ARG B 166 20.14 -12.61 14.40
C ARG B 166 19.68 -13.85 15.15
N GLY B 167 20.08 -15.04 14.70
CA GLY B 167 19.62 -16.27 15.32
C GLY B 167 19.22 -17.32 14.32
N ALA B 168 18.20 -18.12 14.66
CA ALA B 168 17.71 -19.17 13.76
C ALA B 168 16.87 -18.55 12.66
N SER B 169 17.32 -18.68 11.42
CA SER B 169 16.64 -18.11 10.28
C SER B 169 16.92 -18.97 9.05
N VAL B 170 16.56 -18.45 7.87
CA VAL B 170 16.76 -19.21 6.64
C VAL B 170 18.22 -19.15 6.18
N GLN B 171 18.99 -18.20 6.72
CA GLN B 171 20.39 -18.08 6.31
C GLN B 171 21.24 -19.23 6.83
N LEU B 172 20.81 -19.89 7.92
CA LEU B 172 21.52 -21.04 8.43
C LEU B 172 21.40 -22.23 7.49
N VAL B 173 20.23 -22.39 6.85
CA VAL B 173 20.03 -23.49 5.92
C VAL B 173 20.86 -23.28 4.65
N PHE B 174 20.87 -22.05 4.13
CA PHE B 174 21.66 -21.77 2.93
C PHE B 174 23.15 -21.83 3.23
N GLY B 175 23.55 -21.40 4.43
CA GLY B 175 24.95 -21.51 4.81
C GLY B 175 25.40 -22.95 4.98
N PHE B 176 24.49 -23.81 5.46
CA PHE B 176 24.81 -25.23 5.60
C PHE B 176 25.02 -25.88 4.24
N GLU B 177 24.22 -25.50 3.24
CA GLU B 177 24.37 -26.06 1.91
C GLU B 177 25.66 -25.61 1.25
N TYR B 178 26.07 -24.36 1.50
CA TYR B 178 27.33 -23.87 0.96
C TYR B 178 28.52 -24.58 1.60
N ALA B 179 28.40 -24.95 2.87
CA ALA B 179 29.44 -25.71 3.54
C ALA B 179 29.58 -27.11 2.95
N ILE B 180 28.46 -27.71 2.54
CA ILE B 180 28.51 -29.00 1.87
C ILE B 180 29.14 -28.86 0.49
N LEU B 181 28.85 -27.75 -0.20
CA LEU B 181 29.51 -27.49 -1.48
C LEU B 181 30.94 -27.05 -1.28
N MET B 182 31.29 -26.56 -0.09
CA MET B 182 32.67 -26.19 0.19
C MET B 182 33.59 -27.40 0.18
N THR B 183 33.17 -28.49 0.81
CA THR B 183 33.95 -29.72 0.77
C THR B 183 33.88 -30.40 -0.59
N MET B 184 32.82 -30.11 -1.37
CA MET B 184 32.73 -30.63 -2.73
C MET B 184 33.82 -30.04 -3.61
N VAL B 185 34.11 -28.75 -3.45
CA VAL B 185 35.19 -28.12 -4.20
C VAL B 185 36.55 -28.66 -3.76
N LEU B 186 36.71 -28.87 -2.45
CA LEU B 186 37.97 -29.42 -1.94
C LEU B 186 38.18 -30.85 -2.40
N THR B 187 37.10 -31.65 -2.42
CA THR B 187 37.20 -33.01 -2.95
C THR B 187 37.48 -33.00 -4.45
N ILE B 188 36.88 -32.05 -5.18
CA ILE B 188 37.18 -31.91 -6.60
C ILE B 188 38.62 -31.47 -6.81
N PHE B 189 39.10 -30.56 -5.96
CA PHE B 189 40.50 -30.13 -6.05
C PHE B 189 41.44 -31.26 -5.64
N ILE B 190 41.01 -32.09 -4.69
CA ILE B 190 41.81 -33.26 -4.30
C ILE B 190 41.90 -34.25 -5.44
N LYS B 191 40.77 -34.50 -6.12
CA LYS B 191 40.78 -35.40 -7.27
C LYS B 191 41.58 -34.81 -8.43
N TYR B 192 41.50 -33.49 -8.60
CA TYR B 192 42.31 -32.84 -9.64
C TYR B 192 43.80 -32.92 -9.30
N VAL B 193 44.15 -32.78 -8.02
CA VAL B 193 45.55 -32.90 -7.60
C VAL B 193 46.01 -34.34 -7.71
N LEU B 194 45.15 -35.29 -7.33
CA LEU B 194 45.51 -36.70 -7.40
C LEU B 194 45.69 -37.17 -8.84
N HIS B 195 44.81 -36.72 -9.73
CA HIS B 195 44.92 -37.09 -11.14
C HIS B 195 46.13 -36.45 -11.79
N SER B 196 46.42 -35.20 -11.43
CA SER B 196 47.60 -34.52 -12.00
C SER B 196 48.89 -35.14 -11.49
N VAL B 197 48.88 -35.64 -10.25
CA VAL B 197 50.04 -36.38 -9.73
C VAL B 197 50.22 -37.68 -10.51
N ASP B 198 49.12 -38.37 -10.81
CA ASP B 198 49.19 -39.58 -11.62
C ASP B 198 49.46 -39.25 -13.08
N LEU B 199 49.08 -38.05 -13.53
CA LEU B 199 49.34 -37.66 -14.91
C LEU B 199 50.83 -37.48 -15.17
N GLN B 200 51.55 -36.91 -14.22
CA GLN B 200 52.99 -36.68 -14.39
C GLN B 200 53.76 -38.00 -14.43
N SER B 201 53.39 -38.95 -13.57
CA SER B 201 54.06 -40.24 -13.54
C SER B 201 53.62 -41.09 -14.71
N GLU B 202 54.59 -41.63 -15.44
CA GLU B 202 54.31 -42.52 -16.57
C GLU B 202 54.28 -43.99 -16.13
N ASN B 203 53.47 -44.28 -15.12
CA ASN B 203 53.34 -45.62 -14.58
C ASN B 203 52.01 -45.72 -13.86
N PRO B 204 51.51 -46.93 -13.60
CA PRO B 204 50.24 -47.07 -12.88
C PRO B 204 50.42 -46.70 -11.41
N TRP B 205 49.51 -45.86 -10.91
CA TRP B 205 49.56 -45.40 -9.53
C TRP B 205 48.76 -46.38 -8.67
N ASP B 206 49.47 -47.23 -7.93
CA ASP B 206 48.80 -48.19 -7.07
C ASP B 206 48.13 -47.52 -5.89
N ASN B 207 48.69 -46.41 -5.40
CA ASN B 207 48.11 -45.70 -4.27
C ASN B 207 47.00 -44.73 -4.68
N LYS B 208 46.70 -44.62 -5.97
CA LYS B 208 45.62 -43.75 -6.42
C LYS B 208 44.27 -44.25 -5.93
N ALA B 209 44.06 -45.58 -5.97
CA ALA B 209 42.80 -46.14 -5.50
C ALA B 209 42.63 -45.97 -4.00
N VAL B 210 43.72 -46.09 -3.24
CA VAL B 210 43.65 -45.91 -1.79
C VAL B 210 43.37 -44.45 -1.44
N TYR B 211 44.00 -43.52 -2.17
CA TYR B 211 43.77 -42.10 -1.92
C TYR B 211 42.37 -41.68 -2.34
N MET B 212 41.87 -42.24 -3.44
CA MET B 212 40.51 -41.91 -3.89
C MET B 212 39.46 -42.48 -2.93
N LEU B 213 39.69 -43.70 -2.43
CA LEU B 213 38.74 -44.30 -1.48
C LEU B 213 38.74 -43.54 -0.16
N TYR B 214 39.91 -43.10 0.30
CA TYR B 214 39.98 -42.34 1.55
C TYR B 214 39.39 -40.95 1.38
N THR B 215 39.47 -40.37 0.19
CA THR B 215 38.88 -39.05 -0.06
C THR B 215 37.36 -39.10 0.04
N GLU B 216 36.76 -40.14 -0.57
CA GLU B 216 35.30 -40.28 -0.48
C GLU B 216 34.86 -40.65 0.93
N LEU B 217 35.69 -41.41 1.67
CA LEU B 217 35.38 -41.70 3.06
C LEU B 217 35.41 -40.44 3.91
N PHE B 218 36.37 -39.55 3.64
CA PHE B 218 36.40 -38.25 4.31
C PHE B 218 35.19 -37.41 3.92
N THR B 219 34.79 -37.46 2.65
CA THR B 219 33.62 -36.71 2.20
C THR B 219 32.33 -37.29 2.77
N GLY B 220 32.26 -38.62 2.91
CA GLY B 220 31.06 -39.25 3.42
C GLY B 220 30.78 -38.92 4.87
N PHE B 221 31.82 -38.95 5.71
CA PHE B 221 31.64 -38.63 7.13
C PHE B 221 31.37 -37.15 7.33
N ILE B 222 31.98 -36.30 6.52
CA ILE B 222 31.74 -34.85 6.62
C ILE B 222 30.33 -34.51 6.19
N LYS B 223 29.84 -35.16 5.12
CA LYS B 223 28.47 -34.92 4.66
C LYS B 223 27.46 -35.46 5.67
N VAL B 224 27.76 -36.60 6.29
CA VAL B 224 26.86 -37.17 7.29
C VAL B 224 26.78 -36.29 8.53
N LEU B 225 27.93 -35.76 8.97
CA LEU B 225 27.95 -34.88 10.14
C LEU B 225 27.25 -33.56 9.84
N LEU B 226 27.42 -33.02 8.63
CA LEU B 226 26.76 -31.78 8.27
C LEU B 226 25.27 -31.94 8.08
N TYR B 227 24.79 -33.16 7.83
CA TYR B 227 23.37 -33.41 7.67
C TYR B 227 22.69 -33.85 8.96
N MET B 228 23.41 -34.62 9.80
CA MET B 228 22.84 -35.04 11.08
C MET B 228 22.67 -33.85 12.02
N ALA B 229 23.65 -32.94 12.03
CA ALA B 229 23.51 -31.73 12.84
C ALA B 229 22.45 -30.80 12.29
N PHE B 230 22.31 -30.75 10.96
CA PHE B 230 21.26 -29.94 10.35
C PHE B 230 19.88 -30.51 10.64
N MET B 231 19.75 -31.83 10.62
CA MET B 231 18.46 -32.45 10.93
C MET B 231 18.10 -32.26 12.40
N THR B 232 19.09 -32.34 13.30
CA THR B 232 18.83 -32.12 14.71
C THR B 232 18.49 -30.66 14.99
N ILE B 233 19.13 -29.73 14.27
CA ILE B 233 18.83 -28.31 14.45
C ILE B 233 17.43 -27.99 13.93
N MET B 234 17.06 -28.59 12.79
CA MET B 234 15.73 -28.35 12.24
C MET B 234 14.65 -29.09 13.02
N ILE B 235 15.04 -30.11 13.79
CA ILE B 235 14.07 -30.80 14.64
C ILE B 235 13.59 -29.88 15.75
N LYS B 236 14.51 -29.13 16.35
CA LYS B 236 14.17 -28.17 17.40
C LYS B 236 13.90 -26.77 16.86
N VAL B 237 13.44 -26.67 15.62
CA VAL B 237 13.17 -25.39 14.99
C VAL B 237 11.66 -25.20 14.86
N HIS B 238 11.27 -24.01 14.40
CA HIS B 238 9.84 -23.71 14.26
C HIS B 238 9.20 -24.56 13.16
N THR B 239 9.94 -24.81 12.08
CA THR B 239 9.44 -25.60 10.96
C THR B 239 10.16 -26.93 10.87
N PHE B 240 9.58 -27.84 10.09
CA PHE B 240 10.19 -29.13 9.84
C PHE B 240 11.39 -28.99 8.92
N PRO B 241 12.29 -29.99 8.90
CA PRO B 241 13.47 -29.90 8.01
C PRO B 241 13.08 -29.90 6.54
N LEU B 242 12.42 -30.97 6.09
CA LEU B 242 11.94 -31.17 4.71
C LEU B 242 13.11 -30.90 3.74
N PHE B 243 12.97 -29.99 2.79
CA PHE B 243 14.07 -29.44 1.98
C PHE B 243 14.79 -30.50 1.15
N ALA B 244 16.08 -30.73 1.47
CA ALA B 244 16.94 -31.57 0.65
C ALA B 244 16.48 -33.02 0.61
N ILE B 245 16.51 -33.70 1.77
CA ILE B 245 16.06 -35.08 1.95
C ILE B 245 16.81 -36.04 1.03
N ARG B 246 16.54 -35.95 -0.28
CA ARG B 246 17.22 -36.81 -1.24
C ARG B 246 18.72 -36.60 -1.29
N PRO B 247 19.25 -35.37 -1.21
CA PRO B 247 20.72 -35.19 -1.21
C PRO B 247 21.41 -35.86 -0.03
N MET B 248 20.75 -35.92 1.13
CA MET B 248 21.32 -36.66 2.26
C MET B 248 21.29 -38.17 2.00
N TYR B 249 20.22 -38.66 1.36
CA TYR B 249 20.13 -40.07 1.04
C TYR B 249 21.13 -40.46 -0.05
N LEU B 250 21.35 -39.57 -1.02
CA LEU B 250 22.35 -39.82 -2.05
C LEU B 250 23.76 -39.83 -1.46
N ALA B 251 24.02 -38.94 -0.50
CA ALA B 251 25.31 -38.93 0.18
C ALA B 251 25.48 -40.17 1.04
N MET B 252 24.41 -40.61 1.71
CA MET B 252 24.48 -41.80 2.55
C MET B 252 24.67 -43.06 1.72
N ARG B 253 24.01 -43.14 0.56
CA ARG B 253 24.18 -44.29 -0.32
C ARG B 253 25.59 -44.35 -0.89
N GLN B 254 26.15 -43.19 -1.24
CA GLN B 254 27.53 -43.15 -1.72
C GLN B 254 28.51 -43.46 -0.59
N PHE B 255 28.21 -43.01 0.63
CA PHE B 255 29.07 -43.29 1.77
C PHE B 255 29.05 -44.77 2.13
N LYS B 256 27.87 -45.40 2.03
CA LYS B 256 27.77 -46.84 2.31
C LYS B 256 28.53 -47.65 1.27
N LYS B 257 28.46 -47.23 0.00
CA LYS B 257 29.24 -47.91 -1.04
C LYS B 257 30.74 -47.68 -0.83
N ALA B 258 31.12 -46.48 -0.40
CA ALA B 258 32.54 -46.20 -0.14
C ALA B 258 33.02 -46.95 1.08
N VAL B 259 32.17 -47.11 2.09
CA VAL B 259 32.56 -47.87 3.28
C VAL B 259 32.71 -49.35 2.97
N THR B 260 31.81 -49.89 2.14
CA THR B 260 31.88 -51.30 1.78
C THR B 260 33.06 -51.56 0.85
N ASP B 261 33.40 -50.59 0.00
CA ASP B 261 34.55 -50.75 -0.88
C ASP B 261 35.85 -50.75 -0.09
N ALA B 262 35.94 -49.91 0.94
CA ALA B 262 37.14 -49.87 1.77
C ALA B 262 37.27 -51.14 2.61
N ILE B 263 36.14 -51.71 3.05
CA ILE B 263 36.17 -52.95 3.80
C ILE B 263 36.59 -54.10 2.91
N MET B 264 36.12 -54.11 1.66
CA MET B 264 36.51 -55.14 0.71
C MET B 264 37.98 -55.03 0.34
N SER B 265 38.48 -53.80 0.18
CA SER B 265 39.89 -53.59 -0.13
C SER B 265 40.78 -53.98 1.03
N ARG B 266 40.36 -53.66 2.26
CA ARG B 266 41.16 -54.00 3.43
C ARG B 266 41.19 -55.50 3.68
N ARG B 267 40.07 -56.18 3.44
CA ARG B 267 40.00 -57.63 3.65
C ARG B 267 40.41 -58.38 2.39
N ALA C 33 -3.80 38.32 -13.16
CA ALA C 33 -2.45 37.80 -13.27
C ALA C 33 -2.30 36.53 -12.46
N LEU C 34 -1.38 35.66 -12.89
CA LEU C 34 -1.17 34.36 -12.26
C LEU C 34 -0.36 34.39 -10.96
N PRO C 35 0.90 34.93 -10.92
CA PRO C 35 1.75 34.61 -9.77
C PRO C 35 1.42 35.38 -8.49
N GLN C 36 1.02 36.65 -8.60
CA GLN C 36 0.73 37.47 -7.43
C GLN C 36 -0.76 37.56 -7.11
N LEU C 37 -1.62 37.63 -8.12
CA LEU C 37 -3.05 37.77 -7.91
C LEU C 37 -3.76 36.43 -7.74
N SER C 38 -3.02 35.36 -7.43
CA SER C 38 -3.62 34.04 -7.29
C SER C 38 -4.58 33.99 -6.12
N ASP C 39 -4.05 34.04 -4.88
CA ASP C 39 -4.81 34.50 -3.72
C ASP C 39 -3.82 35.08 -2.69
N ASP C 40 -3.49 36.35 -2.88
CA ASP C 40 -2.66 37.09 -1.94
C ASP C 40 -3.09 38.53 -1.79
N ILE C 41 -4.17 38.94 -2.45
CA ILE C 41 -4.55 40.36 -2.55
C ILE C 41 -5.76 40.57 -1.65
N PRO C 42 -5.63 41.29 -0.54
CA PRO C 42 -6.76 41.41 0.39
C PRO C 42 -7.77 42.43 -0.07
N PHE C 43 -9.04 42.08 0.08
CA PHE C 43 -10.15 42.96 -0.23
C PHE C 43 -10.96 43.19 1.03
N ARG C 44 -11.56 44.37 1.14
CA ARG C 44 -12.37 44.70 2.31
C ARG C 44 -13.67 45.35 1.85
N VAL C 45 -14.79 44.84 2.34
CA VAL C 45 -16.09 45.40 2.02
C VAL C 45 -16.44 46.45 3.07
N ASN C 46 -16.52 47.71 2.65
CA ASN C 46 -16.81 48.82 3.54
C ASN C 46 -18.12 49.47 3.12
N TRP C 47 -18.76 50.15 4.07
CA TRP C 47 -20.07 50.77 3.86
C TRP C 47 -19.98 52.24 4.21
N PRO C 48 -19.47 53.07 3.30
CA PRO C 48 -19.40 54.52 3.59
C PRO C 48 -20.72 55.25 3.43
N GLY C 49 -21.66 54.70 2.67
CA GLY C 49 -22.99 55.25 2.56
C GLY C 49 -23.24 55.96 1.24
N THR C 50 -24.42 56.58 1.17
CA THR C 50 -24.82 57.29 -0.04
C THR C 50 -23.96 58.53 -0.26
N GLU C 51 -23.67 59.27 0.81
CA GLU C 51 -22.84 60.46 0.73
C GLU C 51 -21.39 60.04 0.97
N PHE C 52 -20.71 59.63 -0.10
CA PHE C 52 -19.33 59.19 0.00
C PHE C 52 -18.57 59.63 -1.25
N SER C 53 -17.27 59.81 -1.08
CA SER C 53 -16.38 60.20 -2.17
C SER C 53 -15.32 59.12 -2.36
N LEU C 54 -15.10 58.71 -3.60
CA LEU C 54 -14.10 57.70 -3.89
C LEU C 54 -12.70 58.27 -3.65
N PRO C 55 -11.78 57.50 -3.07
CA PRO C 55 -10.44 58.03 -2.82
C PRO C 55 -9.67 58.22 -4.12
N THR C 56 -8.88 59.29 -4.17
CA THR C 56 -8.10 59.64 -5.35
C THR C 56 -6.63 59.27 -5.23
N THR C 57 -6.22 58.65 -4.13
CA THR C 57 -4.84 58.26 -3.91
C THR C 57 -4.79 56.80 -3.47
N GLY C 58 -3.74 56.10 -3.88
CA GLY C 58 -3.60 54.70 -3.56
C GLY C 58 -4.01 53.79 -4.71
N VAL C 59 -5.19 53.20 -4.61
CA VAL C 59 -5.69 52.32 -5.66
C VAL C 59 -6.52 53.15 -6.64
N LEU C 60 -6.69 52.60 -7.85
CA LEU C 60 -7.46 53.25 -8.89
C LEU C 60 -8.88 52.71 -8.93
N TYR C 61 -9.84 53.62 -9.06
CA TYR C 61 -11.26 53.27 -9.09
C TYR C 61 -11.89 53.79 -10.37
N LYS C 62 -12.80 53.00 -10.93
CA LYS C 62 -13.53 53.38 -12.13
C LYS C 62 -15.02 53.31 -11.85
N GLU C 63 -15.75 54.32 -12.34
CA GLU C 63 -17.20 54.38 -12.13
C GLU C 63 -17.93 53.27 -12.87
N ASP C 64 -17.34 52.70 -13.92
CA ASP C 64 -17.97 51.63 -14.67
C ASP C 64 -17.68 50.25 -14.09
N ASN C 65 -16.82 50.16 -13.07
CA ASN C 65 -16.56 48.90 -12.37
C ASN C 65 -17.47 48.87 -11.16
N TYR C 66 -18.64 48.26 -11.32
CA TYR C 66 -19.68 48.33 -10.31
C TYR C 66 -20.67 47.18 -10.47
N VAL C 67 -21.29 46.81 -9.36
CA VAL C 67 -22.38 45.84 -9.35
C VAL C 67 -23.50 46.36 -8.45
N ILE C 68 -24.75 46.18 -8.90
CA ILE C 68 -25.90 46.55 -8.10
C ILE C 68 -26.33 45.32 -7.30
N MET C 69 -26.46 45.47 -5.99
CA MET C 69 -26.77 44.34 -5.13
C MET C 69 -27.95 44.66 -4.23
N THR C 70 -28.79 43.65 -4.04
CA THR C 70 -30.03 43.76 -3.27
C THR C 70 -30.04 42.68 -2.20
N THR C 71 -30.37 43.08 -0.97
CA THR C 71 -30.47 42.13 0.13
C THR C 71 -31.80 41.40 0.08
N ALA C 72 -31.94 40.42 0.97
CA ALA C 72 -33.22 39.72 1.11
C ALA C 72 -34.30 40.62 1.69
N HIS C 73 -33.93 41.65 2.45
CA HIS C 73 -34.87 42.60 3.02
C HIS C 73 -35.18 43.76 2.08
N LYS C 74 -34.94 43.58 0.77
CA LYS C 74 -35.18 44.58 -0.27
C LYS C 74 -34.45 45.89 0.00
N GLU C 75 -33.20 45.79 0.44
CA GLU C 75 -32.35 46.96 0.65
C GLU C 75 -31.31 47.01 -0.45
N LYS C 76 -31.42 48.02 -1.32
CA LYS C 76 -30.65 48.09 -2.56
C LYS C 76 -29.34 48.81 -2.29
N TYR C 77 -28.23 48.18 -2.66
CA TYR C 77 -26.90 48.73 -2.43
C TYR C 77 -26.10 48.71 -3.72
N LYS C 78 -25.21 49.70 -3.85
CA LYS C 78 -24.32 49.82 -4.99
C LYS C 78 -22.88 49.66 -4.51
N CYS C 79 -22.17 48.67 -5.06
CA CYS C 79 -20.80 48.37 -4.65
C CYS C 79 -19.87 48.76 -5.77
N ILE C 80 -18.95 49.69 -5.49
CA ILE C 80 -17.98 50.16 -6.47
C ILE C 80 -16.71 49.35 -6.28
N LEU C 81 -16.32 48.62 -7.31
CA LEU C 81 -15.23 47.67 -7.21
C LEU C 81 -13.90 48.33 -7.52
N PRO C 82 -12.79 47.94 -6.89
CA PRO C 82 -11.51 48.58 -7.16
C PRO C 82 -10.70 47.86 -8.23
N LEU C 83 -10.05 48.65 -9.06
CA LEU C 83 -9.05 48.09 -9.96
C LEU C 83 -7.79 47.79 -9.18
N VAL C 84 -7.34 46.54 -9.26
CA VAL C 84 -6.22 46.05 -8.47
C VAL C 84 -4.94 46.61 -9.08
N THR C 85 -4.35 47.58 -8.38
CA THR C 85 -3.02 48.05 -8.76
C THR C 85 -1.96 47.44 -7.84
N SER C 86 -2.08 47.72 -6.54
CA SER C 86 -1.25 47.16 -5.47
C SER C 86 0.25 47.21 -5.75
N GLY C 87 0.71 48.19 -6.53
CA GLY C 87 2.05 48.20 -7.05
C GLY C 87 2.89 49.36 -6.53
N ASP C 88 4.08 49.48 -7.12
CA ASP C 88 5.07 50.52 -6.85
C ASP C 88 5.55 50.53 -5.40
N GLU C 89 6.44 51.47 -5.08
CA GLU C 89 6.99 51.61 -3.73
C GLU C 89 6.87 53.05 -3.27
N GLU C 90 5.75 53.69 -3.59
CA GLU C 90 5.51 55.09 -3.21
C GLU C 90 4.88 55.20 -1.82
N GLU C 91 5.52 54.57 -0.84
CA GLU C 91 5.06 54.61 0.54
C GLU C 91 5.76 55.69 1.37
N GLU C 92 6.57 56.53 0.72
CA GLU C 92 7.32 57.61 1.37
C GLU C 92 8.23 57.07 2.47
N LYS C 93 9.19 56.24 2.05
CA LYS C 93 10.12 55.62 2.98
C LYS C 93 11.06 56.66 3.56
N ASP C 94 10.84 57.03 4.82
CA ASP C 94 11.66 58.00 5.53
C ASP C 94 12.12 57.36 6.83
N TYR C 95 13.36 56.88 6.85
CA TYR C 95 13.93 56.20 8.00
C TYR C 95 15.15 56.99 8.48
N LYS C 96 14.97 57.71 9.59
CA LYS C 96 16.04 58.46 10.23
C LYS C 96 16.61 57.73 11.44
N GLY C 97 16.21 56.48 11.67
CA GLY C 97 16.65 55.73 12.82
C GLY C 97 18.04 55.15 12.63
N PRO C 98 18.46 54.38 13.63
CA PRO C 98 19.81 53.79 13.57
C PRO C 98 19.87 52.62 12.61
N ASN C 99 21.09 52.09 12.44
CA ASN C 99 21.33 50.98 11.54
C ASN C 99 20.75 49.70 12.12
N PRO C 100 20.55 48.68 11.26
CA PRO C 100 20.02 47.40 11.76
C PRO C 100 20.92 46.71 12.77
N ARG C 101 22.23 46.95 12.73
CA ARG C 101 23.14 46.35 13.70
C ARG C 101 23.01 47.01 15.08
N GLU C 102 22.45 48.21 15.16
CA GLU C 102 22.31 48.89 16.45
C GLU C 102 21.27 48.21 17.33
N LEU C 103 20.18 47.71 16.72
CA LEU C 103 19.15 47.03 17.49
C LEU C 103 19.64 45.67 17.98
N LEU C 104 20.46 44.98 17.17
CA LEU C 104 20.97 43.67 17.56
C LEU C 104 22.07 43.76 18.61
N GLU C 105 22.58 44.95 18.91
CA GLU C 105 23.55 45.12 19.98
C GLU C 105 22.99 44.72 21.34
N PRO C 106 21.77 45.11 21.71
CA PRO C 106 21.20 44.60 22.97
C PRO C 106 20.98 43.10 22.99
N LEU C 107 20.70 42.49 21.83
CA LEU C 107 20.56 41.04 21.78
C LEU C 107 21.88 40.34 22.04
N PHE C 108 22.98 40.86 21.46
CA PHE C 108 24.28 40.23 21.67
C PHE C 108 24.80 40.48 23.08
N LYS C 109 24.57 41.67 23.62
CA LYS C 109 25.07 42.00 24.95
C LYS C 109 24.30 41.30 26.06
N GLN C 110 23.05 40.87 25.79
CA GLN C 110 22.28 40.18 26.81
C GLN C 110 22.81 38.78 27.08
N SER C 111 23.35 38.13 26.05
CA SER C 111 23.93 36.78 26.14
C SER C 111 22.94 35.73 26.61
N SER C 112 21.65 35.97 26.35
CA SER C 112 20.60 34.98 26.59
C SER C 112 20.17 34.45 25.22
N CYS C 113 20.85 33.41 24.77
CA CYS C 113 20.78 33.01 23.38
C CYS C 113 20.13 31.65 23.20
N SER C 114 19.48 31.46 22.06
CA SER C 114 18.48 30.42 21.86
C SER C 114 19.09 29.06 21.55
N TYR C 115 18.26 28.03 21.67
CA TYR C 115 18.60 26.65 21.35
C TYR C 115 17.66 26.15 20.27
N ARG C 116 17.94 24.95 19.74
CA ARG C 116 17.05 24.31 18.79
C ARG C 116 17.25 22.81 18.90
N ILE C 117 16.14 22.06 18.96
CA ILE C 117 16.17 20.62 19.14
C ILE C 117 15.50 19.95 17.95
N GLU C 118 16.17 18.94 17.39
CA GLU C 118 15.80 18.22 16.16
C GLU C 118 15.52 16.77 16.48
N SER C 119 15.47 15.96 15.42
CA SER C 119 15.45 14.51 15.56
C SER C 119 16.61 14.02 16.41
N TYR C 120 17.86 14.20 15.97
CA TYR C 120 18.99 13.65 16.70
C TYR C 120 20.00 14.71 17.12
N TRP C 121 20.31 15.63 16.21
CA TRP C 121 21.22 16.70 16.55
C TRP C 121 20.52 17.90 17.20
N THR C 122 21.27 18.85 17.71
CA THR C 122 20.77 20.08 18.34
C THR C 122 21.71 21.23 18.01
N TYR C 123 21.40 22.04 16.99
CA TYR C 123 22.18 23.26 16.81
C TYR C 123 21.80 24.32 17.84
N GLU C 124 22.81 25.05 18.30
CA GLU C 124 22.65 26.15 19.23
C GLU C 124 23.41 27.35 18.68
N VAL C 125 22.68 28.38 18.26
CA VAL C 125 23.28 29.62 17.78
C VAL C 125 23.34 30.55 18.98
N CYS C 126 24.44 31.28 19.11
CA CYS C 126 24.52 32.27 20.16
C CYS C 126 24.87 33.62 19.56
N HIS C 127 24.08 34.63 19.91
CA HIS C 127 23.99 35.85 19.12
C HIS C 127 25.26 36.68 19.27
N GLY C 128 26.10 36.64 18.23
CA GLY C 128 27.28 37.49 18.15
C GLY C 128 28.56 36.90 18.67
N LYS C 129 28.53 35.74 19.33
CA LYS C 129 29.73 35.17 19.93
C LYS C 129 30.14 33.85 19.29
N HIS C 130 29.26 32.85 19.29
CA HIS C 130 29.61 31.52 18.81
C HIS C 130 28.33 30.86 18.28
N ILE C 131 28.52 29.81 17.48
CA ILE C 131 27.43 28.94 17.07
C ILE C 131 27.89 27.51 17.30
N ARG C 132 27.06 26.70 17.97
CA ARG C 132 27.44 25.35 18.36
C ARG C 132 26.38 24.35 17.92
N GLN C 133 26.84 23.16 17.57
CA GLN C 133 25.93 22.08 17.20
C GLN C 133 26.46 20.88 17.94
N TYR C 134 25.60 20.11 18.59
CA TYR C 134 26.04 18.99 19.39
C TYR C 134 24.88 18.05 19.67
N HIS C 135 25.21 16.81 20.04
CA HIS C 135 24.28 15.90 20.69
C HIS C 135 25.09 15.19 21.77
N GLU C 136 24.60 15.24 23.01
CA GLU C 136 25.31 14.66 24.13
C GLU C 136 25.23 13.14 24.08
N GLU C 137 26.38 12.48 24.14
CA GLU C 137 26.44 11.02 24.11
C GLU C 137 25.92 10.48 25.43
N LYS C 138 25.01 9.50 25.35
CA LYS C 138 24.39 8.93 26.54
C LYS C 138 24.33 7.41 26.44
N GLU C 139 24.97 6.74 27.38
CA GLU C 139 24.82 5.31 27.57
C GLU C 139 23.65 5.06 28.50
N THR C 140 23.52 3.85 29.03
CA THR C 140 22.46 3.53 29.99
C THR C 140 22.76 4.22 31.33
N GLY C 141 22.59 5.54 31.33
CA GLY C 141 22.89 6.36 32.49
C GLY C 141 24.37 6.43 32.83
N GLN C 142 25.24 6.17 31.86
CA GLN C 142 26.68 6.10 32.16
C GLN C 142 27.49 7.15 31.43
N LYS C 143 27.36 7.23 30.11
CA LYS C 143 28.22 8.10 29.32
C LYS C 143 27.83 9.57 29.48
N ILE C 144 28.83 10.44 29.51
CA ILE C 144 28.61 11.87 29.71
C ILE C 144 29.39 12.66 28.66
N ASN C 145 29.88 11.98 27.63
CA ASN C 145 30.64 12.66 26.59
C ASN C 145 29.69 13.36 25.62
N ILE C 146 30.26 14.11 24.69
CA ILE C 146 29.49 14.97 23.78
C ILE C 146 30.09 14.88 22.39
N HIS C 147 29.23 14.88 21.37
CA HIS C 147 29.66 15.13 20.00
C HIS C 147 29.96 16.61 19.86
N GLU C 148 31.21 16.98 20.04
CA GLU C 148 31.61 18.39 20.02
C GLU C 148 31.91 18.82 18.59
N TYR C 149 31.15 19.82 18.13
CA TYR C 149 31.27 20.36 16.79
C TYR C 149 30.93 21.85 16.78
N TYR C 150 31.93 22.70 16.59
CA TYR C 150 31.67 24.13 16.46
C TYR C 150 31.02 24.42 15.11
N LEU C 151 30.42 25.61 15.01
CA LEU C 151 29.88 26.09 13.75
C LEU C 151 30.50 27.40 13.29
N GLY C 152 31.14 28.14 14.20
CA GLY C 152 31.76 29.39 13.84
C GLY C 152 31.89 30.33 15.02
N ASN C 153 33.00 31.07 15.08
CA ASN C 153 33.22 32.04 16.13
C ASN C 153 33.31 33.43 15.52
N MET C 154 32.49 34.35 16.04
CA MET C 154 32.57 35.76 15.69
C MET C 154 33.55 36.39 16.67
N LEU C 155 34.84 36.16 16.42
CA LEU C 155 35.89 36.54 17.35
C LEU C 155 36.05 38.06 17.40
N SER C 173 26.06 49.05 -0.95
CA SER C 173 24.95 48.13 -0.72
C SER C 173 23.74 48.96 -0.32
N ASN C 174 23.00 49.45 -1.31
CA ASN C 174 21.77 50.19 -1.07
C ASN C 174 20.52 49.32 -1.14
N GLU C 175 20.65 48.07 -1.53
CA GLU C 175 19.53 47.14 -1.64
C GLU C 175 19.65 46.10 -0.53
N ILE C 176 18.64 46.01 0.31
CA ILE C 176 18.65 45.03 1.40
C ILE C 176 18.35 43.65 0.85
N PRO C 177 19.19 42.65 1.12
CA PRO C 177 18.93 41.30 0.59
C PRO C 177 17.67 40.68 1.18
N THR C 178 16.99 39.87 0.36
CA THR C 178 15.75 39.22 0.75
C THR C 178 15.89 37.72 0.56
N LYS C 179 15.23 36.97 1.43
CA LYS C 179 15.25 35.51 1.38
C LYS C 179 13.84 34.97 1.24
N ASN C 180 13.67 34.04 0.30
CA ASN C 180 12.37 33.42 0.04
C ASN C 180 12.05 32.47 1.19
N ILE C 181 11.32 32.96 2.19
CA ILE C 181 10.92 32.15 3.33
C ILE C 181 9.59 31.47 2.99
N GLU C 182 9.64 30.16 2.78
CA GLU C 182 8.46 29.33 2.47
C GLU C 182 7.75 29.79 1.20
N GLY C 183 8.51 30.31 0.23
CA GLY C 183 7.95 30.77 -1.02
C GLY C 183 7.54 32.24 -1.04
N GLN C 184 7.59 32.93 0.10
CA GLN C 184 7.25 34.34 0.19
C GLN C 184 8.51 35.15 0.46
N MET C 185 8.71 36.20 -0.32
CA MET C 185 9.91 37.03 -0.18
C MET C 185 9.86 37.80 1.14
N THR C 186 11.01 37.87 1.82
CA THR C 186 11.13 38.45 3.13
C THR C 186 12.55 38.97 3.31
N PRO C 187 12.72 40.23 3.71
CA PRO C 187 14.08 40.77 3.87
C PRO C 187 14.76 40.26 5.13
N TYR C 188 16.07 40.45 5.18
CA TYR C 188 16.89 39.94 6.27
C TYR C 188 18.17 40.76 6.37
N TYR C 189 18.90 40.54 7.46
CA TYR C 189 20.21 41.14 7.66
C TYR C 189 21.23 40.02 7.88
N PRO C 190 22.28 39.93 7.07
CA PRO C 190 23.25 38.84 7.23
C PRO C 190 24.45 39.21 8.09
N VAL C 191 25.02 38.22 8.77
CA VAL C 191 26.31 38.35 9.46
C VAL C 191 27.01 37.00 9.39
N GLY C 192 28.26 37.02 8.93
CA GLY C 192 29.02 35.79 8.69
C GLY C 192 29.99 35.50 9.83
N MET C 193 30.15 34.21 10.12
CA MET C 193 31.08 33.77 11.15
C MET C 193 31.62 32.41 10.75
N GLY C 194 32.95 32.31 10.63
CA GLY C 194 33.61 31.08 10.25
C GLY C 194 34.57 30.62 11.32
N ASN C 195 35.62 29.93 10.88
CA ASN C 195 36.70 29.42 11.74
C ASN C 195 36.17 28.51 12.84
N GLY C 196 35.25 27.62 12.48
CA GLY C 196 34.72 26.63 13.38
C GLY C 196 35.55 25.37 13.41
N THR C 197 34.92 24.28 13.81
CA THR C 197 35.57 22.97 13.74
C THR C 197 35.85 22.62 12.27
N PRO C 198 37.04 22.12 11.95
CA PRO C 198 37.41 21.97 10.54
C PRO C 198 36.61 20.88 9.85
N CYS C 199 36.34 21.11 8.57
CA CYS C 199 35.52 20.21 7.75
C CYS C 199 36.41 19.10 7.22
N SER C 200 36.03 17.86 7.50
CA SER C 200 36.84 16.72 7.08
C SER C 200 36.71 16.48 5.58
N LEU C 201 35.54 16.78 5.00
CA LEU C 201 35.24 16.50 3.61
C LEU C 201 35.54 17.66 2.67
N LYS C 202 36.14 18.74 3.18
CA LYS C 202 36.36 19.92 2.34
C LYS C 202 37.80 20.40 2.50
N GLN C 203 38.76 19.47 2.36
CA GLN C 203 40.19 19.81 2.27
C GLN C 203 40.69 20.51 3.53
N ASN C 204 40.28 19.97 4.70
CA ASN C 204 40.50 20.50 6.05
C ASN C 204 40.36 22.01 6.14
N ARG C 205 39.21 22.52 5.68
CA ARG C 205 38.89 23.94 5.70
C ARG C 205 37.95 24.20 6.87
N PRO C 206 38.04 25.34 7.55
CA PRO C 206 37.15 25.61 8.68
C PRO C 206 35.69 25.77 8.28
N ARG C 207 34.81 25.46 9.23
CA ARG C 207 33.37 25.52 8.99
C ARG C 207 32.90 26.96 9.10
N SER C 208 32.17 27.42 8.09
CA SER C 208 31.66 28.78 8.04
C SER C 208 30.14 28.78 8.18
N SER C 209 29.62 29.81 8.84
CA SER C 209 28.20 29.93 9.09
C SER C 209 27.75 31.37 8.85
N THR C 210 26.47 31.51 8.54
CA THR C 210 25.83 32.81 8.35
C THR C 210 24.57 32.87 9.21
N VAL C 211 24.31 34.01 9.81
CA VAL C 211 23.19 34.20 10.72
C VAL C 211 22.22 35.17 10.06
N MET C 212 20.95 34.77 9.97
CA MET C 212 19.91 35.56 9.31
C MET C 212 18.87 36.01 10.34
N TYR C 213 18.62 37.32 10.39
CA TYR C 213 17.60 37.88 11.25
C TYR C 213 16.39 38.28 10.39
N ILE C 214 15.22 37.78 10.77
CA ILE C 214 13.96 38.10 10.10
C ILE C 214 12.97 38.58 11.15
N CYS C 215 12.32 39.71 10.89
CA CYS C 215 11.40 40.30 11.84
C CYS C 215 10.17 39.43 12.04
N HIS C 216 9.77 39.26 13.30
CA HIS C 216 8.56 38.56 13.68
C HIS C 216 8.07 39.14 15.01
N PRO C 217 6.99 39.92 14.99
CA PRO C 217 6.58 40.63 16.22
C PRO C 217 6.12 39.72 17.34
N GLU C 218 5.67 38.50 17.03
CA GLU C 218 5.19 37.57 18.05
C GLU C 218 6.26 36.58 18.50
N SER C 219 7.47 36.67 17.96
CA SER C 219 8.53 35.74 18.32
C SER C 219 9.34 36.27 19.51
N LYS C 220 10.20 35.40 20.04
CA LYS C 220 11.01 35.70 21.21
C LYS C 220 12.46 35.29 20.97
N HIS C 221 13.01 35.69 19.81
CA HIS C 221 14.38 35.41 19.41
C HIS C 221 14.66 33.89 19.38
N GLU C 222 13.91 33.20 18.53
CA GLU C 222 13.99 31.76 18.41
C GLU C 222 14.49 31.38 17.02
N ILE C 223 15.10 30.20 16.92
CA ILE C 223 15.64 29.70 15.66
C ILE C 223 14.48 29.11 14.85
N LEU C 224 14.28 29.63 13.65
CA LEU C 224 13.20 29.12 12.80
C LEU C 224 13.55 27.78 12.19
N SER C 225 14.60 27.75 11.36
CA SER C 225 14.99 26.53 10.69
C SER C 225 16.46 26.60 10.32
N VAL C 226 17.14 25.46 10.40
CA VAL C 226 18.55 25.33 10.08
C VAL C 226 18.69 24.37 8.90
N ALA C 227 19.47 24.78 7.91
CA ALA C 227 19.71 23.98 6.72
C ALA C 227 21.16 24.15 6.29
N GLU C 228 21.53 23.44 5.25
CA GLU C 228 22.87 23.48 4.68
C GLU C 228 22.78 23.83 3.19
N VAL C 229 23.61 24.78 2.77
CA VAL C 229 23.75 25.06 1.35
C VAL C 229 24.74 24.08 0.71
N THR C 230 25.98 24.10 1.20
CA THR C 230 26.95 23.05 0.94
C THR C 230 27.43 22.48 2.26
N THR C 231 28.19 21.38 2.19
CA THR C 231 28.69 20.74 3.39
C THR C 231 29.63 21.66 4.15
N CYS C 232 29.45 21.71 5.48
CA CYS C 232 30.15 22.64 6.35
C CYS C 232 29.97 24.09 5.89
N GLU C 233 28.74 24.42 5.51
CA GLU C 233 28.32 25.76 5.14
C GLU C 233 26.84 25.89 5.49
N TYR C 234 26.52 26.88 6.32
CA TYR C 234 25.26 26.88 7.05
C TYR C 234 24.60 28.25 6.97
N GLU C 235 23.29 28.25 7.24
CA GLU C 235 22.55 29.48 7.46
C GLU C 235 21.48 29.19 8.51
N VAL C 236 21.20 30.18 9.36
CA VAL C 236 20.19 30.06 10.40
C VAL C 236 19.31 31.30 10.35
N VAL C 237 18.00 31.09 10.28
CA VAL C 237 17.04 32.19 10.23
C VAL C 237 16.54 32.41 11.66
N ILE C 238 16.68 33.64 12.15
CA ILE C 238 16.31 33.99 13.52
C ILE C 238 15.09 34.90 13.45
N LEU C 239 14.01 34.49 14.10
CA LEU C 239 12.80 35.30 14.20
C LEU C 239 12.85 36.09 15.52
N THR C 240 13.13 37.39 15.43
CA THR C 240 13.16 38.22 16.62
C THR C 240 12.49 39.56 16.31
N PRO C 241 11.86 40.19 17.30
CA PRO C 241 11.11 41.43 17.02
C PRO C 241 11.86 42.72 17.32
N LEU C 242 13.15 42.67 17.69
CA LEU C 242 13.84 43.90 18.08
C LEU C 242 14.06 44.84 16.89
N LEU C 243 14.32 44.29 15.71
CA LEU C 243 14.55 45.10 14.52
C LEU C 243 13.29 45.29 13.68
N CYS C 244 12.11 45.07 14.26
CA CYS C 244 10.86 45.25 13.52
C CYS C 244 10.57 46.72 13.25
N SER C 245 11.20 47.62 14.02
CA SER C 245 10.92 49.05 13.89
C SER C 245 11.39 49.60 12.54
N HIS C 246 12.35 48.93 11.91
CA HIS C 246 12.83 49.34 10.59
C HIS C 246 11.74 49.12 9.54
N PRO C 247 11.33 50.16 8.82
CA PRO C 247 10.24 49.98 7.82
C PRO C 247 10.59 49.01 6.70
N LYS C 248 11.84 48.98 6.25
CA LYS C 248 12.21 48.07 5.17
C LYS C 248 12.28 46.63 5.66
N TYR C 249 12.81 46.41 6.87
CA TYR C 249 12.88 45.07 7.43
C TYR C 249 11.54 44.57 7.94
N ARG C 250 10.54 45.45 8.07
CA ARG C 250 9.27 45.07 8.67
C ARG C 250 8.52 44.08 7.78
N PHE C 251 7.52 43.43 8.38
CA PHE C 251 6.72 42.43 7.69
C PHE C 251 5.94 43.09 6.55
N ARG C 252 6.30 42.73 5.32
CA ARG C 252 5.65 43.33 4.17
C ARG C 252 4.20 42.89 4.08
N ALA C 253 3.32 43.85 3.82
CA ALA C 253 1.89 43.60 3.75
C ALA C 253 1.36 44.09 2.40
N SER C 254 0.59 43.24 1.73
CA SER C 254 -0.09 43.65 0.52
C SER C 254 -1.13 44.72 0.87
N PRO C 255 -1.29 45.74 0.02
CA PRO C 255 -2.28 46.77 0.32
C PRO C 255 -3.69 46.25 0.14
N VAL C 256 -4.57 46.65 1.05
CA VAL C 256 -5.95 46.16 1.03
C VAL C 256 -6.68 46.90 -0.07
N ASN C 257 -7.23 46.15 -1.02
CA ASN C 257 -8.04 46.76 -2.08
C ASN C 257 -9.48 46.81 -1.59
N ASP C 258 -9.78 47.80 -0.75
CA ASP C 258 -11.08 47.87 -0.11
C ASP C 258 -12.17 48.22 -1.10
N ILE C 259 -13.39 47.77 -0.82
CA ILE C 259 -14.52 47.92 -1.72
C ILE C 259 -15.54 48.82 -1.04
N PHE C 260 -15.95 49.90 -1.72
CA PHE C 260 -17.00 50.77 -1.23
C PHE C 260 -18.34 50.24 -1.71
N CYS C 261 -19.15 49.73 -0.78
CA CYS C 261 -20.53 49.35 -1.05
C CYS C 261 -21.42 50.48 -0.57
N GLN C 262 -21.60 51.48 -1.44
CA GLN C 262 -22.43 52.63 -1.14
C GLN C 262 -23.88 52.23 -1.03
N SER C 263 -24.64 53.00 -0.26
CA SER C 263 -26.08 52.78 -0.13
C SER C 263 -26.79 53.53 -1.24
N LEU C 264 -27.54 52.80 -2.05
CA LEU C 264 -28.40 53.44 -3.04
C LEU C 264 -29.48 54.24 -2.32
N PRO C 265 -29.82 55.46 -2.79
CA PRO C 265 -30.71 56.36 -2.03
C PRO C 265 -32.04 55.76 -1.58
N GLY C 266 -32.23 55.71 -0.26
CA GLY C 266 -33.42 55.13 0.32
C GLY C 266 -33.10 54.05 1.33
N SER C 267 -32.07 53.28 1.06
CA SER C 267 -31.66 52.18 1.92
C SER C 267 -30.86 52.72 3.10
N PRO C 268 -30.78 51.96 4.20
CA PRO C 268 -29.92 52.37 5.33
C PRO C 268 -28.43 52.35 4.99
N PHE C 269 -27.61 52.83 5.92
CA PHE C 269 -26.18 52.95 5.69
C PHE C 269 -25.48 51.61 5.58
N LYS C 270 -26.01 50.57 6.25
CA LYS C 270 -25.43 49.25 6.29
C LYS C 270 -26.58 48.27 6.51
N PRO C 271 -26.55 47.08 5.86
CA PRO C 271 -27.68 46.16 5.91
C PRO C 271 -28.07 45.70 7.31
N LEU C 272 -29.37 45.42 7.49
CA LEU C 272 -29.90 45.16 8.82
C LEU C 272 -29.37 43.85 9.40
N THR C 273 -29.25 42.81 8.57
CA THR C 273 -28.79 41.52 9.09
C THR C 273 -27.31 41.57 9.43
N LEU C 274 -26.55 42.42 8.75
CA LEU C 274 -25.17 42.66 9.15
C LEU C 274 -25.11 43.39 10.49
N ARG C 275 -25.96 44.40 10.68
CA ARG C 275 -25.96 45.17 11.92
C ARG C 275 -26.33 44.30 13.11
N GLN C 276 -27.27 43.37 12.92
CA GLN C 276 -27.57 42.41 13.97
C GLN C 276 -26.43 41.41 14.15
N LEU C 277 -25.65 41.18 13.10
CA LEU C 277 -24.51 40.25 13.22
C LEU C 277 -23.36 40.89 13.99
N GLU C 278 -23.09 42.18 13.74
CA GLU C 278 -22.02 42.85 14.47
C GLU C 278 -22.37 43.00 15.95
N GLN C 279 -23.67 43.11 16.26
CA GLN C 279 -24.09 43.29 17.64
C GLN C 279 -23.85 42.04 18.46
N GLN C 280 -24.14 40.86 17.88
CA GLN C 280 -23.94 39.61 18.60
C GLN C 280 -22.46 39.33 18.84
N GLU C 281 -21.62 39.69 17.86
CA GLU C 281 -20.20 39.36 17.98
C GLU C 281 -19.51 40.24 19.01
N GLU C 282 -19.92 41.50 19.12
CA GLU C 282 -19.42 42.35 20.19
C GLU C 282 -19.90 41.86 21.55
N ILE C 283 -21.07 41.21 21.56
CA ILE C 283 -21.60 40.62 22.79
C ILE C 283 -20.83 39.34 23.13
N LEU C 284 -20.51 38.54 22.11
CA LEU C 284 -19.82 37.28 22.34
C LEU C 284 -18.35 37.49 22.70
N ARG C 285 -17.79 38.64 22.30
CA ARG C 285 -16.34 38.79 22.39
C ARG C 285 -15.90 39.27 23.76
N VAL C 286 -16.56 40.30 24.29
CA VAL C 286 -16.02 41.07 25.40
C VAL C 286 -16.22 40.34 26.74
N PRO C 287 -17.35 39.66 26.99
CA PRO C 287 -17.34 38.69 28.10
C PRO C 287 -16.27 37.61 27.96
N PHE C 288 -15.99 37.16 26.75
CA PHE C 288 -14.99 36.11 26.53
C PHE C 288 -13.57 36.64 26.70
N ALA D 1 12.27 3.64 18.48
CA ALA D 1 12.20 4.44 19.69
C ALA D 1 12.33 5.92 19.38
N ASN D 2 11.51 6.39 18.48
CA ASN D 2 11.59 7.78 18.09
C ASN D 2 10.26 8.49 18.31
N ALA D 3 10.12 9.69 17.81
CA ALA D 3 8.91 10.51 17.94
C ALA D 3 8.43 10.63 19.39
N ARG E 1 -51.23 35.75 -12.22
CA ARG E 1 -51.54 35.19 -10.92
C ARG E 1 -51.93 33.72 -11.03
N ARG E 2 -52.60 33.38 -12.14
CA ARG E 2 -52.96 31.98 -12.37
C ARG E 2 -51.73 31.12 -12.66
N GLN E 3 -50.67 31.74 -13.21
CA GLN E 3 -49.43 31.01 -13.43
C GLN E 3 -48.73 30.69 -12.11
N MET E 4 -48.83 31.61 -11.13
CA MET E 4 -48.18 31.40 -9.84
C MET E 4 -48.79 30.23 -9.09
N GLN E 5 -50.11 30.08 -9.16
CA GLN E 5 -50.77 28.95 -8.52
C GLN E 5 -50.38 27.64 -9.20
N GLU E 6 -50.27 27.65 -10.53
CA GLU E 6 -49.90 26.45 -11.26
C GLU E 6 -48.43 26.10 -11.04
N ALA E 7 -47.56 27.11 -11.00
CA ALA E 7 -46.13 26.86 -10.82
C ALA E 7 -45.84 26.31 -9.43
N GLU E 8 -46.51 26.84 -8.41
CA GLU E 8 -46.33 26.32 -7.05
C GLU E 8 -46.84 24.88 -6.95
N MET E 9 -47.96 24.58 -7.61
CA MET E 9 -48.45 23.21 -7.66
C MET E 9 -47.50 22.31 -8.44
N MET E 10 -46.89 22.86 -9.51
CA MET E 10 -45.91 22.09 -10.27
C MET E 10 -44.65 21.82 -9.46
N TYR E 11 -44.28 22.76 -8.59
CA TYR E 11 -43.11 22.56 -7.74
C TYR E 11 -43.37 21.51 -6.66
N GLN E 12 -44.55 21.57 -6.03
CA GLN E 12 -44.87 20.62 -4.97
C GLN E 12 -45.08 19.22 -5.50
N THR E 13 -45.53 19.08 -6.76
CA THR E 13 -45.65 17.77 -7.37
C THR E 13 -44.27 17.14 -7.57
N GLY E 14 -43.27 17.94 -7.90
CA GLY E 14 -41.92 17.42 -8.03
C GLY E 14 -41.21 17.29 -6.69
N MET E 15 -41.52 18.17 -5.74
CA MET E 15 -40.86 18.11 -4.44
C MET E 15 -41.28 16.88 -3.66
N LYS E 16 -42.54 16.45 -3.83
CA LYS E 16 -42.99 15.21 -3.20
C LYS E 16 -42.30 14.00 -3.80
N ILE E 17 -42.10 14.00 -5.12
CA ILE E 17 -41.44 12.89 -5.79
C ILE E 17 -39.96 12.85 -5.43
N LEU E 18 -39.35 14.02 -5.21
CA LEU E 18 -37.92 14.07 -4.92
C LEU E 18 -37.59 13.45 -3.56
N ASN E 19 -38.45 13.70 -2.56
CA ASN E 19 -38.16 13.22 -1.22
C ASN E 19 -38.43 11.72 -1.05
N GLY E 20 -39.44 11.18 -1.74
CA GLY E 20 -39.87 9.82 -1.49
C GLY E 20 -39.21 8.74 -2.33
N SER E 21 -38.56 9.10 -3.44
CA SER E 21 -37.94 8.11 -4.31
C SER E 21 -36.49 8.49 -4.55
N ASN E 22 -35.57 7.57 -4.29
CA ASN E 22 -34.15 7.79 -4.43
C ASN E 22 -33.59 7.32 -5.77
N LYS E 23 -34.44 6.84 -6.68
CA LYS E 23 -33.97 6.37 -7.96
C LYS E 23 -33.48 7.54 -8.81
N LYS E 24 -32.43 7.28 -9.60
CA LYS E 24 -31.87 8.33 -10.47
C LYS E 24 -32.87 8.75 -11.53
N SER E 25 -33.64 7.79 -12.07
CA SER E 25 -34.69 8.15 -13.01
C SER E 25 -35.83 8.90 -12.32
N GLN E 26 -36.17 8.49 -11.09
CA GLN E 26 -37.27 9.12 -10.36
C GLN E 26 -36.90 10.53 -9.91
N LYS E 27 -35.64 10.72 -9.47
CA LYS E 27 -35.18 12.05 -9.09
C LYS E 27 -35.15 12.99 -10.28
N ARG E 28 -34.75 12.49 -11.45
CA ARG E 28 -34.71 13.35 -12.65
C ARG E 28 -36.10 13.67 -13.17
N GLU E 29 -37.11 12.85 -12.84
CA GLU E 29 -38.48 13.22 -13.19
C GLU E 29 -39.09 14.14 -12.14
N ALA E 30 -38.54 14.13 -10.92
CA ALA E 30 -38.87 15.17 -9.96
C ALA E 30 -38.36 16.53 -10.43
N TYR E 31 -37.14 16.57 -10.97
CA TYR E 31 -36.58 17.80 -11.49
C TYR E 31 -37.21 18.20 -12.83
N ARG E 32 -37.99 17.31 -13.45
CA ARG E 32 -38.72 17.70 -14.65
C ARG E 32 -39.90 18.59 -14.30
N TYR E 33 -40.39 18.48 -13.06
CA TYR E 33 -41.46 19.37 -12.60
C TYR E 33 -40.89 20.65 -12.03
N LEU E 34 -39.74 20.57 -11.36
CA LEU E 34 -39.06 21.76 -10.86
C LEU E 34 -38.60 22.67 -11.98
N GLN E 35 -38.12 22.08 -13.08
CA GLN E 35 -37.68 22.88 -14.22
C GLN E 35 -38.84 23.62 -14.88
N LYS E 36 -40.04 23.02 -14.84
CA LYS E 36 -41.21 23.68 -15.38
C LYS E 36 -41.58 24.91 -14.55
N ALA E 37 -41.43 24.83 -13.22
CA ALA E 37 -41.70 25.97 -12.38
C ALA E 37 -40.61 27.03 -12.52
N ALA E 38 -39.40 26.61 -12.90
CA ALA E 38 -38.31 27.55 -13.12
C ALA E 38 -38.60 28.47 -14.30
N SER E 39 -39.24 27.92 -15.33
CA SER E 39 -39.61 28.74 -16.49
C SER E 39 -40.69 29.76 -16.12
N MET E 40 -41.48 29.46 -15.10
CA MET E 40 -42.53 30.37 -14.63
C MET E 40 -42.04 31.31 -13.54
N ASN E 41 -40.71 31.41 -13.35
CA ASN E 41 -40.07 32.30 -12.37
C ASN E 41 -40.56 32.03 -10.94
N HIS E 42 -40.80 30.77 -10.63
CA HIS E 42 -41.02 30.38 -9.25
C HIS E 42 -39.71 30.50 -8.49
N THR E 43 -39.72 31.21 -7.36
CA THR E 43 -38.49 31.55 -6.66
C THR E 43 -37.79 30.32 -6.10
N LYS E 44 -38.46 29.58 -5.20
CA LYS E 44 -37.82 28.44 -4.55
C LYS E 44 -37.51 27.31 -5.53
N ALA E 45 -38.11 27.31 -6.72
CA ALA E 45 -37.71 26.34 -7.74
C ALA E 45 -36.44 26.77 -8.43
N LEU E 46 -36.21 28.08 -8.55
CA LEU E 46 -35.01 28.59 -9.23
C LEU E 46 -33.74 28.26 -8.44
N GLU E 47 -33.84 28.22 -7.11
CA GLU E 47 -32.71 27.80 -6.29
C GLU E 47 -32.35 26.34 -6.54
N ARG E 48 -33.35 25.47 -6.67
CA ARG E 48 -33.07 24.04 -6.70
C ARG E 48 -32.50 23.59 -8.05
N VAL E 49 -32.97 24.19 -9.14
CA VAL E 49 -32.61 23.66 -10.46
C VAL E 49 -31.38 24.35 -11.02
N SER E 50 -31.11 25.59 -10.63
CA SER E 50 -29.91 26.28 -11.10
C SER E 50 -28.65 25.67 -10.49
N TYR E 51 -28.75 25.17 -9.25
CA TYR E 51 -27.65 24.39 -8.69
C TYR E 51 -27.57 23.02 -9.36
N ALA E 52 -28.70 22.50 -9.85
CA ALA E 52 -28.67 21.24 -10.56
C ALA E 52 -28.04 21.39 -11.94
N LEU E 53 -28.34 22.49 -12.63
CA LEU E 53 -27.71 22.78 -13.91
C LEU E 53 -26.21 23.04 -13.75
N LEU E 54 -25.83 23.76 -12.69
CA LEU E 54 -24.44 24.17 -12.53
C LEU E 54 -23.54 22.99 -12.20
N PHE E 55 -23.94 22.14 -11.27
CA PHE E 55 -23.10 21.06 -10.80
C PHE E 55 -23.15 19.83 -11.71
N GLY E 56 -24.00 19.85 -12.73
CA GLY E 56 -24.19 18.66 -13.55
C GLY E 56 -24.79 17.51 -12.78
N ASP E 57 -25.70 17.81 -11.86
CA ASP E 57 -26.23 16.84 -10.92
C ASP E 57 -27.75 16.87 -11.01
N TYR E 58 -28.34 15.74 -11.37
CA TYR E 58 -29.76 15.49 -11.67
C TYR E 58 -30.26 16.18 -12.95
N LEU E 59 -29.45 16.99 -13.60
CA LEU E 59 -29.77 17.61 -14.88
C LEU E 59 -28.52 17.64 -15.74
N PRO E 60 -28.66 17.76 -17.06
CA PRO E 60 -27.47 17.97 -17.91
C PRO E 60 -26.81 19.31 -17.60
N GLN E 61 -25.49 19.28 -17.49
CA GLN E 61 -24.73 20.46 -17.10
C GLN E 61 -24.71 21.50 -18.21
N ASN E 62 -25.00 22.76 -17.85
CA ASN E 62 -24.78 23.89 -18.75
C ASN E 62 -24.62 25.13 -17.86
N ILE E 63 -23.41 25.66 -17.81
CA ILE E 63 -23.11 26.80 -16.95
C ILE E 63 -23.81 28.06 -17.44
N GLN E 64 -24.02 28.19 -18.75
CA GLN E 64 -24.50 29.45 -19.31
C GLN E 64 -25.93 29.77 -18.87
N ALA E 65 -26.80 28.76 -18.87
CA ALA E 65 -28.15 29.00 -18.36
C ALA E 65 -28.20 28.90 -16.85
N ALA E 66 -27.21 28.25 -16.23
CA ALA E 66 -27.09 28.29 -14.78
C ALA E 66 -26.74 29.70 -14.32
N ARG E 67 -25.77 30.33 -14.98
CA ARG E 67 -25.38 31.70 -14.64
C ARG E 67 -26.51 32.68 -14.94
N GLU E 68 -27.22 32.49 -16.06
CA GLU E 68 -28.29 33.40 -16.43
C GLU E 68 -29.45 33.34 -15.43
N MET E 69 -29.74 32.14 -14.91
CA MET E 69 -30.73 31.99 -13.85
C MET E 69 -30.21 32.44 -12.50
N PHE E 70 -28.89 32.55 -12.33
CA PHE E 70 -28.37 33.13 -11.09
C PHE E 70 -28.55 34.64 -11.07
N GLU E 71 -28.38 35.30 -12.22
CA GLU E 71 -28.54 36.75 -12.28
C GLU E 71 -30.00 37.16 -12.14
N LYS E 72 -30.94 36.29 -12.54
CA LYS E 72 -32.34 36.55 -12.24
C LYS E 72 -32.64 36.36 -10.76
N LEU E 73 -31.89 35.46 -10.12
CA LEU E 73 -32.07 35.21 -8.70
C LEU E 73 -31.46 36.31 -7.85
N THR E 74 -30.42 36.98 -8.35
CA THR E 74 -29.72 37.99 -7.55
C THR E 74 -30.55 39.27 -7.41
N GLU E 75 -31.19 39.70 -8.51
CA GLU E 75 -31.99 40.92 -8.47
C GLU E 75 -33.18 40.80 -7.52
N GLU E 76 -33.72 39.58 -7.37
CA GLU E 76 -34.76 39.37 -6.37
C GLU E 76 -34.22 39.47 -4.95
N GLY E 77 -32.95 39.16 -4.76
CA GLY E 77 -32.34 39.17 -3.45
C GLY E 77 -32.22 37.82 -2.78
N SER E 78 -32.01 36.75 -3.54
CA SER E 78 -31.94 35.43 -2.95
C SER E 78 -30.62 35.24 -2.21
N PRO E 79 -30.61 34.47 -1.12
CA PRO E 79 -29.34 34.19 -0.44
C PRO E 79 -28.54 33.11 -1.15
N LYS E 80 -29.23 32.20 -1.82
CA LYS E 80 -28.57 31.10 -2.52
C LYS E 80 -28.26 31.43 -3.98
N GLY E 81 -28.75 32.54 -4.50
CA GLY E 81 -28.40 32.95 -5.84
C GLY E 81 -27.23 33.90 -5.83
N GLN E 82 -27.09 34.62 -4.72
CA GLN E 82 -25.94 35.51 -4.54
C GLN E 82 -24.68 34.73 -4.18
N THR E 83 -24.84 33.61 -3.46
CA THR E 83 -23.68 32.82 -3.08
C THR E 83 -23.04 32.13 -4.28
N ALA E 84 -23.85 31.47 -5.11
CA ALA E 84 -23.29 30.67 -6.19
C ALA E 84 -22.83 31.54 -7.35
N LEU E 85 -23.30 32.78 -7.44
CA LEU E 85 -22.69 33.71 -8.38
C LEU E 85 -21.32 34.16 -7.90
N GLY E 86 -21.12 34.19 -6.58
CA GLY E 86 -19.78 34.40 -6.05
C GLY E 86 -18.84 33.25 -6.34
N PHE E 87 -19.37 32.02 -6.38
CA PHE E 87 -18.53 30.87 -6.69
C PHE E 87 -18.13 30.89 -8.17
N LEU E 88 -19.00 31.40 -9.03
CA LEU E 88 -18.65 31.55 -10.44
C LEU E 88 -17.58 32.61 -10.63
N TYR E 89 -17.76 33.76 -10.00
CA TYR E 89 -16.79 34.86 -10.14
C TYR E 89 -15.48 34.56 -9.44
N ALA E 90 -15.45 33.56 -8.54
CA ALA E 90 -14.20 33.18 -7.91
C ALA E 90 -13.44 32.17 -8.75
N SER E 91 -14.14 31.27 -9.43
CA SER E 91 -13.51 30.22 -10.21
C SER E 91 -13.51 30.50 -11.71
N GLY E 92 -14.21 31.54 -12.16
CA GLY E 92 -14.24 31.89 -13.56
C GLY E 92 -14.91 30.86 -14.45
N LEU E 93 -16.06 30.36 -14.02
CA LEU E 93 -16.84 29.39 -14.81
C LEU E 93 -17.91 30.18 -15.56
N GLY E 94 -17.59 30.60 -16.78
CA GLY E 94 -18.47 31.43 -17.56
C GLY E 94 -18.28 32.93 -17.35
N VAL E 95 -17.43 33.33 -16.42
CA VAL E 95 -17.14 34.73 -16.16
C VAL E 95 -15.63 34.92 -16.07
N ASN E 96 -15.22 36.18 -15.90
CA ASN E 96 -13.80 36.51 -16.09
C ASN E 96 -13.02 36.43 -14.78
N SER E 97 -13.56 35.76 -13.77
CA SER E 97 -12.85 35.40 -12.55
C SER E 97 -12.28 36.58 -11.78
N SER E 98 -13.14 37.45 -11.25
CA SER E 98 -12.69 38.59 -10.46
C SER E 98 -12.95 38.28 -8.99
N GLN E 99 -11.87 38.14 -8.21
CA GLN E 99 -12.00 37.90 -6.78
C GLN E 99 -12.58 39.09 -6.03
N ALA E 100 -12.47 40.29 -6.59
CA ALA E 100 -13.11 41.45 -5.99
C ALA E 100 -14.63 41.32 -6.03
N LYS E 101 -15.16 40.84 -7.16
CA LYS E 101 -16.60 40.64 -7.29
C LYS E 101 -17.09 39.45 -6.48
N ALA E 102 -16.26 38.41 -6.35
CA ALA E 102 -16.66 37.22 -5.62
C ALA E 102 -16.78 37.46 -4.13
N LEU E 103 -16.03 38.41 -3.58
CA LEU E 103 -16.18 38.73 -2.17
C LEU E 103 -17.47 39.48 -1.90
N VAL E 104 -17.87 40.35 -2.82
CA VAL E 104 -19.10 41.13 -2.65
C VAL E 104 -20.31 40.21 -2.70
N TYR E 105 -20.27 39.20 -3.58
CA TYR E 105 -21.37 38.26 -3.68
C TYR E 105 -21.41 37.32 -2.47
N TYR E 106 -20.24 36.90 -1.98
CA TYR E 106 -20.19 36.07 -0.79
C TYR E 106 -20.64 36.82 0.46
N THR E 107 -20.25 38.08 0.59
CA THR E 107 -20.63 38.85 1.77
C THR E 107 -22.13 39.13 1.80
N PHE E 108 -22.75 39.25 0.62
CA PHE E 108 -24.19 39.42 0.59
C PHE E 108 -24.91 38.09 0.66
N GLY E 109 -24.24 37.01 0.27
CA GLY E 109 -24.79 35.68 0.52
C GLY E 109 -24.83 35.33 1.99
N ALA E 110 -23.81 35.75 2.75
CA ALA E 110 -23.76 35.43 4.17
C ALA E 110 -24.74 36.28 4.97
N LEU E 111 -24.94 37.54 4.57
CA LEU E 111 -25.97 38.37 5.19
C LEU E 111 -27.37 37.82 4.90
N GLY E 112 -27.56 37.21 3.73
CA GLY E 112 -28.84 36.62 3.41
C GLY E 112 -29.22 35.42 4.25
N GLY E 113 -28.26 34.82 4.95
CA GLY E 113 -28.52 33.68 5.80
C GLY E 113 -27.99 32.36 5.30
N ASN E 114 -27.26 32.33 4.19
CA ASN E 114 -26.76 31.08 3.64
C ASN E 114 -25.63 30.54 4.50
N LEU E 115 -25.50 29.22 4.52
CA LEU E 115 -24.46 28.54 5.29
C LEU E 115 -23.36 27.97 4.42
N ILE E 116 -23.38 28.26 3.12
CA ILE E 116 -22.23 28.00 2.27
C ILE E 116 -21.39 29.26 2.10
N ALA E 117 -22.06 30.42 1.98
CA ALA E 117 -21.34 31.69 1.99
C ALA E 117 -20.77 31.99 3.37
N HIS E 118 -21.29 31.34 4.41
CA HIS E 118 -20.73 31.50 5.75
C HIS E 118 -19.54 30.58 5.97
N MET E 119 -19.54 29.41 5.33
CA MET E 119 -18.37 28.54 5.38
C MET E 119 -17.23 29.11 4.55
N VAL E 120 -17.53 29.61 3.35
CA VAL E 120 -16.50 30.11 2.46
C VAL E 120 -15.84 31.36 3.04
N LEU E 121 -16.65 32.29 3.53
CA LEU E 121 -16.11 33.47 4.19
C LEU E 121 -15.39 33.11 5.48
N GLY E 122 -15.84 32.05 6.17
CA GLY E 122 -15.12 31.60 7.34
C GLY E 122 -13.81 30.92 7.02
N TYR E 123 -13.64 30.45 5.80
CA TYR E 123 -12.39 29.83 5.38
C TYR E 123 -11.46 30.82 4.69
N ARG E 124 -12.02 31.85 4.07
CA ARG E 124 -11.17 32.88 3.47
C ARG E 124 -10.54 33.76 4.54
N TYR E 125 -11.31 34.13 5.57
CA TYR E 125 -10.74 34.85 6.70
C TYR E 125 -9.79 34.00 7.52
N TRP E 126 -9.89 32.67 7.43
CA TRP E 126 -9.02 31.78 8.19
C TRP E 126 -7.72 31.49 7.48
N ALA E 127 -7.72 31.42 6.16
CA ALA E 127 -6.51 31.14 5.39
C ALA E 127 -5.97 32.36 4.66
N GLY E 128 -6.63 33.52 4.78
CA GLY E 128 -6.16 34.71 4.07
C GLY E 128 -6.27 34.61 2.57
N ILE E 129 -7.37 34.05 2.07
CA ILE E 129 -7.57 33.82 0.64
C ILE E 129 -8.48 34.93 0.13
N GLY E 130 -7.88 35.92 -0.53
CA GLY E 130 -8.61 37.06 -1.04
C GLY E 130 -8.87 38.15 -0.03
N VAL E 131 -8.65 37.88 1.27
CA VAL E 131 -8.83 38.85 2.34
C VAL E 131 -7.65 38.73 3.29
N LEU E 132 -7.60 39.65 4.26
CA LEU E 132 -6.66 39.54 5.36
C LEU E 132 -7.02 38.34 6.22
N GLN E 133 -6.03 37.51 6.54
CA GLN E 133 -6.25 36.43 7.50
C GLN E 133 -6.59 37.03 8.86
N SER E 134 -7.64 36.53 9.48
CA SER E 134 -8.07 37.06 10.77
C SER E 134 -8.77 35.93 11.52
N CYS E 135 -8.41 35.75 12.79
CA CYS E 135 -9.24 34.97 13.69
C CYS E 135 -10.68 35.42 13.72
N GLU E 136 -10.91 36.63 14.24
CA GLU E 136 -12.22 36.93 14.81
C GLU E 136 -13.26 37.07 13.72
N SER E 137 -12.82 37.36 12.50
CA SER E 137 -13.69 37.30 11.34
C SER E 137 -13.95 35.85 10.93
N ALA E 138 -12.96 34.97 11.08
CA ALA E 138 -13.16 33.58 10.72
C ALA E 138 -13.79 32.76 11.82
N LEU E 139 -13.93 33.31 13.02
CA LEU E 139 -14.59 32.60 14.11
C LEU E 139 -16.08 32.87 14.14
N THR E 140 -16.50 34.10 13.82
CA THR E 140 -17.93 34.41 13.73
C THR E 140 -18.61 33.71 12.56
N HIS E 141 -17.90 33.45 11.48
CA HIS E 141 -18.49 32.80 10.32
C HIS E 141 -18.43 31.28 10.42
N TYR E 142 -17.48 30.74 11.19
CA TYR E 142 -17.45 29.31 11.41
C TYR E 142 -18.32 28.90 12.60
N ARG E 143 -18.78 29.86 13.38
CA ARG E 143 -19.66 29.50 14.47
C ARG E 143 -21.07 29.35 13.94
N LEU E 144 -21.59 30.33 13.22
CA LEU E 144 -22.99 30.26 12.78
C LEU E 144 -23.24 29.00 11.96
N VAL E 145 -22.22 28.53 11.23
CA VAL E 145 -22.36 27.26 10.54
C VAL E 145 -22.35 26.10 11.53
N ALA E 146 -21.41 26.14 12.50
CA ALA E 146 -21.31 25.03 13.44
C ALA E 146 -22.47 25.03 14.43
N ASN E 147 -23.09 26.19 14.64
CA ASN E 147 -24.30 26.23 15.45
C ASN E 147 -25.44 25.49 14.74
N HIS E 148 -25.50 25.61 13.42
CA HIS E 148 -26.53 24.92 12.65
C HIS E 148 -26.29 23.43 12.61
N VAL E 149 -25.05 23.02 12.33
CA VAL E 149 -24.70 21.62 12.14
C VAL E 149 -24.89 20.85 13.44
N ALA E 150 -24.47 21.44 14.55
CA ALA E 150 -24.57 20.77 15.85
C ALA E 150 -26.00 20.73 16.35
N SER E 151 -26.81 21.73 16.00
CA SER E 151 -28.18 21.75 16.49
C SER E 151 -29.12 20.90 15.64
N ASP E 152 -28.87 20.81 14.34
CA ASP E 152 -29.83 20.19 13.44
C ASP E 152 -29.56 18.71 13.23
N ILE E 153 -28.36 18.38 12.75
CA ILE E 153 -28.07 17.03 12.27
C ILE E 153 -27.00 16.36 13.13
N SER E 154 -27.00 16.69 14.43
CA SER E 154 -26.10 16.08 15.41
C SER E 154 -26.25 14.57 15.43
N LEU E 155 -27.41 14.10 15.91
CA LEU E 155 -27.86 12.74 15.67
C LEU E 155 -29.33 12.71 15.29
N THR E 156 -30.03 13.85 15.35
CA THR E 156 -31.34 13.96 14.73
C THR E 156 -31.23 13.77 13.22
N GLY E 157 -30.13 14.21 12.62
CA GLY E 157 -29.81 13.89 11.25
C GLY E 157 -28.62 12.96 11.19
N GLY E 158 -27.44 13.51 10.87
CA GLY E 158 -26.22 12.72 10.84
C GLY E 158 -25.77 12.34 9.45
N SER E 159 -24.57 12.80 9.07
CA SER E 159 -24.01 12.54 7.75
C SER E 159 -22.56 12.09 7.95
N VAL E 160 -22.36 10.78 8.08
CA VAL E 160 -21.02 10.19 8.17
C VAL E 160 -20.64 9.74 6.76
N VAL E 161 -19.96 10.62 6.05
CA VAL E 161 -19.58 10.40 4.65
C VAL E 161 -18.07 10.24 4.57
N GLN E 162 -17.63 9.21 3.86
CA GLN E 162 -16.20 8.98 3.71
C GLN E 162 -15.59 10.06 2.81
N ARG E 163 -14.38 10.48 3.17
CA ARG E 163 -13.65 11.52 2.45
C ARG E 163 -12.51 10.83 1.71
N ILE E 164 -12.77 10.47 0.45
CA ILE E 164 -11.85 9.64 -0.34
C ILE E 164 -11.02 10.54 -1.25
N ARG E 165 -9.71 10.39 -1.17
CA ARG E 165 -8.77 11.17 -1.96
C ARG E 165 -8.43 10.43 -3.24
N LEU E 166 -8.62 11.10 -4.38
CA LEU E 166 -8.21 10.52 -5.66
C LEU E 166 -6.71 10.26 -5.79
N PRO E 167 -5.79 11.18 -5.42
CA PRO E 167 -4.36 10.83 -5.55
C PRO E 167 -3.93 9.67 -4.67
N ASP E 168 -4.49 9.53 -3.47
CA ASP E 168 -4.18 8.36 -2.65
C ASP E 168 -4.79 7.10 -3.22
N GLU E 169 -5.94 7.22 -3.88
CA GLU E 169 -6.60 6.06 -4.47
C GLU E 169 -5.82 5.55 -5.68
N VAL E 170 -5.08 6.44 -6.35
CA VAL E 170 -4.24 6.02 -7.47
C VAL E 170 -2.99 5.31 -6.95
N GLU E 171 -2.34 5.88 -5.93
CA GLU E 171 -1.12 5.29 -5.38
C GLU E 171 -1.38 3.95 -4.70
N ASN E 172 -2.57 3.78 -4.12
CA ASN E 172 -2.95 2.55 -3.44
C ASN E 172 -4.47 2.41 -3.50
N PRO E 173 -4.99 1.59 -4.41
CA PRO E 173 -6.45 1.48 -4.55
C PRO E 173 -7.09 0.85 -3.31
N GLY E 174 -8.32 1.29 -3.02
CA GLY E 174 -9.04 0.80 -1.86
C GLY E 174 -9.89 -0.43 -2.16
N ILE E 185 -21.01 -6.50 -1.03
CA ILE E 185 -22.28 -6.12 -0.44
C ILE E 185 -23.29 -7.24 -0.62
N GLN E 186 -23.25 -7.88 -1.80
CA GLN E 186 -24.14 -9.03 -2.05
C GLN E 186 -23.78 -10.20 -1.16
N TYR E 187 -22.47 -10.46 -0.96
CA TYR E 187 -22.04 -11.52 -0.07
C TYR E 187 -22.41 -11.21 1.38
N TYR E 188 -22.28 -9.94 1.78
CA TYR E 188 -22.65 -9.54 3.13
C TYR E 188 -24.16 -9.67 3.35
N GLN E 189 -24.95 -9.34 2.32
CA GLN E 189 -26.39 -9.56 2.40
C GLN E 189 -26.73 -11.04 2.43
N PHE E 190 -25.99 -11.84 1.67
CA PHE E 190 -26.23 -13.29 1.68
C PHE E 190 -25.77 -13.92 2.99
N LEU E 191 -24.70 -13.39 3.58
CA LEU E 191 -24.24 -13.88 4.88
C LEU E 191 -25.27 -13.57 5.96
N ALA E 192 -25.88 -12.39 5.92
CA ALA E 192 -26.94 -12.07 6.87
C ALA E 192 -28.20 -12.87 6.60
N GLU E 193 -28.40 -13.30 5.35
CA GLU E 193 -29.56 -14.13 5.02
C GLU E 193 -29.46 -15.54 5.59
N LYS E 194 -28.26 -15.98 5.96
CA LYS E 194 -28.06 -17.30 6.52
C LYS E 194 -28.29 -17.35 8.02
N GLY E 195 -28.60 -16.22 8.65
CA GLY E 195 -28.88 -16.19 10.07
C GLY E 195 -27.77 -15.66 10.95
N ASP E 196 -26.70 -15.12 10.37
CA ASP E 196 -25.61 -14.58 11.18
C ASP E 196 -26.03 -13.27 11.83
N VAL E 197 -25.92 -13.22 13.16
CA VAL E 197 -26.32 -12.02 13.90
C VAL E 197 -25.34 -10.88 13.65
N GLN E 198 -24.04 -11.20 13.57
CA GLN E 198 -23.03 -10.17 13.32
C GLN E 198 -23.17 -9.58 11.93
N ALA E 199 -23.46 -10.42 10.93
CA ALA E 199 -23.64 -9.94 9.57
C ALA E 199 -24.91 -9.09 9.45
N GLN E 200 -25.97 -9.47 10.17
CA GLN E 200 -27.19 -8.68 10.15
C GLN E 200 -26.99 -7.33 10.84
N VAL E 201 -26.21 -7.31 11.92
CA VAL E 201 -25.92 -6.06 12.62
C VAL E 201 -25.04 -5.16 11.76
N GLY E 202 -24.07 -5.75 11.05
CA GLY E 202 -23.26 -4.97 10.13
C GLY E 202 -24.05 -4.43 8.95
N LEU E 203 -24.96 -5.24 8.42
CA LEU E 203 -25.84 -4.76 7.36
C LEU E 203 -26.90 -3.81 7.91
N GLY E 204 -27.34 -4.04 9.15
CA GLY E 204 -28.29 -3.14 9.77
C GLY E 204 -27.69 -1.78 10.05
N GLN E 205 -26.42 -1.74 10.47
CA GLN E 205 -25.74 -0.47 10.65
C GLN E 205 -25.50 0.21 9.31
N LEU E 206 -25.27 -0.58 8.25
CA LEU E 206 -25.11 -0.02 6.92
C LEU E 206 -26.43 0.32 6.25
N HIS E 207 -27.56 -0.01 6.88
CA HIS E 207 -28.87 0.36 6.37
C HIS E 207 -29.54 1.46 7.19
N LEU E 208 -29.39 1.43 8.52
CA LEU E 208 -29.94 2.50 9.35
C LEU E 208 -29.15 3.78 9.19
N HIS E 209 -27.82 3.69 9.09
CA HIS E 209 -26.96 4.85 8.94
C HIS E 209 -26.47 5.05 7.52
N GLY E 210 -26.22 3.97 6.78
CA GLY E 210 -25.72 4.06 5.43
C GLY E 210 -24.20 4.19 5.38
N GLY E 211 -23.69 4.17 4.15
CA GLY E 211 -22.28 4.31 3.90
C GLY E 211 -21.73 3.17 3.06
N ARG E 212 -20.47 3.36 2.64
CA ARG E 212 -19.72 2.40 1.82
C ARG E 212 -20.46 2.08 0.52
N GLY E 213 -21.08 3.10 -0.08
CA GLY E 213 -21.80 2.92 -1.32
C GLY E 213 -23.17 2.31 -1.17
N VAL E 214 -23.68 2.16 0.05
CA VAL E 214 -24.98 1.56 0.31
C VAL E 214 -25.92 2.66 0.80
N GLU E 215 -27.07 2.78 0.15
CA GLU E 215 -28.05 3.79 0.53
C GLU E 215 -28.74 3.38 1.84
N GLN E 216 -29.25 4.38 2.54
CA GLN E 216 -29.93 4.14 3.81
C GLN E 216 -31.29 3.47 3.57
N ASN E 217 -31.67 2.58 4.49
CA ASN E 217 -32.95 1.88 4.41
C ASN E 217 -33.42 1.65 5.84
N HIS E 218 -34.32 2.53 6.31
CA HIS E 218 -34.81 2.42 7.69
C HIS E 218 -35.67 1.17 7.89
N GLN E 219 -36.50 0.84 6.90
CA GLN E 219 -37.36 -0.32 7.02
C GLN E 219 -36.57 -1.62 6.96
N ARG E 220 -35.56 -1.69 6.07
CA ARG E 220 -34.74 -2.89 5.97
C ARG E 220 -33.86 -3.07 7.19
N ALA E 221 -33.44 -1.97 7.81
CA ALA E 221 -32.62 -2.06 9.02
C ALA E 221 -33.44 -2.57 10.21
N PHE E 222 -34.73 -2.21 10.25
CA PHE E 222 -35.58 -2.65 11.36
C PHE E 222 -35.80 -4.16 11.33
N ASP E 223 -35.99 -4.73 10.14
CA ASP E 223 -36.18 -6.18 10.04
C ASP E 223 -34.87 -6.92 10.28
N TYR E 224 -33.75 -6.35 9.83
CA TYR E 224 -32.45 -7.00 10.05
C TYR E 224 -32.05 -6.95 11.51
N PHE E 225 -32.36 -5.84 12.21
CA PHE E 225 -32.03 -5.74 13.63
C PHE E 225 -32.89 -6.69 14.46
N ASN E 226 -34.17 -6.85 14.10
CA ASN E 226 -35.05 -7.75 14.83
C ASN E 226 -34.65 -9.21 14.65
N LEU E 227 -34.09 -9.55 13.48
CA LEU E 227 -33.59 -10.91 13.27
C LEU E 227 -32.42 -11.21 14.20
N ALA E 228 -31.50 -10.26 14.35
CA ALA E 228 -30.40 -10.40 15.29
C ALA E 228 -30.83 -10.19 16.74
N ALA E 229 -31.96 -9.50 16.95
CA ALA E 229 -32.47 -9.32 18.32
C ALA E 229 -32.93 -10.64 18.92
N ASN E 230 -33.54 -11.50 18.11
CA ASN E 230 -33.92 -12.82 18.59
C ASN E 230 -32.70 -13.69 18.87
N ALA E 231 -31.59 -13.45 18.18
CA ALA E 231 -30.36 -14.17 18.43
C ALA E 231 -29.70 -13.81 19.75
N GLY E 232 -30.08 -12.69 20.36
CA GLY E 232 -29.54 -12.29 21.65
C GLY E 232 -28.25 -11.50 21.60
N ASN E 233 -27.96 -10.84 20.49
CA ASN E 233 -26.76 -10.01 20.39
C ASN E 233 -26.89 -8.79 21.29
N SER E 234 -25.82 -8.46 22.01
CA SER E 234 -25.85 -7.32 22.93
C SER E 234 -25.96 -6.00 22.17
N HIS E 235 -25.24 -5.89 21.06
CA HIS E 235 -25.29 -4.66 20.26
C HIS E 235 -26.64 -4.51 19.57
N ALA E 236 -27.24 -5.63 19.15
CA ALA E 236 -28.53 -5.56 18.48
C ALA E 236 -29.65 -5.24 19.47
N MET E 237 -29.50 -5.69 20.73
CA MET E 237 -30.52 -5.42 21.74
C MET E 237 -30.61 -3.93 22.05
N ALA E 238 -29.46 -3.26 22.15
CA ALA E 238 -29.46 -1.82 22.38
C ALA E 238 -29.92 -1.06 21.13
N PHE E 239 -29.52 -1.55 19.96
CA PHE E 239 -29.89 -0.89 18.71
C PHE E 239 -31.40 -0.99 18.46
N LEU E 240 -32.00 -2.13 18.83
CA LEU E 240 -33.45 -2.27 18.72
C LEU E 240 -34.15 -1.31 19.67
N GLY E 241 -33.62 -1.16 20.89
CA GLY E 241 -34.18 -0.18 21.82
C GLY E 241 -33.99 1.25 21.36
N LYS E 242 -32.84 1.52 20.72
CA LYS E 242 -32.59 2.88 20.22
C LYS E 242 -33.53 3.24 19.09
N MET E 243 -33.87 2.27 18.23
CA MET E 243 -34.80 2.53 17.14
C MET E 243 -36.20 2.84 17.65
N TYR E 244 -36.63 2.14 18.71
CA TYR E 244 -37.94 2.42 19.29
C TYR E 244 -37.94 3.74 20.06
N SER E 245 -36.79 4.14 20.58
CA SER E 245 -36.69 5.35 21.39
C SER E 245 -36.74 6.60 20.53
N GLU E 246 -35.77 6.76 19.61
CA GLU E 246 -35.68 7.94 18.77
C GLU E 246 -36.89 8.07 17.85
N GLY E 247 -37.31 6.97 17.26
CA GLY E 247 -38.52 6.93 16.46
C GLY E 247 -38.28 7.34 15.01
N SER E 248 -39.19 6.88 14.16
CA SER E 248 -39.17 7.18 12.73
C SER E 248 -40.56 6.91 12.18
N ASP E 249 -40.68 6.87 10.85
CA ASP E 249 -41.95 6.50 10.24
C ASP E 249 -42.21 5.01 10.41
N ILE E 250 -41.19 4.18 10.18
CA ILE E 250 -41.35 2.73 10.31
C ILE E 250 -41.48 2.34 11.78
N VAL E 251 -40.63 2.90 12.63
CA VAL E 251 -40.57 2.55 14.04
C VAL E 251 -41.13 3.72 14.85
N PRO E 252 -42.24 3.54 15.57
CA PRO E 252 -42.79 4.65 16.36
C PRO E 252 -41.90 4.97 17.56
N GLN E 253 -42.02 6.22 18.01
CA GLN E 253 -41.23 6.72 19.13
C GLN E 253 -41.98 6.45 20.43
N SER E 254 -41.34 5.72 21.34
CA SER E 254 -41.95 5.40 22.64
C SER E 254 -40.83 5.12 23.62
N ASN E 255 -40.84 5.84 24.75
CA ASN E 255 -39.81 5.63 25.76
C ASN E 255 -39.99 4.31 26.49
N GLU E 256 -41.24 3.92 26.77
CA GLU E 256 -41.56 2.85 27.73
C GLU E 256 -40.97 1.49 27.35
N THR E 257 -41.25 1.02 26.14
CA THR E 257 -40.70 -0.26 25.72
C THR E 257 -39.21 -0.16 25.45
N ALA E 258 -38.76 1.01 24.96
CA ALA E 258 -37.36 1.19 24.62
C ALA E 258 -36.48 1.21 25.87
N LEU E 259 -36.94 1.87 26.94
CA LEU E 259 -36.12 2.00 28.14
C LEU E 259 -36.02 0.66 28.87
N HIS E 260 -37.09 -0.14 28.84
CA HIS E 260 -37.07 -1.44 29.49
C HIS E 260 -36.08 -2.38 28.81
N TYR E 261 -36.04 -2.35 27.47
CA TYR E 261 -35.05 -3.15 26.75
C TYR E 261 -33.63 -2.65 27.00
N PHE E 262 -33.46 -1.33 27.09
CA PHE E 262 -32.15 -0.76 27.38
C PHE E 262 -31.75 -1.06 28.82
N LYS E 263 -32.71 -1.13 29.73
CA LYS E 263 -32.41 -1.52 31.11
C LYS E 263 -31.94 -2.96 31.18
N LYS E 264 -32.53 -3.84 30.36
CA LYS E 264 -32.08 -5.22 30.30
C LYS E 264 -30.70 -5.34 29.68
N ALA E 265 -30.42 -4.53 28.65
CA ALA E 265 -29.11 -4.57 28.02
C ALA E 265 -28.02 -4.04 28.94
N ALA E 266 -28.31 -2.95 29.65
CA ALA E 266 -27.32 -2.36 30.55
C ALA E 266 -27.03 -3.28 31.73
N ASP E 267 -27.97 -4.15 32.08
CA ASP E 267 -27.78 -5.06 33.21
C ASP E 267 -26.70 -6.08 32.94
N MET E 268 -26.71 -6.70 31.75
CA MET E 268 -25.80 -7.81 31.52
C MET E 268 -24.40 -7.38 31.11
N GLY E 269 -24.25 -6.85 29.89
CA GLY E 269 -22.93 -6.42 29.45
C GLY E 269 -22.84 -5.30 28.44
N ASN E 270 -23.96 -4.69 28.08
CA ASN E 270 -23.98 -3.85 26.87
C ASN E 270 -23.42 -2.46 27.15
N PRO E 271 -22.33 -2.05 26.47
CA PRO E 271 -21.91 -0.65 26.57
C PRO E 271 -22.86 0.30 25.87
N VAL E 272 -23.38 -0.09 24.69
CA VAL E 272 -24.37 0.72 24.01
C VAL E 272 -25.67 0.76 24.80
N GLY E 273 -26.01 -0.36 25.46
CA GLY E 273 -27.18 -0.38 26.32
C GLY E 273 -27.00 0.48 27.56
N GLN E 274 -25.77 0.53 28.09
CA GLN E 274 -25.50 1.30 29.29
C GLN E 274 -25.69 2.79 29.06
N SER E 275 -25.24 3.27 27.89
CA SER E 275 -25.37 4.69 27.57
C SER E 275 -26.83 5.09 27.43
N GLY E 276 -27.61 4.27 26.71
CA GLY E 276 -29.01 4.59 26.51
C GLY E 276 -29.84 4.50 27.78
N LEU E 277 -29.56 3.50 28.62
CA LEU E 277 -30.29 3.36 29.88
C LEU E 277 -30.00 4.52 30.81
N GLY E 278 -28.75 4.98 30.85
CA GLY E 278 -28.42 6.15 31.64
C GLY E 278 -29.02 7.43 31.06
N MET E 279 -29.02 7.55 29.74
CA MET E 279 -29.53 8.76 29.09
C MET E 279 -31.03 8.89 29.26
N ALA E 280 -31.75 7.76 29.22
CA ALA E 280 -33.19 7.78 29.45
C ALA E 280 -33.51 8.20 30.88
N TYR E 281 -32.70 7.75 31.84
CA TYR E 281 -32.88 8.16 33.22
C TYR E 281 -32.44 9.61 33.42
N LEU E 282 -31.39 10.04 32.71
CA LEU E 282 -30.88 11.40 32.88
C LEU E 282 -31.85 12.43 32.31
N TYR E 283 -32.34 12.18 31.10
CA TYR E 283 -33.24 13.13 30.44
C TYR E 283 -34.68 12.94 30.91
N GLY E 284 -34.92 11.89 31.69
CA GLY E 284 -36.27 11.61 32.16
C GLY E 284 -37.23 11.20 31.06
N ARG E 285 -36.76 10.39 30.12
CA ARG E 285 -37.59 9.92 29.01
C ARG E 285 -38.39 8.71 29.48
N GLY E 286 -39.58 8.99 30.01
CA GLY E 286 -40.47 7.94 30.48
C GLY E 286 -40.18 7.42 31.86
N VAL E 287 -39.15 7.91 32.53
CA VAL E 287 -38.78 7.47 33.87
C VAL E 287 -38.39 8.69 34.69
N GLN E 288 -38.28 8.49 36.01
CA GLN E 288 -37.88 9.57 36.90
C GLN E 288 -36.42 9.92 36.71
N VAL E 289 -36.09 11.18 36.94
CA VAL E 289 -34.72 11.66 36.76
C VAL E 289 -33.87 11.16 37.92
N ASN E 290 -32.79 10.45 37.59
CA ASN E 290 -31.84 9.93 38.58
C ASN E 290 -30.45 10.39 38.17
N TYR E 291 -29.95 11.44 38.81
CA TYR E 291 -28.65 12.00 38.44
C TYR E 291 -27.51 11.07 38.87
N ASP E 292 -27.61 10.51 40.08
CA ASP E 292 -26.54 9.63 40.56
C ASP E 292 -26.50 8.31 39.79
N LEU E 293 -27.68 7.78 39.44
CA LEU E 293 -27.72 6.54 38.68
C LEU E 293 -27.23 6.74 37.25
N ALA E 294 -27.53 7.89 36.65
CA ALA E 294 -27.08 8.17 35.29
C ALA E 294 -25.56 8.31 35.22
N LEU E 295 -24.97 9.00 36.20
CA LEU E 295 -23.52 9.19 36.21
C LEU E 295 -22.80 7.86 36.45
N LYS E 296 -23.35 7.01 37.34
CA LYS E 296 -22.75 5.71 37.59
C LYS E 296 -22.87 4.81 36.38
N TYR E 297 -24.03 4.84 35.70
CA TYR E 297 -24.21 4.00 34.51
C TYR E 297 -23.34 4.48 33.35
N PHE E 298 -23.25 5.80 33.16
CA PHE E 298 -22.45 6.33 32.07
C PHE E 298 -20.96 6.28 32.37
N GLN E 299 -20.58 6.08 33.64
CA GLN E 299 -19.17 5.94 33.97
C GLN E 299 -18.58 4.67 33.36
N LYS E 300 -19.33 3.57 33.43
CA LYS E 300 -18.88 2.34 32.78
C LYS E 300 -18.96 2.45 31.27
N ALA E 301 -19.88 3.29 30.76
CA ALA E 301 -19.91 3.56 29.32
C ALA E 301 -18.65 4.29 28.88
N ALA E 302 -18.18 5.25 29.69
CA ALA E 302 -16.89 5.87 29.43
C ALA E 302 -15.75 4.88 29.65
N GLU E 303 -15.88 4.03 30.67
CA GLU E 303 -14.83 3.06 30.97
C GLU E 303 -14.71 2.01 29.86
N GLN E 304 -15.84 1.56 29.33
CA GLN E 304 -15.81 0.59 28.24
C GLN E 304 -15.35 1.21 26.92
N GLY E 305 -15.43 2.54 26.79
CA GLY E 305 -14.98 3.22 25.60
C GLY E 305 -16.07 3.64 24.64
N TRP E 306 -17.29 3.86 25.12
CA TRP E 306 -18.37 4.30 24.24
C TRP E 306 -18.17 5.75 23.84
N VAL E 307 -18.30 6.04 22.54
CA VAL E 307 -18.14 7.40 22.05
C VAL E 307 -19.28 8.28 22.54
N ASP E 308 -20.52 7.79 22.44
CA ASP E 308 -21.68 8.58 22.85
C ASP E 308 -21.87 8.62 24.35
N GLY E 309 -21.10 7.84 25.10
CA GLY E 309 -21.18 7.84 26.54
C GLY E 309 -20.18 8.77 27.19
N GLN E 310 -18.99 8.86 26.59
CA GLN E 310 -17.98 9.78 27.10
C GLN E 310 -18.40 11.23 26.94
N LEU E 311 -19.00 11.57 25.79
CA LEU E 311 -19.51 12.92 25.58
C LEU E 311 -20.76 13.19 26.42
N GLN E 312 -21.47 12.14 26.83
CA GLN E 312 -22.66 12.31 27.63
C GLN E 312 -22.34 12.68 29.07
N LEU E 313 -21.27 12.09 29.61
CA LEU E 313 -20.88 12.40 30.99
C LEU E 313 -20.28 13.79 31.10
N GLY E 314 -19.56 14.24 30.08
CA GLY E 314 -18.94 15.55 30.11
C GLY E 314 -19.97 16.68 30.12
N SER E 315 -21.06 16.50 29.38
CA SER E 315 -22.11 17.51 29.36
C SER E 315 -22.83 17.62 30.70
N MET E 316 -22.77 16.57 31.53
CA MET E 316 -23.34 16.66 32.87
C MET E 316 -22.45 17.46 33.80
N TYR E 317 -21.13 17.41 33.59
CA TYR E 317 -20.20 18.15 34.43
C TYR E 317 -19.95 19.55 33.90
N TYR E 318 -19.96 19.75 32.58
CA TYR E 318 -19.79 21.08 32.02
C TYR E 318 -20.99 21.97 32.35
N ASN E 319 -22.19 21.41 32.33
CA ASN E 319 -23.39 22.13 32.71
C ASN E 319 -23.71 22.01 34.20
N GLY E 320 -22.94 21.20 34.94
CA GLY E 320 -23.16 21.04 36.37
C GLY E 320 -24.46 20.37 36.74
N ILE E 321 -24.85 19.31 36.03
CA ILE E 321 -26.10 18.59 36.29
C ILE E 321 -25.72 17.24 36.88
N GLY E 322 -25.84 17.12 38.21
CA GLY E 322 -25.55 15.89 38.93
C GLY E 322 -24.18 15.85 39.57
N VAL E 323 -23.16 16.36 38.87
CA VAL E 323 -21.80 16.42 39.38
C VAL E 323 -21.42 17.89 39.54
N LYS E 324 -20.38 18.13 40.33
CA LYS E 324 -19.85 19.48 40.49
C LYS E 324 -19.24 19.96 39.17
N ARG E 325 -19.30 21.27 38.95
CA ARG E 325 -18.88 21.87 37.68
C ARG E 325 -17.36 21.88 37.61
N ASP E 326 -16.79 20.68 37.41
CA ASP E 326 -15.34 20.50 37.27
C ASP E 326 -15.03 20.56 35.78
N TYR E 327 -14.65 21.76 35.32
CA TYR E 327 -14.31 21.94 33.91
C TYR E 327 -13.05 21.17 33.53
N LYS E 328 -12.17 20.91 34.51
CA LYS E 328 -11.04 20.02 34.26
C LYS E 328 -11.50 18.61 33.99
N GLN E 329 -12.52 18.14 34.72
CA GLN E 329 -13.10 16.84 34.45
C GLN E 329 -14.02 16.88 33.24
N ALA E 330 -14.70 18.01 33.02
CA ALA E 330 -15.57 18.15 31.85
C ALA E 330 -14.77 18.13 30.57
N LEU E 331 -13.66 18.89 30.53
CA LEU E 331 -12.80 18.88 29.34
C LEU E 331 -12.08 17.55 29.19
N LYS E 332 -11.95 16.78 30.28
CA LYS E 332 -11.34 15.46 30.17
C LYS E 332 -12.21 14.51 29.35
N TYR E 333 -13.53 14.58 29.56
CA TYR E 333 -14.44 13.70 28.81
C TYR E 333 -14.56 14.14 27.36
N PHE E 334 -14.69 15.45 27.13
CA PHE E 334 -14.92 15.95 25.78
C PHE E 334 -13.68 15.77 24.90
N ASN E 335 -12.49 15.95 25.47
CA ASN E 335 -11.27 15.71 24.70
C ASN E 335 -11.03 14.23 24.48
N LEU E 336 -11.57 13.38 25.36
CA LEU E 336 -11.51 11.94 25.13
C LEU E 336 -12.46 11.50 24.03
N ALA E 337 -13.68 12.07 24.02
CA ALA E 337 -14.65 11.71 23.00
C ALA E 337 -14.30 12.31 21.65
N SER E 338 -13.53 13.39 21.63
CA SER E 338 -13.16 14.03 20.37
C SER E 338 -12.26 13.13 19.53
N GLN E 339 -11.32 12.42 20.18
CA GLN E 339 -10.45 11.50 19.46
C GLN E 339 -11.20 10.30 18.92
N GLY E 340 -12.35 9.96 19.50
CA GLY E 340 -13.18 8.90 18.96
C GLY E 340 -14.00 9.29 17.76
N GLY E 341 -14.04 10.58 17.42
CA GLY E 341 -14.75 11.01 16.24
C GLY E 341 -16.18 11.45 16.45
N HIS E 342 -16.47 12.13 17.56
CA HIS E 342 -17.83 12.58 17.86
C HIS E 342 -17.96 14.07 17.58
N ILE E 343 -18.99 14.43 16.82
CA ILE E 343 -19.22 15.83 16.43
C ILE E 343 -19.49 16.68 17.65
N LEU E 344 -20.35 16.21 18.55
CA LEU E 344 -20.69 16.96 19.75
C LEU E 344 -19.52 17.13 20.70
N ALA E 345 -18.51 16.27 20.62
CA ALA E 345 -17.28 16.54 21.34
C ALA E 345 -16.52 17.68 20.69
N PHE E 346 -16.47 17.72 19.36
CA PHE E 346 -15.80 18.80 18.65
C PHE E 346 -16.49 20.14 18.89
N TYR E 347 -17.81 20.17 18.87
CA TYR E 347 -18.53 21.42 19.04
C TYR E 347 -18.45 21.93 20.47
N ASN E 348 -18.55 21.03 21.45
CA ASN E 348 -18.52 21.46 22.84
C ASN E 348 -17.12 21.83 23.28
N LEU E 349 -16.10 21.18 22.70
CA LEU E 349 -14.72 21.61 22.94
C LEU E 349 -14.47 23.01 22.41
N ALA E 350 -14.95 23.28 21.19
CA ALA E 350 -14.71 24.58 20.57
C ALA E 350 -15.52 25.68 21.24
N GLN E 351 -16.67 25.35 21.83
CA GLN E 351 -17.43 26.35 22.57
C GLN E 351 -16.80 26.67 23.91
N MET E 352 -15.89 25.83 24.40
CA MET E 352 -15.19 26.14 25.65
C MET E 352 -13.96 26.99 25.36
N HIS E 353 -13.22 26.68 24.30
CA HIS E 353 -12.05 27.48 23.93
C HIS E 353 -12.45 28.90 23.54
N ALA E 354 -13.51 29.02 22.73
CA ALA E 354 -13.92 30.35 22.24
C ALA E 354 -14.44 31.23 23.38
N SER E 355 -15.22 30.64 24.30
CA SER E 355 -15.75 31.40 25.42
C SER E 355 -14.71 31.69 26.49
N GLY E 356 -13.68 30.85 26.61
CA GLY E 356 -12.66 31.05 27.61
C GLY E 356 -12.89 30.37 28.93
N THR E 357 -13.81 29.40 28.99
CA THR E 357 -14.13 28.69 30.24
C THR E 357 -13.49 27.32 30.22
N GLY E 358 -12.80 26.98 31.30
CA GLY E 358 -12.11 25.71 31.40
C GLY E 358 -10.72 25.75 30.80
N VAL E 359 -10.65 26.17 29.54
CA VAL E 359 -9.39 26.41 28.86
C VAL E 359 -9.27 27.92 28.66
N MET E 360 -8.05 28.41 28.48
CA MET E 360 -7.83 29.82 28.19
C MET E 360 -8.50 30.20 26.87
N ARG E 361 -8.90 31.47 26.76
CA ARG E 361 -9.61 31.91 25.58
C ARG E 361 -8.67 31.92 24.39
N SER E 362 -8.74 30.87 23.58
CA SER E 362 -7.81 30.68 22.47
C SER E 362 -8.61 30.72 21.18
N CYS E 363 -8.30 31.69 20.32
CA CYS E 363 -8.75 31.65 18.94
C CYS E 363 -8.47 30.33 18.24
N HIS E 364 -7.18 30.01 18.07
CA HIS E 364 -6.78 29.13 16.98
C HIS E 364 -7.24 27.70 17.23
N THR E 365 -7.27 27.27 18.48
CA THR E 365 -7.76 25.92 18.77
C THR E 365 -9.26 25.82 18.55
N ALA E 366 -9.98 26.94 18.69
CA ALA E 366 -11.42 26.92 18.46
C ALA E 366 -11.75 26.78 16.98
N VAL E 367 -11.05 27.53 16.13
CA VAL E 367 -11.37 27.55 14.70
C VAL E 367 -11.02 26.26 13.98
N GLU E 368 -9.93 25.57 14.36
CA GLU E 368 -9.70 24.25 13.80
C GLU E 368 -10.61 23.18 14.37
N LEU E 369 -11.24 23.43 15.53
CA LEU E 369 -12.27 22.53 16.02
C LEU E 369 -13.64 22.87 15.46
N PHE E 370 -13.92 24.16 15.27
CA PHE E 370 -15.13 24.55 14.54
C PHE E 370 -15.07 24.17 13.08
N LYS E 371 -13.88 23.95 12.53
CA LYS E 371 -13.78 23.57 11.12
C LYS E 371 -14.17 22.12 10.89
N ASN E 372 -13.88 21.22 11.83
CA ASN E 372 -14.23 19.82 11.65
C ASN E 372 -15.71 19.55 11.85
N VAL E 373 -16.37 20.26 12.76
CA VAL E 373 -17.82 20.09 12.89
C VAL E 373 -18.54 20.71 11.68
N CYS E 374 -18.02 21.80 11.13
CA CYS E 374 -18.62 22.41 9.96
C CYS E 374 -18.45 21.53 8.73
N GLU E 375 -17.34 20.81 8.63
CA GLU E 375 -17.08 19.96 7.47
C GLU E 375 -17.78 18.62 7.52
N ARG E 376 -18.76 18.46 8.41
CA ARG E 376 -19.58 17.25 8.48
C ARG E 376 -21.07 17.61 8.46
N GLY E 377 -21.45 18.56 7.61
CA GLY E 377 -22.82 18.99 7.50
C GLY E 377 -23.56 18.29 6.37
N ARG E 378 -24.68 18.89 5.98
CA ARG E 378 -25.47 18.38 4.87
C ARG E 378 -24.83 18.63 3.51
N TRP E 379 -23.85 19.51 3.42
CA TRP E 379 -23.16 19.78 2.16
C TRP E 379 -22.00 18.85 1.92
N SER E 380 -21.62 18.03 2.91
CA SER E 380 -20.47 17.15 2.76
C SER E 380 -20.80 15.90 1.97
N GLU E 381 -22.08 15.59 1.76
CA GLU E 381 -22.43 14.44 0.92
C GLU E 381 -22.20 14.70 -0.55
N ARG E 382 -21.95 15.96 -0.94
CA ARG E 382 -21.58 16.27 -2.32
C ARG E 382 -20.17 15.79 -2.66
N LEU E 383 -19.40 15.35 -1.66
CA LEU E 383 -18.15 14.66 -1.94
C LEU E 383 -18.41 13.33 -2.64
N MET E 384 -19.46 12.61 -2.22
CA MET E 384 -19.82 11.36 -2.87
C MET E 384 -20.37 11.61 -4.27
N THR E 385 -21.21 12.64 -4.43
CA THR E 385 -21.77 12.95 -5.75
C THR E 385 -20.68 13.40 -6.71
N ALA E 386 -19.67 14.12 -6.19
CA ALA E 386 -18.53 14.48 -7.01
C ALA E 386 -17.65 13.27 -7.30
N TYR E 387 -17.57 12.32 -6.37
CA TYR E 387 -16.77 11.12 -6.59
C TYR E 387 -17.46 10.18 -7.58
N ASN E 388 -18.78 9.99 -7.42
CA ASN E 388 -19.51 9.14 -8.35
C ASN E 388 -19.54 9.72 -9.76
N SER E 389 -19.60 11.04 -9.88
CA SER E 389 -19.53 11.65 -11.20
C SER E 389 -18.12 11.57 -11.78
N TYR E 390 -17.10 11.34 -10.95
CA TYR E 390 -15.76 11.08 -11.46
C TYR E 390 -15.64 9.69 -12.04
N LYS E 391 -16.23 8.70 -11.38
CA LYS E 391 -16.14 7.32 -11.87
C LYS E 391 -16.93 7.14 -13.17
N ASP E 392 -18.07 7.83 -13.30
CA ASP E 392 -18.94 7.67 -14.44
C ASP E 392 -18.55 8.50 -15.65
N GLY E 393 -17.29 8.96 -15.73
CA GLY E 393 -16.81 9.65 -16.90
C GLY E 393 -17.33 11.06 -17.08
N ASP E 394 -17.98 11.63 -16.08
CA ASP E 394 -18.48 13.00 -16.16
C ASP E 394 -17.49 13.91 -15.45
N TYR E 395 -16.43 14.26 -16.16
CA TYR E 395 -15.35 15.04 -15.56
C TYR E 395 -15.71 16.52 -15.50
N ASN E 396 -16.63 16.96 -16.35
CA ASN E 396 -17.12 18.33 -16.26
C ASN E 396 -17.99 18.55 -15.04
N ALA E 397 -18.70 17.51 -14.59
CA ALA E 397 -19.59 17.60 -13.44
C ALA E 397 -18.98 17.00 -12.19
N ALA E 398 -17.72 16.55 -12.26
CA ALA E 398 -17.03 16.09 -11.08
C ALA E 398 -16.03 17.10 -10.55
N VAL E 399 -15.72 18.14 -11.32
CA VAL E 399 -14.77 19.15 -10.85
C VAL E 399 -15.54 20.34 -10.33
N ILE E 400 -16.76 20.57 -10.84
CA ILE E 400 -17.55 21.70 -10.35
C ILE E 400 -18.05 21.44 -8.93
N GLN E 401 -18.51 20.22 -8.66
CA GLN E 401 -18.87 19.84 -7.30
C GLN E 401 -17.65 19.71 -6.41
N TYR E 402 -16.46 19.58 -7.00
CA TYR E 402 -15.22 19.59 -6.25
C TYR E 402 -14.59 20.97 -6.15
N LEU E 403 -15.02 21.92 -6.99
CA LEU E 403 -14.51 23.28 -6.88
C LEU E 403 -15.31 24.10 -5.86
N LEU E 404 -16.57 23.73 -5.62
CA LEU E 404 -17.33 24.41 -4.57
C LEU E 404 -16.86 23.98 -3.19
N LEU E 405 -16.63 22.68 -3.00
CA LEU E 405 -16.14 22.21 -1.71
C LEU E 405 -14.69 22.60 -1.48
N ALA E 406 -13.92 22.76 -2.56
CA ALA E 406 -12.59 23.36 -2.43
C ALA E 406 -12.68 24.82 -1.99
N GLU E 407 -13.70 25.53 -2.47
CA GLU E 407 -13.92 26.90 -2.02
C GLU E 407 -14.35 26.94 -0.57
N GLN E 408 -15.16 25.97 -0.13
CA GLN E 408 -15.70 25.99 1.22
C GLN E 408 -14.64 25.73 2.29
N GLY E 409 -13.55 25.05 1.94
CA GLY E 409 -12.47 24.82 2.85
C GLY E 409 -12.11 23.37 3.10
N TYR E 410 -12.61 22.45 2.28
CA TYR E 410 -12.28 21.05 2.44
C TYR E 410 -10.87 20.79 1.94
N GLU E 411 -10.19 19.83 2.58
CA GLU E 411 -8.84 19.48 2.17
C GLU E 411 -8.81 18.33 1.19
N VAL E 412 -9.74 17.37 1.32
CA VAL E 412 -9.85 16.32 0.32
C VAL E 412 -10.34 16.89 -1.01
N ALA E 413 -11.27 17.85 -0.97
CA ALA E 413 -11.78 18.43 -2.20
C ALA E 413 -10.89 19.53 -2.76
N GLN E 414 -9.91 20.01 -2.00
CA GLN E 414 -8.91 20.90 -2.57
C GLN E 414 -7.79 20.14 -3.27
N SER E 415 -7.72 18.83 -3.06
CA SER E 415 -6.77 17.98 -3.76
C SER E 415 -7.41 17.17 -4.88
N ASN E 416 -8.66 16.74 -4.69
CA ASN E 416 -9.36 16.02 -5.76
C ASN E 416 -9.74 16.96 -6.89
N ALA E 417 -10.10 18.20 -6.58
CA ALA E 417 -10.33 19.18 -7.63
C ALA E 417 -9.03 19.50 -8.36
N ALA E 418 -7.94 19.61 -7.61
CA ALA E 418 -6.64 19.88 -8.22
C ALA E 418 -6.11 18.68 -8.99
N PHE E 419 -6.43 17.47 -8.54
CA PHE E 419 -6.00 16.27 -9.26
C PHE E 419 -6.71 16.16 -10.61
N ILE E 420 -8.02 16.44 -10.65
CA ILE E 420 -8.76 16.37 -11.90
C ILE E 420 -8.29 17.45 -12.87
N LEU E 421 -7.99 18.64 -12.35
CA LEU E 421 -7.47 19.70 -13.21
C LEU E 421 -6.03 19.42 -13.63
N ASP E 422 -5.29 18.63 -12.85
CA ASP E 422 -3.91 18.33 -13.20
C ASP E 422 -3.84 17.38 -14.39
N GLN E 423 -4.64 16.32 -14.39
CA GLN E 423 -4.65 15.33 -15.47
C GLN E 423 -5.33 15.83 -16.74
N ARG E 424 -5.69 17.11 -16.86
CA ARG E 424 -6.35 17.72 -18.02
C ARG E 424 -7.65 17.02 -18.41
N GLU E 425 -8.29 16.31 -17.48
CA GLU E 425 -9.53 15.61 -17.81
C GLU E 425 -10.73 16.55 -17.94
N ALA E 426 -10.85 17.50 -17.02
CA ALA E 426 -12.03 18.36 -17.00
C ALA E 426 -11.96 19.40 -18.12
N SER E 427 -12.94 19.37 -19.01
CA SER E 427 -12.97 20.24 -20.17
C SER E 427 -13.80 21.50 -19.96
N ILE E 428 -14.38 21.70 -18.79
CA ILE E 428 -15.16 22.91 -18.54
C ILE E 428 -14.24 24.12 -18.46
N VAL E 429 -13.07 23.96 -17.86
CA VAL E 429 -12.03 24.97 -17.91
C VAL E 429 -11.18 24.71 -19.15
N GLY E 430 -10.62 25.77 -19.72
CA GLY E 430 -9.79 25.60 -20.89
C GLY E 430 -8.50 24.89 -20.57
N GLU E 431 -7.84 24.41 -21.64
CA GLU E 431 -6.48 23.91 -21.51
C GLU E 431 -5.49 25.02 -21.19
N ASN E 432 -5.87 26.25 -21.45
CA ASN E 432 -4.99 27.41 -21.38
C ASN E 432 -5.03 28.02 -19.99
N GLU E 433 -5.81 27.44 -19.09
CA GLU E 433 -6.07 27.95 -17.76
C GLU E 433 -5.97 26.87 -16.71
N THR E 434 -5.98 25.59 -17.10
CA THR E 434 -6.16 24.51 -16.13
C THR E 434 -4.94 24.30 -15.24
N TYR E 435 -3.74 24.68 -15.68
CA TYR E 435 -2.56 24.52 -14.83
C TYR E 435 -2.44 25.63 -13.78
N PRO E 436 -2.71 26.91 -14.08
CA PRO E 436 -2.86 27.87 -12.97
C PRO E 436 -3.99 27.53 -12.01
N ARG E 437 -5.09 26.96 -12.50
CA ARG E 437 -6.21 26.61 -11.63
C ARG E 437 -5.92 25.36 -10.81
N ALA E 438 -5.02 24.49 -11.27
CA ALA E 438 -4.64 23.33 -10.49
C ALA E 438 -3.54 23.66 -9.50
N LEU E 439 -2.66 24.60 -9.84
CA LEU E 439 -1.66 25.08 -8.89
C LEU E 439 -2.32 25.80 -7.72
N LEU E 440 -3.45 26.46 -7.98
CA LEU E 440 -4.15 27.21 -6.93
C LEU E 440 -4.65 26.29 -5.83
N HIS E 441 -5.18 25.13 -6.19
CA HIS E 441 -5.72 24.21 -5.21
C HIS E 441 -4.70 23.22 -4.69
N TRP E 442 -3.61 22.99 -5.41
CA TRP E 442 -2.46 22.32 -4.81
C TRP E 442 -1.85 23.20 -3.73
N ASN E 443 -1.80 24.51 -3.96
CA ASN E 443 -1.26 25.44 -2.98
C ASN E 443 -2.16 25.53 -1.75
N ARG E 444 -3.48 25.48 -1.96
CA ARG E 444 -4.41 25.53 -0.83
C ARG E 444 -4.37 24.24 -0.02
N ALA E 445 -4.22 23.09 -0.68
CA ALA E 445 -4.20 21.83 0.03
C ALA E 445 -2.87 21.57 0.72
N ALA E 446 -1.77 22.09 0.17
CA ALA E 446 -0.46 21.88 0.78
C ALA E 446 -0.35 22.61 2.11
N SER E 447 -0.96 23.79 2.21
CA SER E 447 -0.96 24.55 3.45
C SER E 447 -2.04 24.10 4.42
N GLN E 448 -2.63 22.93 4.20
CA GLN E 448 -3.59 22.33 5.12
C GLN E 448 -3.11 20.98 5.61
N GLY E 449 -1.79 20.80 5.69
CA GLY E 449 -1.22 19.55 6.14
C GLY E 449 -1.44 18.37 5.21
N TYR E 450 -1.27 18.57 3.91
CA TYR E 450 -1.30 17.48 2.94
C TYR E 450 0.06 17.40 2.27
N THR E 451 0.57 16.19 2.11
CA THR E 451 1.96 16.00 1.71
C THR E 451 2.14 15.91 0.20
N VAL E 452 1.24 15.19 -0.49
CA VAL E 452 1.33 15.08 -1.94
C VAL E 452 1.15 16.45 -2.59
N ALA E 453 0.32 17.31 -2.00
CA ALA E 453 0.17 18.67 -2.50
C ALA E 453 1.41 19.50 -2.26
N ARG E 454 2.25 19.13 -1.30
CA ARG E 454 3.51 19.83 -1.09
C ARG E 454 4.57 19.38 -2.08
N ILE E 455 4.59 18.09 -2.39
CA ILE E 455 5.47 17.59 -3.45
C ILE E 455 5.03 18.11 -4.81
N LYS E 456 3.72 18.06 -5.08
CA LYS E 456 3.19 18.55 -6.35
C LYS E 456 3.32 20.06 -6.48
N LEU E 457 3.41 20.79 -5.37
CA LEU E 457 3.79 22.20 -5.45
C LEU E 457 5.24 22.34 -5.89
N GLY E 458 6.09 21.42 -5.47
CA GLY E 458 7.47 21.43 -5.95
C GLY E 458 7.58 21.08 -7.42
N ASP E 459 6.80 20.11 -7.88
CA ASP E 459 6.88 19.67 -9.28
C ASP E 459 6.47 20.78 -10.23
N TYR E 460 5.47 21.58 -9.85
CA TYR E 460 4.97 22.63 -10.74
C TYR E 460 6.00 23.74 -10.92
N HIS E 461 6.73 24.08 -9.85
CA HIS E 461 7.83 25.03 -9.98
C HIS E 461 9.08 24.41 -10.57
N PHE E 462 9.23 23.09 -10.45
CA PHE E 462 10.34 22.38 -11.09
C PHE E 462 10.19 22.37 -12.61
N TYR E 463 8.98 22.06 -13.10
CA TYR E 463 8.73 21.89 -14.52
C TYR E 463 8.17 23.15 -15.18
N GLY E 464 7.87 24.19 -14.41
CA GLY E 464 7.16 25.33 -14.96
C GLY E 464 5.73 25.00 -15.37
N PHE E 465 5.00 24.28 -14.53
CA PHE E 465 3.61 23.89 -14.80
C PHE E 465 2.70 25.01 -14.33
N GLY E 466 2.46 25.98 -15.21
CA GLY E 466 1.63 27.12 -14.88
C GLY E 466 2.38 28.29 -14.28
N THR E 467 3.64 28.09 -13.88
CA THR E 467 4.51 29.17 -13.44
C THR E 467 5.72 29.21 -14.37
N ASP E 468 6.53 30.24 -14.21
CA ASP E 468 7.86 30.22 -14.79
C ASP E 468 8.68 29.16 -14.06
N VAL E 469 9.59 28.51 -14.80
CA VAL E 469 10.39 27.45 -14.20
C VAL E 469 11.33 28.04 -13.17
N ASP E 470 11.21 27.57 -11.93
CA ASP E 470 11.90 28.17 -10.79
C ASP E 470 12.43 27.03 -9.93
N TYR E 471 13.73 26.76 -10.05
CA TYR E 471 14.33 25.66 -9.31
C TYR E 471 14.48 26.00 -7.84
N GLU E 472 14.64 27.28 -7.51
CA GLU E 472 14.81 27.68 -6.11
C GLU E 472 13.53 27.49 -5.31
N THR E 473 12.38 27.81 -5.89
CA THR E 473 11.11 27.65 -5.18
C THR E 473 10.70 26.18 -5.11
N ALA E 474 11.06 25.39 -6.13
CA ALA E 474 10.78 23.96 -6.09
C ALA E 474 11.57 23.28 -4.99
N PHE E 475 12.82 23.74 -4.76
CA PHE E 475 13.65 23.19 -3.70
C PHE E 475 13.03 23.44 -2.33
N ILE E 476 12.41 24.60 -2.15
CA ILE E 476 11.78 24.94 -0.87
C ILE E 476 10.59 24.04 -0.59
N HIS E 477 9.76 23.80 -1.60
CA HIS E 477 8.57 22.97 -1.39
C HIS E 477 8.93 21.50 -1.23
N TYR E 478 10.03 21.05 -1.84
CA TYR E 478 10.50 19.69 -1.57
C TYR E 478 11.06 19.57 -0.16
N ARG E 479 11.74 20.62 0.31
CA ARG E 479 12.25 20.62 1.68
C ARG E 479 11.12 20.69 2.70
N LEU E 480 10.08 21.48 2.42
CA LEU E 480 8.95 21.61 3.35
C LEU E 480 8.14 20.33 3.46
N ALA E 481 8.21 19.45 2.47
CA ALA E 481 7.57 18.14 2.55
C ALA E 481 8.48 17.10 3.18
N SER E 482 9.67 17.49 3.64
CA SER E 482 10.64 16.59 4.24
C SER E 482 10.80 16.81 5.73
N GLU E 483 10.93 18.07 6.14
CA GLU E 483 11.14 18.42 7.54
C GLU E 483 9.90 18.39 8.42
N GLN E 484 8.72 18.42 7.84
CA GLN E 484 7.47 18.34 8.60
C GLN E 484 6.73 17.03 8.36
N GLN E 485 6.45 16.69 7.11
CA GLN E 485 5.63 15.52 6.81
C GLN E 485 6.43 14.25 6.55
N HIS E 486 7.74 14.38 6.29
CA HIS E 486 8.67 13.26 6.19
C HIS E 486 8.30 12.27 5.09
N SER E 487 7.89 12.78 3.93
CA SER E 487 7.64 11.91 2.78
C SER E 487 8.97 11.44 2.19
N ALA E 488 9.06 10.15 1.89
CA ALA E 488 10.30 9.57 1.37
C ALA E 488 10.66 10.16 0.01
N GLN E 489 9.66 10.40 -0.85
CA GLN E 489 9.90 11.03 -2.13
C GLN E 489 10.38 12.46 -1.98
N ALA E 490 10.10 13.11 -0.85
CA ALA E 490 10.52 14.49 -0.66
C ALA E 490 12.02 14.62 -0.39
N MET E 491 12.66 13.61 0.19
CA MET E 491 14.11 13.67 0.32
C MET E 491 14.85 12.93 -0.79
N PHE E 492 14.21 11.99 -1.48
CA PHE E 492 14.79 11.48 -2.70
C PHE E 492 14.87 12.57 -3.76
N ASN E 493 13.78 13.34 -3.92
CA ASN E 493 13.82 14.48 -4.83
C ASN E 493 14.75 15.57 -4.32
N LEU E 494 14.96 15.63 -3.00
CA LEU E 494 15.90 16.60 -2.45
C LEU E 494 17.34 16.21 -2.74
N GLY E 495 17.61 14.90 -2.81
CA GLY E 495 18.95 14.44 -3.16
C GLY E 495 19.30 14.73 -4.61
N TYR E 496 18.32 14.66 -5.50
CA TYR E 496 18.58 14.90 -6.92
C TYR E 496 18.98 16.35 -7.17
N MET E 497 18.34 17.30 -6.48
CA MET E 497 18.70 18.70 -6.63
C MET E 497 20.06 19.02 -6.03
N HIS E 498 20.57 18.16 -5.14
CA HIS E 498 21.88 18.35 -4.54
C HIS E 498 23.01 17.70 -5.33
N GLU E 499 22.73 16.63 -6.08
CA GLU E 499 23.74 16.04 -6.93
C GLU E 499 23.84 16.74 -8.27
N LYS E 500 22.76 17.41 -8.70
CA LYS E 500 22.70 18.05 -10.00
C LYS E 500 22.85 19.57 -9.93
N GLY E 501 22.76 20.16 -8.76
CA GLY E 501 22.93 21.60 -8.61
C GLY E 501 21.82 22.44 -9.21
N LEU E 502 20.57 22.03 -9.04
CA LEU E 502 19.42 22.77 -9.54
C LEU E 502 18.87 23.64 -8.40
N GLY E 503 19.03 24.95 -8.53
CA GLY E 503 18.53 25.88 -7.54
C GLY E 503 19.38 26.02 -6.30
N ILE E 504 20.41 25.20 -6.16
CA ILE E 504 21.33 25.26 -5.02
C ILE E 504 22.70 24.86 -5.53
N LYS E 505 23.73 25.22 -4.76
CA LYS E 505 25.09 24.85 -5.14
C LYS E 505 25.28 23.34 -4.98
N GLN E 506 25.84 22.72 -6.03
CA GLN E 506 25.94 21.27 -6.07
C GLN E 506 26.92 20.75 -5.03
N ASP E 507 26.51 19.70 -4.34
CA ASP E 507 27.40 19.01 -3.40
C ASP E 507 26.98 17.56 -3.33
N ILE E 508 27.90 16.66 -3.69
CA ILE E 508 27.57 15.24 -3.76
C ILE E 508 27.38 14.66 -2.36
N HIS E 509 28.11 15.19 -1.37
CA HIS E 509 28.05 14.66 -0.02
C HIS E 509 26.66 14.84 0.60
N LEU E 510 26.03 15.98 0.35
CA LEU E 510 24.67 16.19 0.83
C LEU E 510 23.67 15.33 0.08
N ALA E 511 23.93 15.04 -1.20
CA ALA E 511 23.02 14.23 -1.99
C ALA E 511 22.91 12.81 -1.43
N LYS E 512 24.02 12.24 -0.98
CA LYS E 512 23.98 10.92 -0.38
C LYS E 512 23.21 11.01 0.91
N ARG E 513 23.40 12.09 1.66
CA ARG E 513 22.72 12.27 2.93
C ARG E 513 21.25 12.22 2.70
N PHE E 514 20.77 12.96 1.71
CA PHE E 514 19.34 13.02 1.44
C PHE E 514 18.83 11.80 0.68
N TYR E 515 19.72 11.03 0.06
CA TYR E 515 19.29 9.81 -0.60
C TYR E 515 18.95 8.73 0.42
N ASP E 516 19.90 8.37 1.29
CA ASP E 516 19.65 7.32 2.26
C ASP E 516 18.69 7.74 3.36
N MET E 517 18.37 9.04 3.46
CA MET E 517 17.26 9.46 4.32
C MET E 517 15.94 8.88 3.84
N ALA E 518 15.78 8.73 2.52
CA ALA E 518 14.56 8.10 2.01
C ALA E 518 14.52 6.62 2.32
N ALA E 519 15.69 5.98 2.43
CA ALA E 519 15.74 4.54 2.69
C ALA E 519 15.20 4.22 4.08
N GLU E 520 15.56 5.02 5.08
CA GLU E 520 15.08 4.76 6.43
C GLU E 520 13.68 5.31 6.68
N ALA E 521 13.18 6.18 5.79
CA ALA E 521 11.87 6.79 5.99
C ALA E 521 10.74 6.01 5.37
N SER E 522 11.03 5.02 4.52
CA SER E 522 9.99 4.20 3.92
C SER E 522 10.59 2.89 3.42
N PRO E 523 9.87 1.77 3.54
CA PRO E 523 10.36 0.53 2.93
C PRO E 523 10.23 0.50 1.42
N ASP E 524 9.52 1.46 0.81
CA ASP E 524 9.36 1.51 -0.63
C ASP E 524 10.53 2.19 -1.32
N ALA E 525 11.40 2.87 -0.59
CA ALA E 525 12.50 3.61 -1.19
C ALA E 525 13.80 2.82 -1.24
N GLN E 526 13.81 1.55 -0.83
CA GLN E 526 15.04 0.77 -0.87
C GLN E 526 15.50 0.52 -2.30
N VAL E 527 14.57 0.26 -3.21
CA VAL E 527 14.93 0.05 -4.62
C VAL E 527 15.36 1.35 -5.29
N PRO E 528 14.54 2.42 -5.37
CA PRO E 528 14.95 3.56 -6.21
C PRO E 528 16.08 4.40 -5.62
N VAL E 529 16.48 4.16 -4.36
CA VAL E 529 17.69 4.79 -3.88
C VAL E 529 18.91 3.95 -4.23
N PHE E 530 18.72 2.66 -4.50
CA PHE E 530 19.84 1.78 -4.83
C PHE E 530 20.36 2.14 -6.21
N LEU E 531 19.46 2.30 -7.19
CA LEU E 531 19.88 2.73 -8.52
C LEU E 531 20.35 4.17 -8.55
N ALA E 532 19.95 4.98 -7.55
CA ALA E 532 20.35 6.38 -7.56
C ALA E 532 21.67 6.59 -6.84
N LEU E 533 21.94 5.78 -5.81
CA LEU E 533 23.22 5.86 -5.13
C LEU E 533 24.34 5.28 -6.00
N CYS E 534 24.02 4.24 -6.78
CA CYS E 534 24.99 3.66 -7.69
C CYS E 534 25.35 4.62 -8.83
N LYS E 535 24.35 5.33 -9.37
CA LYS E 535 24.65 6.38 -10.34
C LYS E 535 25.48 7.48 -9.71
N LEU E 536 25.18 7.82 -8.46
CA LEU E 536 26.00 8.77 -7.70
C LEU E 536 27.42 8.24 -7.51
N GLY E 537 27.55 6.95 -7.21
CA GLY E 537 28.87 6.35 -7.04
C GLY E 537 29.65 6.29 -8.34
N VAL E 538 28.97 6.00 -9.45
CA VAL E 538 29.64 5.92 -10.75
C VAL E 538 30.18 7.29 -11.15
N VAL E 539 29.41 8.35 -10.89
CA VAL E 539 29.90 9.71 -11.11
C VAL E 539 31.11 9.98 -10.20
N TYR E 540 31.03 9.53 -8.94
CA TYR E 540 32.17 9.63 -8.03
C TYR E 540 33.36 8.86 -8.56
N PHE E 541 33.12 7.69 -9.16
CA PHE E 541 34.18 6.94 -9.81
C PHE E 541 34.69 7.68 -11.04
N LEU E 542 33.81 8.43 -11.71
CA LEU E 542 34.20 9.16 -12.91
C LEU E 542 35.07 10.37 -12.58
N GLN E 543 34.78 11.03 -11.45
CA GLN E 543 35.58 12.18 -11.03
C GLN E 543 37.01 11.77 -10.70
N TYR E 544 37.17 10.62 -10.05
CA TYR E 544 38.51 10.18 -9.64
C TYR E 544 39.34 9.73 -10.83
N ILE E 545 38.68 9.29 -11.91
CA ILE E 545 39.42 8.91 -13.12
C ILE E 545 40.05 10.14 -13.77
N ARG E 546 39.29 11.23 -13.87
CA ARG E 546 39.81 12.44 -14.49
C ARG E 546 40.84 13.15 -13.61
N GLU E 547 40.94 12.77 -12.35
CA GLU E 547 41.99 13.28 -11.47
C GLU E 547 43.34 12.68 -11.83
C1 NAG F . 15.92 7.31 16.56
C2 NAG F . 16.65 7.15 15.24
C3 NAG F . 17.53 8.37 14.99
C4 NAG F . 16.82 9.54 15.62
C5 NAG F . 17.05 9.38 17.12
C6 NAG F . 16.38 10.50 17.91
C7 NAG F . 18.12 5.59 16.38
C8 NAG F . 17.85 4.20 16.83
N2 NAG F . 17.49 5.97 15.27
O3 NAG F . 17.77 8.56 13.59
O4 NAG F . 17.31 10.79 15.14
O5 NAG F . 16.57 8.10 17.55
O6 NAG F . 15.21 9.99 18.59
O7 NAG F . 18.87 6.33 16.98
C1 NAG F . 19.19 8.38 13.40
C2 NAG F . 19.83 9.77 13.40
C3 NAG F . 21.34 9.62 13.32
C4 NAG F . 21.74 8.88 14.58
C5 NAG F . 21.19 7.47 14.43
C6 NAG F . 21.63 6.61 15.59
C7 NAG F . 19.92 10.75 11.15
C8 NAG F . 19.66 9.71 10.10
N2 NAG F . 19.29 10.56 12.32
O3 NAG F . 21.97 10.90 13.21
O4 NAG F . 23.14 8.83 14.82
O5 NAG F . 19.76 7.54 14.40
O6 NAG F . 21.46 7.36 16.81
O7 NAG F . 20.65 11.70 10.97
C1 MAN F . 24.02 8.59 13.69
C2 MAN F . 24.85 7.33 13.69
C3 MAN F . 25.82 7.53 12.55
C4 MAN F . 26.75 8.63 13.01
C5 MAN F . 26.04 9.59 13.95
C6 MAN F . 26.60 10.98 13.97
O2 MAN F . 24.04 6.18 13.45
O3 MAN F . 25.13 7.95 11.38
O4 MAN F . 27.73 7.91 13.71
O5 MAN F . 24.75 9.75 13.40
O6 MAN F . 26.71 11.26 12.59
C1 MAN F . 25.85 12.32 12.08
C2 MAN F . 25.27 11.89 10.75
C3 MAN F . 26.42 11.63 9.80
C4 MAN F . 27.30 12.84 9.68
C5 MAN F . 27.72 13.27 11.07
C6 MAN F . 28.53 14.54 10.99
O2 MAN F . 24.43 12.90 10.23
O3 MAN F . 25.95 11.34 8.49
O4 MAN F . 28.47 12.52 8.91
O5 MAN F . 26.56 13.52 11.86
O6 MAN F . 28.97 14.91 9.64
C1 BMA F . 26.54 10.07 8.13
C2 BMA F . 25.43 9.05 7.94
C3 BMA F . 24.54 9.43 6.77
C4 BMA F . 25.40 9.86 5.61
C5 BMA F . 26.84 9.44 5.86
C6 BMA F . 27.69 9.71 4.63
O2 BMA F . 24.64 8.98 9.14
O3 BMA F . 23.67 10.50 7.15
O4 BMA F . 24.94 9.24 4.41
O5 BMA F . 27.36 10.15 6.97
O6 BMA F . 28.97 9.10 4.81
C1 MAN F . 29.24 16.33 9.40
C2 MAN F . 30.38 16.69 10.34
C3 MAN F . 30.01 17.93 11.13
C4 MAN F . 29.45 18.97 10.17
C5 MAN F . 28.18 18.42 9.51
C6 MAN F . 28.24 18.61 8.00
O2 MAN F . 31.55 16.95 9.57
O3 MAN F . 31.17 18.42 11.79
O4 MAN F . 29.12 20.17 10.89
O5 MAN F . 28.06 17.03 9.80
O6 MAN F . 26.96 18.25 7.45
C1 BMA F . 29.06 8.18 13.21
C2 BMA F . 29.97 8.68 14.33
C3 BMA F . 30.85 7.54 14.85
C4 BMA F . 30.10 6.23 14.76
C5 BMA F . 29.79 5.88 13.31
C6 BMA F . 28.53 5.03 13.20
O2 BMA F . 29.17 9.19 15.40
O3 BMA F . 31.23 7.80 16.20
O4 BMA F . 30.89 5.18 15.34
O5 BMA F . 29.64 7.06 12.53
O6 BMA F . 27.65 5.32 14.31
C1 NAG G . -41.03 35.47 -16.06
C2 NAG G . -39.70 35.86 -16.74
C3 NAG G . -39.31 34.84 -17.80
C4 NAG G . -40.41 34.63 -18.84
C5 NAG G . -41.78 34.64 -18.18
C6 NAG G . -42.70 33.56 -18.72
C7 NAG G . -38.92 38.17 -17.13
C8 NAG G . -37.77 37.85 -16.22
N2 NAG G . -39.80 37.19 -17.34
O3 NAG G . -38.99 33.60 -17.17
O4 NAG G . -40.35 35.65 -19.82
O5 NAG G . -41.63 34.38 -16.78
O6 NAG G . -43.64 34.09 -19.64
O7 NAG G . -39.04 39.28 -17.65
C1 NAG H . -16.33 38.75 -19.30
C2 NAG H . -15.77 39.83 -20.22
C3 NAG H . -16.72 40.06 -21.39
C4 NAG H . -17.01 38.75 -22.11
C5 NAG H . -17.50 37.70 -21.12
C6 NAG H . -17.69 36.34 -21.75
C7 NAG H . -14.32 41.63 -19.36
C8 NAG H . -13.17 40.90 -20.02
N2 NAG H . -15.52 41.07 -19.50
O3 NAG H . -16.13 41.00 -22.30
O4 NAG H . -17.99 38.96 -23.11
O5 NAG H . -16.55 37.54 -20.06
O6 NAG H . -18.36 36.43 -23.00
O7 NAG H . -14.15 42.67 -18.74
C1 NAG I . -40.88 10.47 26.49
C2 NAG I . -41.22 10.88 25.05
C3 NAG I . -41.54 12.38 25.00
C4 NAG I . -42.60 12.75 26.01
C5 NAG I . -42.19 12.28 27.40
C6 NAG I . -43.26 12.52 28.45
C7 NAG I . -40.29 10.32 22.84
C8 NAG I . -39.04 10.02 22.07
N2 NAG I . -40.13 10.56 24.14
O3 NAG I . -41.97 12.73 23.68
O4 NAG I . -42.80 14.15 26.03
O5 NAG I . -41.94 10.87 27.38
O6 NAG I . -43.03 11.74 29.61
O7 NAG I . -41.40 10.35 22.31
C1 NAG J . -3.84 30.56 -25.12
C2 NAG J . -2.81 31.58 -24.61
C3 NAG J . -1.41 31.20 -25.10
C4 NAG J . -1.37 30.92 -26.60
C5 NAG J . -2.52 30.00 -27.00
C6 NAG J . -2.09 28.79 -27.77
C7 NAG J . -4.09 33.65 -24.45
C8 NAG J . -4.32 35.01 -25.05
N2 NAG J . -3.16 32.91 -25.06
O3 NAG J . -0.96 30.06 -24.37
O4 NAG J . -1.48 32.14 -27.33
O5 NAG J . -3.18 29.53 -25.82
O6 NAG J . -3.11 27.81 -27.87
O7 NAG J . -4.69 33.26 -23.46
#